data_5MGM
# 
_entry.id   5MGM 
# 
_audit_conform.dict_name       mmcif_pdbx.dic 
_audit_conform.dict_version    5.383 
_audit_conform.dict_location   http://mmcif.pdb.org/dictionaries/ascii/mmcif_pdbx.dic 
# 
loop_
_database_2.database_id 
_database_2.database_code 
_database_2.pdbx_database_accession 
_database_2.pdbx_DOI 
PDB   5MGM         pdb_00005mgm 10.2210/pdb5mgm/pdb 
WWPDB D_1200002441 ?            ?                   
# 
loop_
_pdbx_audit_revision_history.ordinal 
_pdbx_audit_revision_history.data_content_type 
_pdbx_audit_revision_history.major_revision 
_pdbx_audit_revision_history.minor_revision 
_pdbx_audit_revision_history.revision_date 
1 'Structure model' 1 0 2017-04-12 
2 'Structure model' 1 1 2017-09-06 
3 'Structure model' 1 2 2024-01-17 
# 
_pdbx_audit_revision_details.ordinal             1 
_pdbx_audit_revision_details.revision_ordinal    1 
_pdbx_audit_revision_details.data_content_type   'Structure model' 
_pdbx_audit_revision_details.provider            repository 
_pdbx_audit_revision_details.type                'Initial release' 
_pdbx_audit_revision_details.description         ? 
_pdbx_audit_revision_details.details             ? 
# 
loop_
_pdbx_audit_revision_group.ordinal 
_pdbx_audit_revision_group.revision_ordinal 
_pdbx_audit_revision_group.data_content_type 
_pdbx_audit_revision_group.group 
1 2 'Structure model' 'Database references'    
2 3 'Structure model' 'Data collection'        
3 3 'Structure model' 'Database references'    
4 3 'Structure model' 'Refinement description' 
# 
loop_
_pdbx_audit_revision_category.ordinal 
_pdbx_audit_revision_category.revision_ordinal 
_pdbx_audit_revision_category.data_content_type 
_pdbx_audit_revision_category.category 
1 2 'Structure model' citation                      
2 2 'Structure model' citation_author               
3 3 'Structure model' chem_comp_atom                
4 3 'Structure model' chem_comp_bond                
5 3 'Structure model' database_2                    
6 3 'Structure model' diffrn_radiation_wavelength   
7 3 'Structure model' pdbx_initial_refinement_model 
# 
loop_
_pdbx_audit_revision_item.ordinal 
_pdbx_audit_revision_item.revision_ordinal 
_pdbx_audit_revision_item.data_content_type 
_pdbx_audit_revision_item.item 
1  2 'Structure model' '_citation.country'                   
2  2 'Structure model' '_citation.journal_abbrev'            
3  2 'Structure model' '_citation.journal_id_ASTM'           
4  2 'Structure model' '_citation.journal_id_CSD'            
5  2 'Structure model' '_citation.journal_id_ISSN'           
6  2 'Structure model' '_citation.journal_volume'            
7  2 'Structure model' '_citation.page_first'                
8  2 'Structure model' '_citation.page_last'                 
9  2 'Structure model' '_citation.pdbx_database_id_DOI'      
10 2 'Structure model' '_citation.pdbx_database_id_PubMed'   
11 2 'Structure model' '_citation.title'                     
12 2 'Structure model' '_citation.year'                      
13 2 'Structure model' '_citation_author.name'               
14 3 'Structure model' '_database_2.pdbx_DOI'                
15 3 'Structure model' '_database_2.pdbx_database_accession' 
# 
_pdbx_database_status.status_code                     REL 
_pdbx_database_status.status_code_sf                  REL 
_pdbx_database_status.status_code_mr                  ? 
_pdbx_database_status.entry_id                        5MGM 
_pdbx_database_status.recvd_initial_deposition_date   2016-11-21 
_pdbx_database_status.SG_entry                        N 
_pdbx_database_status.deposit_site                    PDBE 
_pdbx_database_status.process_site                    PDBE 
_pdbx_database_status.status_code_cs                  ? 
_pdbx_database_status.methods_development_category    ? 
_pdbx_database_status.pdb_format_compatible           Y 
_pdbx_database_status.status_code_nmr_data            ? 
# 
loop_
_pdbx_database_related.db_name 
_pdbx_database_related.details 
_pdbx_database_related.db_id 
_pdbx_database_related.content_type 
PDB '5MGJ contains the same protein complexed with a different fragment.' 5MGJ unspecified 
PDB '5MGK contains the same protein complexed with a different fragment.' 5MGK unspecified 
PDB '5MGL contains the same protein complexed with a different fragment.' 5MGL unspecified 
# 
loop_
_audit_author.name 
_audit_author.pdbx_ordinal 
'Lolli, G.'          1 
'Spiliotopoulos, D.' 2 
'Caflisch, A.'       3 
# 
_citation.abstract                  ? 
_citation.abstract_id_CAS           ? 
_citation.book_id_ISBN              ? 
_citation.book_publisher            ? 
_citation.book_publisher_city       ? 
_citation.book_title                ? 
_citation.coordinate_linkage        ? 
_citation.country                   FR 
_citation.database_id_Medline       ? 
_citation.details                   ? 
_citation.id                        primary 
_citation.journal_abbrev            'Eur J Med Chem' 
_citation.journal_id_ASTM           EJMCA5 
_citation.journal_id_CSD            0493 
_citation.journal_id_ISSN           1768-3254 
_citation.journal_full              ? 
_citation.journal_issue             ? 
_citation.journal_volume            139 
_citation.language                  ? 
_citation.page_first                564 
_citation.page_last                 572 
_citation.title                     'Discovery of BAZ2A bromodomain ligands.' 
_citation.year                      2017 
_citation.database_id_CSD           ? 
_citation.pdbx_database_id_DOI      10.1016/j.ejmech.2017.08.028 
_citation.pdbx_database_id_PubMed   28837921 
_citation.unpublished_flag          ? 
# 
loop_
_citation_author.citation_id 
_citation_author.name 
_citation_author.ordinal 
_citation_author.identifier_ORCID 
primary 'Spiliotopoulos, D.' 1 ? 
primary 'Wamhoff, E.C.'      2 ? 
primary 'Lolli, G.'          3 ? 
primary 'Rademacher, C.'     4 ? 
primary 'Caflisch, A.'       5 ? 
# 
loop_
_entity.id 
_entity.type 
_entity.src_method 
_entity.pdbx_description 
_entity.formula_weight 
_entity.pdbx_number_of_molecules 
_entity.pdbx_ec 
_entity.pdbx_mutation 
_entity.pdbx_fragment 
_entity.details 
1 polymer     man 'Bromodomain adjacent to zinc finger domain protein 2A' 12380.919 1  ? ? 'Bromodomain, UNP residues 1796-1898' 
'First two residues SM derive from the expression tag' 
2 non-polymer syn '1-(3-pyrimidin-2-yloxyphenyl)ethanone'                 214.220   1  ? ? ?                                     ? 
3 water       nat water                                                   18.015    23 ? ? ?                                     ? 
# 
_entity_name_com.entity_id   1 
_entity_name_com.name        'Transcription termination factor I-interacting protein 5,Tip5,hWALp3' 
# 
_entity_poly.entity_id                      1 
_entity_poly.type                           'polypeptide(L)' 
_entity_poly.nstd_linkage                   no 
_entity_poly.nstd_monomer                   no 
_entity_poly.pdbx_seq_one_letter_code       
;SMHSDLTFCEIILMEMESHDAAWPFLEPVNPRLVSGYRRIIKNPMDFSTMRERLLRGGYTSSEEFAADALLVFDNCQTFN
EDDSEVGKAGHIMRRFFESRWEEFY
;
_entity_poly.pdbx_seq_one_letter_code_can   
;SMHSDLTFCEIILMEMESHDAAWPFLEPVNPRLVSGYRRIIKNPMDFSTMRERLLRGGYTSSEEFAADALLVFDNCQTFN
EDDSEVGKAGHIMRRFFESRWEEFY
;
_entity_poly.pdbx_strand_id                 A 
_entity_poly.pdbx_target_identifier         ? 
# 
loop_
_pdbx_entity_nonpoly.entity_id 
_pdbx_entity_nonpoly.name 
_pdbx_entity_nonpoly.comp_id 
2 '1-(3-pyrimidin-2-yloxyphenyl)ethanone' 7MZ 
3 water                                   HOH 
# 
loop_
_entity_poly_seq.entity_id 
_entity_poly_seq.num 
_entity_poly_seq.mon_id 
_entity_poly_seq.hetero 
1 1   SER n 
1 2   MET n 
1 3   HIS n 
1 4   SER n 
1 5   ASP n 
1 6   LEU n 
1 7   THR n 
1 8   PHE n 
1 9   CYS n 
1 10  GLU n 
1 11  ILE n 
1 12  ILE n 
1 13  LEU n 
1 14  MET n 
1 15  GLU n 
1 16  MET n 
1 17  GLU n 
1 18  SER n 
1 19  HIS n 
1 20  ASP n 
1 21  ALA n 
1 22  ALA n 
1 23  TRP n 
1 24  PRO n 
1 25  PHE n 
1 26  LEU n 
1 27  GLU n 
1 28  PRO n 
1 29  VAL n 
1 30  ASN n 
1 31  PRO n 
1 32  ARG n 
1 33  LEU n 
1 34  VAL n 
1 35  SER n 
1 36  GLY n 
1 37  TYR n 
1 38  ARG n 
1 39  ARG n 
1 40  ILE n 
1 41  ILE n 
1 42  LYS n 
1 43  ASN n 
1 44  PRO n 
1 45  MET n 
1 46  ASP n 
1 47  PHE n 
1 48  SER n 
1 49  THR n 
1 50  MET n 
1 51  ARG n 
1 52  GLU n 
1 53  ARG n 
1 54  LEU n 
1 55  LEU n 
1 56  ARG n 
1 57  GLY n 
1 58  GLY n 
1 59  TYR n 
1 60  THR n 
1 61  SER n 
1 62  SER n 
1 63  GLU n 
1 64  GLU n 
1 65  PHE n 
1 66  ALA n 
1 67  ALA n 
1 68  ASP n 
1 69  ALA n 
1 70  LEU n 
1 71  LEU n 
1 72  VAL n 
1 73  PHE n 
1 74  ASP n 
1 75  ASN n 
1 76  CYS n 
1 77  GLN n 
1 78  THR n 
1 79  PHE n 
1 80  ASN n 
1 81  GLU n 
1 82  ASP n 
1 83  ASP n 
1 84  SER n 
1 85  GLU n 
1 86  VAL n 
1 87  GLY n 
1 88  LYS n 
1 89  ALA n 
1 90  GLY n 
1 91  HIS n 
1 92  ILE n 
1 93  MET n 
1 94  ARG n 
1 95  ARG n 
1 96  PHE n 
1 97  PHE n 
1 98  GLU n 
1 99  SER n 
1 100 ARG n 
1 101 TRP n 
1 102 GLU n 
1 103 GLU n 
1 104 PHE n 
1 105 TYR n 
# 
_entity_src_gen.entity_id                          1 
_entity_src_gen.pdbx_src_id                        1 
_entity_src_gen.pdbx_alt_source_flag               sample 
_entity_src_gen.pdbx_seq_type                      'Biological sequence' 
_entity_src_gen.pdbx_beg_seq_num                   1 
_entity_src_gen.pdbx_end_seq_num                   105 
_entity_src_gen.gene_src_common_name               Human 
_entity_src_gen.gene_src_genus                     ? 
_entity_src_gen.pdbx_gene_src_gene                 'BAZ2A, KIAA0314, TIP5' 
_entity_src_gen.gene_src_species                   ? 
_entity_src_gen.gene_src_strain                    ? 
_entity_src_gen.gene_src_tissue                    ? 
_entity_src_gen.gene_src_tissue_fraction           ? 
_entity_src_gen.gene_src_details                   ? 
_entity_src_gen.pdbx_gene_src_fragment             ? 
_entity_src_gen.pdbx_gene_src_scientific_name      'Homo sapiens' 
_entity_src_gen.pdbx_gene_src_ncbi_taxonomy_id     9606 
_entity_src_gen.pdbx_gene_src_variant              ? 
_entity_src_gen.pdbx_gene_src_cell_line            ? 
_entity_src_gen.pdbx_gene_src_atcc                 ? 
_entity_src_gen.pdbx_gene_src_organ                ? 
_entity_src_gen.pdbx_gene_src_organelle            ? 
_entity_src_gen.pdbx_gene_src_cell                 ? 
_entity_src_gen.pdbx_gene_src_cellular_location    ? 
_entity_src_gen.host_org_common_name               ? 
_entity_src_gen.pdbx_host_org_scientific_name      'Escherichia coli' 
_entity_src_gen.pdbx_host_org_ncbi_taxonomy_id     562 
_entity_src_gen.host_org_genus                     ? 
_entity_src_gen.pdbx_host_org_gene                 ? 
_entity_src_gen.pdbx_host_org_organ                ? 
_entity_src_gen.host_org_species                   ? 
_entity_src_gen.pdbx_host_org_tissue               ? 
_entity_src_gen.pdbx_host_org_tissue_fraction      ? 
_entity_src_gen.pdbx_host_org_strain               ? 
_entity_src_gen.pdbx_host_org_variant              ? 
_entity_src_gen.pdbx_host_org_cell_line            ? 
_entity_src_gen.pdbx_host_org_atcc                 ? 
_entity_src_gen.pdbx_host_org_culture_collection   ? 
_entity_src_gen.pdbx_host_org_cell                 ? 
_entity_src_gen.pdbx_host_org_organelle            ? 
_entity_src_gen.pdbx_host_org_cellular_location    ? 
_entity_src_gen.pdbx_host_org_vector_type          ? 
_entity_src_gen.pdbx_host_org_vector               ? 
_entity_src_gen.host_org_details                   ? 
_entity_src_gen.expression_system_id               ? 
_entity_src_gen.plasmid_name                       ? 
_entity_src_gen.plasmid_details                    ? 
_entity_src_gen.pdbx_description                   ? 
# 
loop_
_chem_comp.id 
_chem_comp.type 
_chem_comp.mon_nstd_flag 
_chem_comp.name 
_chem_comp.pdbx_synonyms 
_chem_comp.formula 
_chem_comp.formula_weight 
7MZ non-polymer         . '1-(3-pyrimidin-2-yloxyphenyl)ethanone' ? 'C12 H10 N2 O2'  214.220 
ALA 'L-peptide linking' y ALANINE                                 ? 'C3 H7 N O2'     89.093  
ARG 'L-peptide linking' y ARGININE                                ? 'C6 H15 N4 O2 1' 175.209 
ASN 'L-peptide linking' y ASPARAGINE                              ? 'C4 H8 N2 O3'    132.118 
ASP 'L-peptide linking' y 'ASPARTIC ACID'                         ? 'C4 H7 N O4'     133.103 
CYS 'L-peptide linking' y CYSTEINE                                ? 'C3 H7 N O2 S'   121.158 
GLN 'L-peptide linking' y GLUTAMINE                               ? 'C5 H10 N2 O3'   146.144 
GLU 'L-peptide linking' y 'GLUTAMIC ACID'                         ? 'C5 H9 N O4'     147.129 
GLY 'peptide linking'   y GLYCINE                                 ? 'C2 H5 N O2'     75.067  
HIS 'L-peptide linking' y HISTIDINE                               ? 'C6 H10 N3 O2 1' 156.162 
HOH non-polymer         . WATER                                   ? 'H2 O'           18.015  
ILE 'L-peptide linking' y ISOLEUCINE                              ? 'C6 H13 N O2'    131.173 
LEU 'L-peptide linking' y LEUCINE                                 ? 'C6 H13 N O2'    131.173 
LYS 'L-peptide linking' y LYSINE                                  ? 'C6 H15 N2 O2 1' 147.195 
MET 'L-peptide linking' y METHIONINE                              ? 'C5 H11 N O2 S'  149.211 
PHE 'L-peptide linking' y PHENYLALANINE                           ? 'C9 H11 N O2'    165.189 
PRO 'L-peptide linking' y PROLINE                                 ? 'C5 H9 N O2'     115.130 
SER 'L-peptide linking' y SERINE                                  ? 'C3 H7 N O3'     105.093 
THR 'L-peptide linking' y THREONINE                               ? 'C4 H9 N O3'     119.119 
TRP 'L-peptide linking' y TRYPTOPHAN                              ? 'C11 H12 N2 O2'  204.225 
TYR 'L-peptide linking' y TYROSINE                                ? 'C9 H11 N O3'    181.189 
VAL 'L-peptide linking' y VALINE                                  ? 'C5 H11 N O2'    117.146 
# 
loop_
_pdbx_poly_seq_scheme.asym_id 
_pdbx_poly_seq_scheme.entity_id 
_pdbx_poly_seq_scheme.seq_id 
_pdbx_poly_seq_scheme.mon_id 
_pdbx_poly_seq_scheme.ndb_seq_num 
_pdbx_poly_seq_scheme.pdb_seq_num 
_pdbx_poly_seq_scheme.auth_seq_num 
_pdbx_poly_seq_scheme.pdb_mon_id 
_pdbx_poly_seq_scheme.auth_mon_id 
_pdbx_poly_seq_scheme.pdb_strand_id 
_pdbx_poly_seq_scheme.pdb_ins_code 
_pdbx_poly_seq_scheme.hetero 
A 1 1   SER 1   1794 ?    ?   ?   A . n 
A 1 2   MET 2   1795 ?    ?   ?   A . n 
A 1 3   HIS 3   1796 ?    ?   ?   A . n 
A 1 4   SER 4   1797 ?    ?   ?   A . n 
A 1 5   ASP 5   1798 ?    ?   ?   A . n 
A 1 6   LEU 6   1799 1799 LEU LEU A . n 
A 1 7   THR 7   1800 1800 THR THR A . n 
A 1 8   PHE 8   1801 1801 PHE PHE A . n 
A 1 9   CYS 9   1802 1802 CYS CYS A . n 
A 1 10  GLU 10  1803 1803 GLU GLU A . n 
A 1 11  ILE 11  1804 1804 ILE ILE A . n 
A 1 12  ILE 12  1805 1805 ILE ILE A . n 
A 1 13  LEU 13  1806 1806 LEU LEU A . n 
A 1 14  MET 14  1807 1807 MET MET A . n 
A 1 15  GLU 15  1808 1808 GLU GLU A . n 
A 1 16  MET 16  1809 1809 MET MET A . n 
A 1 17  GLU 17  1810 1810 GLU GLU A . n 
A 1 18  SER 18  1811 1811 SER SER A . n 
A 1 19  HIS 19  1812 1812 HIS HIS A . n 
A 1 20  ASP 20  1813 1813 ASP ASP A . n 
A 1 21  ALA 21  1814 1814 ALA ALA A . n 
A 1 22  ALA 22  1815 1815 ALA ALA A . n 
A 1 23  TRP 23  1816 1816 TRP TRP A . n 
A 1 24  PRO 24  1817 1817 PRO PRO A . n 
A 1 25  PHE 25  1818 1818 PHE PHE A . n 
A 1 26  LEU 26  1819 1819 LEU LEU A . n 
A 1 27  GLU 27  1820 1820 GLU GLU A . n 
A 1 28  PRO 28  1821 1821 PRO PRO A . n 
A 1 29  VAL 29  1822 1822 VAL VAL A . n 
A 1 30  ASN 30  1823 1823 ASN ASN A . n 
A 1 31  PRO 31  1824 1824 PRO PRO A . n 
A 1 32  ARG 32  1825 1825 ARG ARG A . n 
A 1 33  LEU 33  1826 1826 LEU LEU A . n 
A 1 34  VAL 34  1827 1827 VAL VAL A . n 
A 1 35  SER 35  1828 1828 SER SER A . n 
A 1 36  GLY 36  1829 1829 GLY GLY A . n 
A 1 37  TYR 37  1830 1830 TYR TYR A . n 
A 1 38  ARG 38  1831 1831 ARG ARG A . n 
A 1 39  ARG 39  1832 1832 ARG ARG A . n 
A 1 40  ILE 40  1833 1833 ILE ILE A . n 
A 1 41  ILE 41  1834 1834 ILE ILE A . n 
A 1 42  LYS 42  1835 1835 LYS LYS A . n 
A 1 43  ASN 43  1836 1836 ASN ASN A . n 
A 1 44  PRO 44  1837 1837 PRO PRO A . n 
A 1 45  MET 45  1838 1838 MET MET A . n 
A 1 46  ASP 46  1839 1839 ASP ASP A . n 
A 1 47  PHE 47  1840 1840 PHE PHE A . n 
A 1 48  SER 48  1841 1841 SER SER A . n 
A 1 49  THR 49  1842 1842 THR THR A . n 
A 1 50  MET 50  1843 1843 MET MET A . n 
A 1 51  ARG 51  1844 1844 ARG ARG A . n 
A 1 52  GLU 52  1845 1845 GLU GLU A . n 
A 1 53  ARG 53  1846 1846 ARG ARG A . n 
A 1 54  LEU 54  1847 1847 LEU LEU A . n 
A 1 55  LEU 55  1848 1848 LEU LEU A . n 
A 1 56  ARG 56  1849 1849 ARG ARG A . n 
A 1 57  GLY 57  1850 1850 GLY GLY A . n 
A 1 58  GLY 58  1851 1851 GLY GLY A . n 
A 1 59  TYR 59  1852 1852 TYR TYR A . n 
A 1 60  THR 60  1853 1853 THR THR A . n 
A 1 61  SER 61  1854 1854 SER SER A . n 
A 1 62  SER 62  1855 1855 SER SER A . n 
A 1 63  GLU 63  1856 1856 GLU GLU A . n 
A 1 64  GLU 64  1857 1857 GLU GLU A . n 
A 1 65  PHE 65  1858 1858 PHE PHE A . n 
A 1 66  ALA 66  1859 1859 ALA ALA A . n 
A 1 67  ALA 67  1860 1860 ALA ALA A . n 
A 1 68  ASP 68  1861 1861 ASP ASP A . n 
A 1 69  ALA 69  1862 1862 ALA ALA A . n 
A 1 70  LEU 70  1863 1863 LEU LEU A . n 
A 1 71  LEU 71  1864 1864 LEU LEU A . n 
A 1 72  VAL 72  1865 1865 VAL VAL A . n 
A 1 73  PHE 73  1866 1866 PHE PHE A . n 
A 1 74  ASP 74  1867 1867 ASP ASP A . n 
A 1 75  ASN 75  1868 1868 ASN ASN A . n 
A 1 76  CYS 76  1869 1869 CYS CYS A . n 
A 1 77  GLN 77  1870 1870 GLN GLN A . n 
A 1 78  THR 78  1871 1871 THR THR A . n 
A 1 79  PHE 79  1872 1872 PHE PHE A . n 
A 1 80  ASN 80  1873 1873 ASN ASN A . n 
A 1 81  GLU 81  1874 1874 GLU GLU A . n 
A 1 82  ASP 82  1875 1875 ASP ASP A . n 
A 1 83  ASP 83  1876 1876 ASP ASP A . n 
A 1 84  SER 84  1877 1877 SER SER A . n 
A 1 85  GLU 85  1878 1878 GLU GLU A . n 
A 1 86  VAL 86  1879 1879 VAL VAL A . n 
A 1 87  GLY 87  1880 1880 GLY GLY A . n 
A 1 88  LYS 88  1881 1881 LYS LYS A . n 
A 1 89  ALA 89  1882 1882 ALA ALA A . n 
A 1 90  GLY 90  1883 1883 GLY GLY A . n 
A 1 91  HIS 91  1884 1884 HIS HIS A . n 
A 1 92  ILE 92  1885 1885 ILE ILE A . n 
A 1 93  MET 93  1886 1886 MET MET A . n 
A 1 94  ARG 94  1887 1887 ARG ARG A . n 
A 1 95  ARG 95  1888 1888 ARG ARG A . n 
A 1 96  PHE 96  1889 1889 PHE PHE A . n 
A 1 97  PHE 97  1890 1890 PHE PHE A . n 
A 1 98  GLU 98  1891 1891 GLU GLU A . n 
A 1 99  SER 99  1892 1892 SER SER A . n 
A 1 100 ARG 100 1893 1893 ARG ARG A . n 
A 1 101 TRP 101 1894 1894 TRP TRP A . n 
A 1 102 GLU 102 1895 1895 GLU GLU A . n 
A 1 103 GLU 103 1896 1896 GLU GLU A . n 
A 1 104 PHE 104 1897 1897 PHE PHE A . n 
A 1 105 TYR 105 1898 1898 TYR TYR A . n 
# 
loop_
_pdbx_nonpoly_scheme.asym_id 
_pdbx_nonpoly_scheme.entity_id 
_pdbx_nonpoly_scheme.mon_id 
_pdbx_nonpoly_scheme.ndb_seq_num 
_pdbx_nonpoly_scheme.pdb_seq_num 
_pdbx_nonpoly_scheme.auth_seq_num 
_pdbx_nonpoly_scheme.pdb_mon_id 
_pdbx_nonpoly_scheme.auth_mon_id 
_pdbx_nonpoly_scheme.pdb_strand_id 
_pdbx_nonpoly_scheme.pdb_ins_code 
B 2 7MZ 1  1901 1  7MZ 2A4 A . 
C 3 HOH 1  2001 15 HOH HOH A . 
C 3 HOH 2  2002 20 HOH HOH A . 
C 3 HOH 3  2003 14 HOH HOH A . 
C 3 HOH 4  2004 4  HOH HOH A . 
C 3 HOH 5  2005 3  HOH HOH A . 
C 3 HOH 6  2006 9  HOH HOH A . 
C 3 HOH 7  2007 22 HOH HOH A . 
C 3 HOH 8  2008 1  HOH HOH A . 
C 3 HOH 9  2009 12 HOH HOH A . 
C 3 HOH 10 2010 7  HOH HOH A . 
C 3 HOH 11 2011 21 HOH HOH A . 
C 3 HOH 12 2012 8  HOH HOH A . 
C 3 HOH 13 2013 10 HOH HOH A . 
C 3 HOH 14 2014 5  HOH HOH A . 
C 3 HOH 15 2015 18 HOH HOH A . 
C 3 HOH 16 2016 2  HOH HOH A . 
C 3 HOH 17 2017 13 HOH HOH A . 
C 3 HOH 18 2018 6  HOH HOH A . 
C 3 HOH 19 2019 19 HOH HOH A . 
C 3 HOH 20 2020 11 HOH HOH A . 
C 3 HOH 21 2021 16 HOH HOH A . 
C 3 HOH 22 2022 17 HOH HOH A . 
C 3 HOH 23 2023 23 HOH HOH A . 
# 
loop_
_software.citation_id 
_software.classification 
_software.compiler_name 
_software.compiler_version 
_software.contact_author 
_software.contact_author_email 
_software.date 
_software.description 
_software.dependencies 
_software.hardware 
_software.language 
_software.location 
_software.mods 
_software.name 
_software.os 
_software.os_version 
_software.type 
_software.version 
_software.pdbx_ordinal 
? 'data scaling'    ? ? ? ? ? ? ? ? ? ? ? Aimless     ? ? ? 0.3.11 1 
? phasing           ? ? ? ? ? ? ? ? ? ? ? PHASER      ? ? ? .      2 
? refinement        ? ? ? ? ? ? ? ? ? ? ? REFMAC      ? ? ? .      3 
? 'data extraction' ? ? ? ? ? ? ? ? ? ? ? PDB_EXTRACT ? ? ? 3.20   4 
? 'data reduction'  ? ? ? ? ? ? ? ? ? ? ? MOSFLM      ? ? ? .      5 
# 
_cell.angle_alpha                  90.000 
_cell.angle_alpha_esd              ? 
_cell.angle_beta                   90.000 
_cell.angle_beta_esd               ? 
_cell.angle_gamma                  120.000 
_cell.angle_gamma_esd              ? 
_cell.entry_id                     5MGM 
_cell.details                      ? 
_cell.formula_units_Z              ? 
_cell.length_a                     94.861 
_cell.length_a_esd                 ? 
_cell.length_b                     94.861 
_cell.length_b_esd                 ? 
_cell.length_c                     32.750 
_cell.length_c_esd                 ? 
_cell.volume                       ? 
_cell.volume_esd                   ? 
_cell.Z_PDB                        6 
_cell.reciprocal_angle_alpha       ? 
_cell.reciprocal_angle_beta        ? 
_cell.reciprocal_angle_gamma       ? 
_cell.reciprocal_angle_alpha_esd   ? 
_cell.reciprocal_angle_beta_esd    ? 
_cell.reciprocal_angle_gamma_esd   ? 
_cell.reciprocal_length_a          ? 
_cell.reciprocal_length_b          ? 
_cell.reciprocal_length_c          ? 
_cell.reciprocal_length_a_esd      ? 
_cell.reciprocal_length_b_esd      ? 
_cell.reciprocal_length_c_esd      ? 
_cell.pdbx_unique_axis             ? 
# 
_symmetry.entry_id                         5MGM 
_symmetry.cell_setting                     ? 
_symmetry.Int_Tables_number                152 
_symmetry.space_group_name_Hall            ? 
_symmetry.space_group_name_H-M             'P 31 2 1' 
_symmetry.pdbx_full_space_group_name_H-M   ? 
# 
_exptl.absorpt_coefficient_mu     ? 
_exptl.absorpt_correction_T_max   ? 
_exptl.absorpt_correction_T_min   ? 
_exptl.absorpt_correction_type    ? 
_exptl.absorpt_process_details    ? 
_exptl.entry_id                   5MGM 
_exptl.crystals_number            1 
_exptl.details                    ? 
_exptl.method                     'X-RAY DIFFRACTION' 
_exptl.method_details             ? 
# 
_exptl_crystal.colour                      ? 
_exptl_crystal.density_diffrn              ? 
_exptl_crystal.density_Matthews            3.44 
_exptl_crystal.density_method              ? 
_exptl_crystal.density_percent_sol         64.20 
_exptl_crystal.description                 ? 
_exptl_crystal.F_000                       ? 
_exptl_crystal.id                          1 
_exptl_crystal.preparation                 ? 
_exptl_crystal.size_max                    ? 
_exptl_crystal.size_mid                    ? 
_exptl_crystal.size_min                    ? 
_exptl_crystal.size_rad                    ? 
_exptl_crystal.colour_lustre               ? 
_exptl_crystal.colour_modifier             ? 
_exptl_crystal.colour_primary              ? 
_exptl_crystal.density_meas                ? 
_exptl_crystal.density_meas_esd            ? 
_exptl_crystal.density_meas_gt             ? 
_exptl_crystal.density_meas_lt             ? 
_exptl_crystal.density_meas_temp           ? 
_exptl_crystal.density_meas_temp_esd       ? 
_exptl_crystal.density_meas_temp_gt        ? 
_exptl_crystal.density_meas_temp_lt        ? 
_exptl_crystal.pdbx_crystal_image_url      ? 
_exptl_crystal.pdbx_crystal_image_format   ? 
_exptl_crystal.pdbx_mosaicity              1.000 
_exptl_crystal.pdbx_mosaicity_esd          ? 
# 
_exptl_crystal_grow.apparatus       ? 
_exptl_crystal_grow.atmosphere      ? 
_exptl_crystal_grow.crystal_id      1 
_exptl_crystal_grow.details         ? 
_exptl_crystal_grow.method          'VAPOR DIFFUSION, SITTING DROP' 
_exptl_crystal_grow.method_ref      ? 
_exptl_crystal_grow.pH              7.5 
_exptl_crystal_grow.pressure        ? 
_exptl_crystal_grow.pressure_esd    ? 
_exptl_crystal_grow.seeding         ? 
_exptl_crystal_grow.seeding_ref     ? 
_exptl_crystal_grow.temp            277 
_exptl_crystal_grow.temp_details    ? 
_exptl_crystal_grow.temp_esd        ? 
_exptl_crystal_grow.time            ? 
_exptl_crystal_grow.pdbx_details    '20% PEG3350, 0.2 M MgCl2' 
_exptl_crystal_grow.pdbx_pH_range   ? 
# 
_diffrn.ambient_environment    ? 
_diffrn.ambient_temp           100 
_diffrn.ambient_temp_details   ? 
_diffrn.ambient_temp_esd       ? 
_diffrn.crystal_id             1 
_diffrn.crystal_support        ? 
_diffrn.crystal_treatment      ? 
_diffrn.details                ? 
_diffrn.id                     1 
_diffrn.ambient_pressure       ? 
_diffrn.ambient_pressure_esd   ? 
_diffrn.ambient_pressure_gt    ? 
_diffrn.ambient_pressure_lt    ? 
_diffrn.ambient_temp_gt        ? 
_diffrn.ambient_temp_lt        ? 
# 
_diffrn_detector.details                      ? 
_diffrn_detector.detector                     PIXEL 
_diffrn_detector.diffrn_id                    1 
_diffrn_detector.type                         'DECTRIS PILATUS 2M' 
_diffrn_detector.area_resol_mean              ? 
_diffrn_detector.dtime                        ? 
_diffrn_detector.pdbx_frames_total            ? 
_diffrn_detector.pdbx_collection_time_total   ? 
_diffrn_detector.pdbx_collection_date         2016-10-05 
# 
_diffrn_radiation.collimation                      ? 
_diffrn_radiation.diffrn_id                        1 
_diffrn_radiation.filter_edge                      ? 
_diffrn_radiation.inhomogeneity                    ? 
_diffrn_radiation.monochromator                    ? 
_diffrn_radiation.polarisn_norm                    ? 
_diffrn_radiation.polarisn_ratio                   ? 
_diffrn_radiation.probe                            ? 
_diffrn_radiation.type                             ? 
_diffrn_radiation.xray_symbol                      ? 
_diffrn_radiation.wavelength_id                    1 
_diffrn_radiation.pdbx_monochromatic_or_laue_m_l   M 
_diffrn_radiation.pdbx_wavelength_list             ? 
_diffrn_radiation.pdbx_wavelength                  ? 
_diffrn_radiation.pdbx_diffrn_protocol             'SINGLE WAVELENGTH' 
_diffrn_radiation.pdbx_analyzer                    ? 
_diffrn_radiation.pdbx_scattering_type             x-ray 
# 
_diffrn_radiation_wavelength.id           1 
_diffrn_radiation_wavelength.wavelength   1.00 
_diffrn_radiation_wavelength.wt           1.0 
# 
_diffrn_source.current                     ? 
_diffrn_source.details                     ? 
_diffrn_source.diffrn_id                   1 
_diffrn_source.power                       ? 
_diffrn_source.size                        ? 
_diffrn_source.source                      SYNCHROTRON 
_diffrn_source.target                      ? 
_diffrn_source.type                        'ELETTRA BEAMLINE 5.2R' 
_diffrn_source.voltage                     ? 
_diffrn_source.take-off_angle              ? 
_diffrn_source.pdbx_wavelength_list        1.00 
_diffrn_source.pdbx_wavelength             ? 
_diffrn_source.pdbx_synchrotron_beamline   5.2R 
_diffrn_source.pdbx_synchrotron_site       ELETTRA 
# 
_reflns.B_iso_Wilson_estimate            ? 
_reflns.entry_id                         5MGM 
_reflns.data_reduction_details           ? 
_reflns.data_reduction_method            ? 
_reflns.d_resolution_high                2.800 
_reflns.d_resolution_low                 27.380 
_reflns.details                          ? 
_reflns.limit_h_max                      ? 
_reflns.limit_h_min                      ? 
_reflns.limit_k_max                      ? 
_reflns.limit_k_min                      ? 
_reflns.limit_l_max                      ? 
_reflns.limit_l_min                      ? 
_reflns.number_all                       ? 
_reflns.number_obs                       4298 
_reflns.observed_criterion               ? 
_reflns.observed_criterion_F_max         ? 
_reflns.observed_criterion_F_min         ? 
_reflns.observed_criterion_I_max         ? 
_reflns.observed_criterion_I_min         ? 
_reflns.observed_criterion_sigma_F       ? 
_reflns.observed_criterion_sigma_I       ? 
_reflns.percent_possible_obs             99.500 
_reflns.R_free_details                   ? 
_reflns.Rmerge_F_all                     ? 
_reflns.Rmerge_F_obs                     ? 
_reflns.Friedel_coverage                 ? 
_reflns.number_gt                        ? 
_reflns.threshold_expression             ? 
_reflns.pdbx_redundancy                  9.800 
_reflns.pdbx_Rmerge_I_obs                0.318 
_reflns.pdbx_Rmerge_I_all                ? 
_reflns.pdbx_Rsym_value                  ? 
_reflns.pdbx_netI_over_av_sigmaI         ? 
_reflns.pdbx_netI_over_sigmaI            7.100 
_reflns.pdbx_res_netI_over_av_sigmaI_2   ? 
_reflns.pdbx_res_netI_over_sigmaI_2      ? 
_reflns.pdbx_chi_squared                 ? 
_reflns.pdbx_scaling_rejects             ? 
_reflns.pdbx_d_res_high_opt              ? 
_reflns.pdbx_d_res_low_opt               ? 
_reflns.pdbx_d_res_opt_method            ? 
_reflns.phase_calculation_details        ? 
_reflns.pdbx_Rrim_I_all                  ? 
_reflns.pdbx_Rpim_I_all                  ? 
_reflns.pdbx_d_opt                       ? 
_reflns.pdbx_number_measured_all         ? 
_reflns.pdbx_diffrn_id                   1 
_reflns.pdbx_ordinal                     1 
_reflns.pdbx_CC_half                     0.984 
_reflns.pdbx_R_split                     ? 
# 
loop_
_reflns_shell.d_res_high 
_reflns_shell.d_res_low 
_reflns_shell.meanI_over_sigI_all 
_reflns_shell.meanI_over_sigI_obs 
_reflns_shell.number_measured_all 
_reflns_shell.number_measured_obs 
_reflns_shell.number_possible 
_reflns_shell.number_unique_all 
_reflns_shell.number_unique_obs 
_reflns_shell.percent_possible_all 
_reflns_shell.percent_possible_obs 
_reflns_shell.Rmerge_F_all 
_reflns_shell.Rmerge_F_obs 
_reflns_shell.Rmerge_I_all 
_reflns_shell.Rmerge_I_obs 
_reflns_shell.meanI_over_sigI_gt 
_reflns_shell.meanI_over_uI_all 
_reflns_shell.meanI_over_uI_gt 
_reflns_shell.number_measured_gt 
_reflns_shell.number_unique_gt 
_reflns_shell.percent_possible_gt 
_reflns_shell.Rmerge_F_gt 
_reflns_shell.Rmerge_I_gt 
_reflns_shell.pdbx_redundancy 
_reflns_shell.pdbx_Rsym_value 
_reflns_shell.pdbx_chi_squared 
_reflns_shell.pdbx_netI_over_sigmaI_all 
_reflns_shell.pdbx_netI_over_sigmaI_obs 
_reflns_shell.pdbx_Rrim_I_all 
_reflns_shell.pdbx_Rpim_I_all 
_reflns_shell.pdbx_rejects 
_reflns_shell.pdbx_ordinal 
_reflns_shell.pdbx_diffrn_id 
_reflns_shell.pdbx_CC_half 
_reflns_shell.pdbx_R_split 
2.800 2.950  ? ? ? ? ? ? ? 100.000 ? ? ? ? 1.347 ? ? ? ? ? ? ? ? 8.700  ? ? ? ? ? ? ? 1 1 0.699 ? 
8.860 27.380 ? ? ? ? ? ? ? 97.000  ? ? ? ? 0.099 ? ? ? ? ? ? ? ? 10.300 ? ? ? ? ? ? ? 2 1 0.997 ? 
# 
_refine.aniso_B[1][1]                            13.1600 
_refine.aniso_B[1][2]                            0.0000 
_refine.aniso_B[1][3]                            0.0000 
_refine.aniso_B[2][2]                            13.1600 
_refine.aniso_B[2][3]                            0.0000 
_refine.aniso_B[3][3]                            -26.3200 
_refine.B_iso_max                                95.010 
_refine.B_iso_mean                               41.9310 
_refine.B_iso_min                                2.000 
_refine.correlation_coeff_Fo_to_Fc               0.9110 
_refine.correlation_coeff_Fo_to_Fc_free          0.8790 
_refine.details                                  ? 
_refine.diff_density_max                         ? 
_refine.diff_density_max_esd                     ? 
_refine.diff_density_min                         ? 
_refine.diff_density_min_esd                     ? 
_refine.diff_density_rms                         ? 
_refine.diff_density_rms_esd                     ? 
_refine.entry_id                                 5MGM 
_refine.pdbx_refine_id                           'X-RAY DIFFRACTION' 
_refine.ls_abs_structure_details                 ? 
_refine.ls_abs_structure_Flack                   ? 
_refine.ls_abs_structure_Flack_esd               ? 
_refine.ls_abs_structure_Rogers                  ? 
_refine.ls_abs_structure_Rogers_esd              ? 
_refine.ls_d_res_high                            2.8000 
_refine.ls_d_res_low                             27.3800 
_refine.ls_extinction_coef                       ? 
_refine.ls_extinction_coef_esd                   ? 
_refine.ls_extinction_expression                 ? 
_refine.ls_extinction_method                     ? 
_refine.ls_goodness_of_fit_all                   ? 
_refine.ls_goodness_of_fit_all_esd               ? 
_refine.ls_goodness_of_fit_obs                   ? 
_refine.ls_goodness_of_fit_obs_esd               ? 
_refine.ls_hydrogen_treatment                    ? 
_refine.ls_matrix_type                           ? 
_refine.ls_number_constraints                    ? 
_refine.ls_number_parameters                     ? 
_refine.ls_number_reflns_all                     ? 
_refine.ls_number_reflns_obs                     4109 
_refine.ls_number_reflns_R_free                  187 
_refine.ls_number_reflns_R_work                  ? 
_refine.ls_number_restraints                     ? 
_refine.ls_percent_reflns_obs                    99.1000 
_refine.ls_percent_reflns_R_free                 4.4000 
_refine.ls_R_factor_all                          ? 
_refine.ls_R_factor_obs                          0.2195 
_refine.ls_R_factor_R_free                       0.2518 
_refine.ls_R_factor_R_free_error                 ? 
_refine.ls_R_factor_R_free_error_details         ? 
_refine.ls_R_factor_R_work                       0.2181 
_refine.ls_R_Fsqd_factor_obs                     ? 
_refine.ls_R_I_factor_obs                        ? 
_refine.ls_redundancy_reflns_all                 ? 
_refine.ls_redundancy_reflns_obs                 ? 
_refine.ls_restrained_S_all                      ? 
_refine.ls_restrained_S_obs                      ? 
_refine.ls_shift_over_esd_max                    ? 
_refine.ls_shift_over_esd_mean                   ? 
_refine.ls_structure_factor_coef                 ? 
_refine.ls_weighting_details                     ? 
_refine.ls_weighting_scheme                      ? 
_refine.ls_wR_factor_all                         ? 
_refine.ls_wR_factor_obs                         ? 
_refine.ls_wR_factor_R_free                      ? 
_refine.ls_wR_factor_R_work                      ? 
_refine.occupancy_max                            ? 
_refine.occupancy_min                            ? 
_refine.solvent_model_details                    ? 
_refine.solvent_model_param_bsol                 ? 
_refine.solvent_model_param_ksol                 ? 
_refine.ls_R_factor_gt                           ? 
_refine.ls_goodness_of_fit_gt                    ? 
_refine.ls_goodness_of_fit_ref                   ? 
_refine.ls_shift_over_su_max                     ? 
_refine.ls_shift_over_su_max_lt                  ? 
_refine.ls_shift_over_su_mean                    ? 
_refine.ls_shift_over_su_mean_lt                 ? 
_refine.pdbx_ls_sigma_I                          ? 
_refine.pdbx_ls_sigma_F                          0.000 
_refine.pdbx_ls_sigma_Fsqd                       ? 
_refine.pdbx_data_cutoff_high_absF               ? 
_refine.pdbx_data_cutoff_high_rms_absF           ? 
_refine.pdbx_data_cutoff_low_absF                ? 
_refine.pdbx_isotropic_thermal_model             ? 
_refine.pdbx_ls_cross_valid_method               'FREE R-VALUE' 
_refine.pdbx_method_to_determine_struct          'MOLECULAR REPLACEMENT' 
_refine.pdbx_starting_model                      4LZ2 
_refine.pdbx_stereochemistry_target_values       ? 
_refine.pdbx_R_Free_selection_details            RANDOM 
_refine.pdbx_stereochem_target_val_spec_case     ? 
_refine.pdbx_overall_ESU_R                       0.1540 
_refine.pdbx_overall_ESU_R_Free                  0.0700 
_refine.pdbx_solvent_vdw_probe_radii             1.2000 
_refine.pdbx_solvent_ion_probe_radii             0.8000 
_refine.pdbx_solvent_shrinkage_radii             0.8000 
_refine.pdbx_real_space_R                        ? 
_refine.pdbx_density_correlation                 ? 
_refine.pdbx_pd_number_of_powder_patterns        ? 
_refine.pdbx_pd_number_of_points                 ? 
_refine.pdbx_pd_meas_number_of_points            ? 
_refine.pdbx_pd_proc_ls_prof_R_factor            ? 
_refine.pdbx_pd_proc_ls_prof_wR_factor           ? 
_refine.pdbx_pd_Marquardt_correlation_coeff      ? 
_refine.pdbx_pd_Fsqrd_R_factor                   ? 
_refine.pdbx_pd_ls_matrix_band_width             ? 
_refine.pdbx_overall_phase_error                 ? 
_refine.pdbx_overall_SU_R_free_Cruickshank_DPI   ? 
_refine.pdbx_overall_SU_R_free_Blow_DPI          ? 
_refine.pdbx_overall_SU_R_Blow_DPI               ? 
_refine.pdbx_TLS_residual_ADP_flag               ? 
_refine.pdbx_diffrn_id                           1 
_refine.overall_SU_B                             10.9700 
_refine.overall_SU_ML                            0.2110 
_refine.overall_SU_R_Cruickshank_DPI             0.1540 
_refine.overall_SU_R_free                        ? 
_refine.overall_FOM_free_R_set                   ? 
_refine.overall_FOM_work_R_set                   ? 
_refine.pdbx_average_fsc_overall                 ? 
_refine.pdbx_average_fsc_work                    ? 
_refine.pdbx_average_fsc_free                    ? 
# 
_refine_hist.cycle_id                         final 
_refine_hist.pdbx_refine_id                   'X-RAY DIFFRACTION' 
_refine_hist.d_res_high                       2.8000 
_refine_hist.d_res_low                        27.3800 
_refine_hist.pdbx_number_atoms_ligand         16 
_refine_hist.number_atoms_solvent             23 
_refine_hist.number_atoms_total               868 
_refine_hist.pdbx_number_residues_total       100 
_refine_hist.pdbx_B_iso_mean_ligand           31.28 
_refine_hist.pdbx_B_iso_mean_solvent          23.55 
_refine_hist.pdbx_number_atoms_protein        829 
_refine_hist.pdbx_number_atoms_nucleic_acid   0 
# 
loop_
_refine_ls_restr.pdbx_refine_id 
_refine_ls_restr.criterion 
_refine_ls_restr.dev_ideal 
_refine_ls_restr.dev_ideal_target 
_refine_ls_restr.number 
_refine_ls_restr.rejects 
_refine_ls_restr.type 
_refine_ls_restr.weight 
_refine_ls_restr.pdbx_restraint_function 
'X-RAY DIFFRACTION' ? 0.005  0.019  867  ? r_bond_refined_d       ? ? 
'X-RAY DIFFRACTION' ? 0.001  0.020  781  ? r_bond_other_d         ? ? 
'X-RAY DIFFRACTION' ? 0.873  1.961  1167 ? r_angle_refined_deg    ? ? 
'X-RAY DIFFRACTION' ? 0.676  3.000  1791 ? r_angle_other_deg      ? ? 
'X-RAY DIFFRACTION' ? 4.000  5.000  99   ? r_dihedral_angle_1_deg ? ? 
'X-RAY DIFFRACTION' ? 32.239 22.917 48   ? r_dihedral_angle_2_deg ? ? 
'X-RAY DIFFRACTION' ? 10.968 15.000 145  ? r_dihedral_angle_3_deg ? ? 
'X-RAY DIFFRACTION' ? 13.716 15.000 9    ? r_dihedral_angle_4_deg ? ? 
'X-RAY DIFFRACTION' ? 0.047  0.200  116  ? r_chiral_restr         ? ? 
'X-RAY DIFFRACTION' ? 0.003  0.020  982  ? r_gen_planes_refined   ? ? 
'X-RAY DIFFRACTION' ? 0.001  0.020  225  ? r_gen_planes_other     ? ? 
'X-RAY DIFFRACTION' ? 1.147  4.189  399  ? r_mcbond_it            ? ? 
'X-RAY DIFFRACTION' ? 1.130  4.179  398  ? r_mcbond_other         ? ? 
'X-RAY DIFFRACTION' ? 2.094  6.265  497  ? r_mcangle_it           ? ? 
# 
_refine_ls_shell.pdbx_refine_id                   'X-RAY DIFFRACTION' 
_refine_ls_shell.d_res_high                       2.8000 
_refine_ls_shell.d_res_low                        2.8730 
_refine_ls_shell.number_reflns_all                323 
_refine_ls_shell.number_reflns_obs                ? 
_refine_ls_shell.number_reflns_R_free             7 
_refine_ls_shell.number_reflns_R_work             316 
_refine_ls_shell.percent_reflns_obs               99.6900 
_refine_ls_shell.percent_reflns_R_free            ? 
_refine_ls_shell.R_factor_all                     ? 
_refine_ls_shell.R_factor_obs                     ? 
_refine_ls_shell.R_factor_R_free                  0.1960 
_refine_ls_shell.R_factor_R_free_error            ? 
_refine_ls_shell.R_factor_R_work                  0.3420 
_refine_ls_shell.redundancy_reflns_all            ? 
_refine_ls_shell.redundancy_reflns_obs            ? 
_refine_ls_shell.wR_factor_all                    ? 
_refine_ls_shell.wR_factor_obs                    ? 
_refine_ls_shell.wR_factor_R_free                 ? 
_refine_ls_shell.wR_factor_R_work                 ? 
_refine_ls_shell.pdbx_total_number_of_bins_used   20 
_refine_ls_shell.pdbx_phase_error                 ? 
_refine_ls_shell.pdbx_fsc_work                    ? 
_refine_ls_shell.pdbx_fsc_free                    ? 
# 
_struct.entry_id                     5MGM 
_struct.title                        'Crystal Structure of BAZ2A bromodomain in complex with acetophenone derivative 4' 
_struct.pdbx_model_details           ? 
_struct.pdbx_formula_weight          ? 
_struct.pdbx_formula_weight_method   ? 
_struct.pdbx_model_type_details      ? 
_struct.pdbx_CASP_flag               N 
# 
_struct_keywords.entry_id        5MGM 
_struct_keywords.text            'four helical bundle, transcription' 
_struct_keywords.pdbx_keywords   TRANSCRIPTION 
# 
loop_
_struct_asym.id 
_struct_asym.pdbx_blank_PDB_chainid_flag 
_struct_asym.pdbx_modified 
_struct_asym.entity_id 
_struct_asym.details 
A N N 1 ? 
B N N 2 ? 
C N N 3 ? 
# 
_struct_ref.id                         1 
_struct_ref.db_name                    UNP 
_struct_ref.db_code                    BAZ2A_HUMAN 
_struct_ref.pdbx_db_accession          Q9UIF9 
_struct_ref.pdbx_db_isoform            ? 
_struct_ref.entity_id                  1 
_struct_ref.pdbx_seq_one_letter_code   
;HSDLTFCEIILMEMESHDAAWPFLEPVNPRLVSGYRRIIKNPMDFSTMRERLLRGGYTSSEEFAADALLVFDNCQTFNED
DSEVGKAGHIMRRFFESRWEEFY
;
_struct_ref.pdbx_align_begin           1796 
# 
_struct_ref_seq.align_id                      1 
_struct_ref_seq.ref_id                        1 
_struct_ref_seq.pdbx_PDB_id_code              5MGM 
_struct_ref_seq.pdbx_strand_id                A 
_struct_ref_seq.seq_align_beg                 3 
_struct_ref_seq.pdbx_seq_align_beg_ins_code   ? 
_struct_ref_seq.seq_align_end                 105 
_struct_ref_seq.pdbx_seq_align_end_ins_code   ? 
_struct_ref_seq.pdbx_db_accession             Q9UIF9 
_struct_ref_seq.db_align_beg                  1796 
_struct_ref_seq.pdbx_db_align_beg_ins_code    ? 
_struct_ref_seq.db_align_end                  1898 
_struct_ref_seq.pdbx_db_align_end_ins_code    ? 
_struct_ref_seq.pdbx_auth_seq_align_beg       1796 
_struct_ref_seq.pdbx_auth_seq_align_end       1898 
# 
loop_
_struct_ref_seq_dif.align_id 
_struct_ref_seq_dif.pdbx_pdb_id_code 
_struct_ref_seq_dif.mon_id 
_struct_ref_seq_dif.pdbx_pdb_strand_id 
_struct_ref_seq_dif.seq_num 
_struct_ref_seq_dif.pdbx_pdb_ins_code 
_struct_ref_seq_dif.pdbx_seq_db_name 
_struct_ref_seq_dif.pdbx_seq_db_accession_code 
_struct_ref_seq_dif.db_mon_id 
_struct_ref_seq_dif.pdbx_seq_db_seq_num 
_struct_ref_seq_dif.details 
_struct_ref_seq_dif.pdbx_auth_seq_num 
_struct_ref_seq_dif.pdbx_ordinal 
1 5MGM SER A 1 ? UNP Q9UIF9 ? ? 'expression tag' 1794 1 
1 5MGM MET A 2 ? UNP Q9UIF9 ? ? 'expression tag' 1795 2 
# 
_pdbx_struct_assembly.id                   1 
_pdbx_struct_assembly.details              author_and_software_defined_assembly 
_pdbx_struct_assembly.method_details       PISA 
_pdbx_struct_assembly.oligomeric_details   monomeric 
_pdbx_struct_assembly.oligomeric_count     1 
# 
loop_
_pdbx_struct_assembly_prop.biol_id 
_pdbx_struct_assembly_prop.type 
_pdbx_struct_assembly_prop.value 
_pdbx_struct_assembly_prop.details 
1 'ABSA (A^2)' 0    ? 
1 MORE         0    ? 
1 'SSA (A^2)'  6010 ? 
# 
_pdbx_struct_assembly_gen.assembly_id       1 
_pdbx_struct_assembly_gen.oper_expression   1 
_pdbx_struct_assembly_gen.asym_id_list      A,B,C 
# 
_pdbx_struct_oper_list.id                   1 
_pdbx_struct_oper_list.type                 'identity operation' 
_pdbx_struct_oper_list.name                 1_555 
_pdbx_struct_oper_list.symmetry_operation   x,y,z 
_pdbx_struct_oper_list.matrix[1][1]         1.0000000000 
_pdbx_struct_oper_list.matrix[1][2]         0.0000000000 
_pdbx_struct_oper_list.matrix[1][3]         0.0000000000 
_pdbx_struct_oper_list.vector[1]            0.0000000000 
_pdbx_struct_oper_list.matrix[2][1]         0.0000000000 
_pdbx_struct_oper_list.matrix[2][2]         1.0000000000 
_pdbx_struct_oper_list.matrix[2][3]         0.0000000000 
_pdbx_struct_oper_list.vector[2]            0.0000000000 
_pdbx_struct_oper_list.matrix[3][1]         0.0000000000 
_pdbx_struct_oper_list.matrix[3][2]         0.0000000000 
_pdbx_struct_oper_list.matrix[3][3]         1.0000000000 
_pdbx_struct_oper_list.vector[3]            0.0000000000 
# 
loop_
_struct_conf.conf_type_id 
_struct_conf.id 
_struct_conf.pdbx_PDB_helix_id 
_struct_conf.beg_label_comp_id 
_struct_conf.beg_label_asym_id 
_struct_conf.beg_label_seq_id 
_struct_conf.pdbx_beg_PDB_ins_code 
_struct_conf.end_label_comp_id 
_struct_conf.end_label_asym_id 
_struct_conf.end_label_seq_id 
_struct_conf.pdbx_end_PDB_ins_code 
_struct_conf.beg_auth_comp_id 
_struct_conf.beg_auth_asym_id 
_struct_conf.beg_auth_seq_id 
_struct_conf.end_auth_comp_id 
_struct_conf.end_auth_asym_id 
_struct_conf.end_auth_seq_id 
_struct_conf.pdbx_PDB_helix_class 
_struct_conf.details 
_struct_conf.pdbx_PDB_helix_length 
HELX_P HELX_P1 AA1 LEU A 6  ? SER A 18  ? LEU A 1799 SER A 1811 1 ? 13 
HELX_P HELX_P2 AA2 HIS A 19 ? LEU A 26  ? HIS A 1812 LEU A 1819 5 ? 8  
HELX_P HELX_P3 AA3 GLY A 36 ? ILE A 41  ? GLY A 1829 ILE A 1834 1 ? 6  
HELX_P HELX_P4 AA4 ASP A 46 ? GLY A 57  ? ASP A 1839 GLY A 1850 1 ? 12 
HELX_P HELX_P5 AA5 SER A 61 ? ASN A 80  ? SER A 1854 ASN A 1873 1 ? 20 
HELX_P HELX_P6 AA6 SER A 84 ? TYR A 105 ? SER A 1877 TYR A 1898 1 ? 22 
# 
_struct_conf_type.id          HELX_P 
_struct_conf_type.criteria    ? 
_struct_conf_type.reference   ? 
# 
_struct_site.id                   AC1 
_struct_site.pdbx_evidence_code   Software 
_struct_site.pdbx_auth_asym_id    A 
_struct_site.pdbx_auth_comp_id    7MZ 
_struct_site.pdbx_auth_seq_id     1901 
_struct_site.pdbx_auth_ins_code   ? 
_struct_site.pdbx_num_residues    8 
_struct_site.details              'binding site for residue 7MZ A 1901' 
# 
loop_
_struct_site_gen.id 
_struct_site_gen.site_id 
_struct_site_gen.pdbx_num_res 
_struct_site_gen.label_comp_id 
_struct_site_gen.label_asym_id 
_struct_site_gen.label_seq_id 
_struct_site_gen.pdbx_auth_ins_code 
_struct_site_gen.auth_comp_id 
_struct_site_gen.auth_asym_id 
_struct_site_gen.auth_seq_id 
_struct_site_gen.label_atom_id 
_struct_site_gen.label_alt_id 
_struct_site_gen.symmetry 
_struct_site_gen.details 
1 AC1 8 TRP A 23 ? TRP A 1816 . ? 1_555 ? 
2 AC1 8 PRO A 24 ? PRO A 1817 . ? 1_555 ? 
3 AC1 8 PHE A 25 ? PHE A 1818 . ? 1_555 ? 
4 AC1 8 GLU A 27 ? GLU A 1820 . ? 1_555 ? 
5 AC1 8 VAL A 29 ? VAL A 1822 . ? 1_555 ? 
6 AC1 8 ASN A 80 ? ASN A 1873 . ? 1_555 ? 
7 AC1 8 VAL A 86 ? VAL A 1879 . ? 1_555 ? 
8 AC1 8 HOH C .  ? HOH A 2003 . ? 1_555 ? 
# 
_phasing.method   MR 
# 
loop_
_pdbx_unobs_or_zero_occ_residues.id 
_pdbx_unobs_or_zero_occ_residues.PDB_model_num 
_pdbx_unobs_or_zero_occ_residues.polymer_flag 
_pdbx_unobs_or_zero_occ_residues.occupancy_flag 
_pdbx_unobs_or_zero_occ_residues.auth_asym_id 
_pdbx_unobs_or_zero_occ_residues.auth_comp_id 
_pdbx_unobs_or_zero_occ_residues.auth_seq_id 
_pdbx_unobs_or_zero_occ_residues.PDB_ins_code 
_pdbx_unobs_or_zero_occ_residues.label_asym_id 
_pdbx_unobs_or_zero_occ_residues.label_comp_id 
_pdbx_unobs_or_zero_occ_residues.label_seq_id 
1 1 Y 1 A SER 1794 ? A SER 1 
2 1 Y 1 A MET 1795 ? A MET 2 
3 1 Y 1 A HIS 1796 ? A HIS 3 
4 1 Y 1 A SER 1797 ? A SER 4 
5 1 Y 1 A ASP 1798 ? A ASP 5 
# 
loop_
_chem_comp_atom.comp_id 
_chem_comp_atom.atom_id 
_chem_comp_atom.type_symbol 
_chem_comp_atom.pdbx_aromatic_flag 
_chem_comp_atom.pdbx_stereo_config 
_chem_comp_atom.pdbx_ordinal 
7MZ C14  C Y N 1   
7MZ C13  C Y N 2   
7MZ C11  C Y N 3   
7MZ C15  C Y N 4   
7MZ C01  C N N 5   
7MZ C02  C N N 6   
7MZ O03  O N N 7   
7MZ C04  C Y N 8   
7MZ C05  C Y N 9   
7MZ C06  C Y N 10  
7MZ C07  C Y N 11  
7MZ C08  C Y N 12  
7MZ C09  C Y N 13  
7MZ O10  O N N 14  
7MZ N12  N Y N 15  
7MZ N16  N Y N 16  
7MZ H1   H N N 17  
7MZ H2   H N N 18  
7MZ H3   H N N 19  
7MZ H4   H N N 20  
7MZ H5   H N N 21  
7MZ H6   H N N 22  
7MZ H7   H N N 23  
7MZ H8   H N N 24  
7MZ H9   H N N 25  
7MZ H10  H N N 26  
ALA N    N N N 27  
ALA CA   C N S 28  
ALA C    C N N 29  
ALA O    O N N 30  
ALA CB   C N N 31  
ALA OXT  O N N 32  
ALA H    H N N 33  
ALA H2   H N N 34  
ALA HA   H N N 35  
ALA HB1  H N N 36  
ALA HB2  H N N 37  
ALA HB3  H N N 38  
ALA HXT  H N N 39  
ARG N    N N N 40  
ARG CA   C N S 41  
ARG C    C N N 42  
ARG O    O N N 43  
ARG CB   C N N 44  
ARG CG   C N N 45  
ARG CD   C N N 46  
ARG NE   N N N 47  
ARG CZ   C N N 48  
ARG NH1  N N N 49  
ARG NH2  N N N 50  
ARG OXT  O N N 51  
ARG H    H N N 52  
ARG H2   H N N 53  
ARG HA   H N N 54  
ARG HB2  H N N 55  
ARG HB3  H N N 56  
ARG HG2  H N N 57  
ARG HG3  H N N 58  
ARG HD2  H N N 59  
ARG HD3  H N N 60  
ARG HE   H N N 61  
ARG HH11 H N N 62  
ARG HH12 H N N 63  
ARG HH21 H N N 64  
ARG HH22 H N N 65  
ARG HXT  H N N 66  
ASN N    N N N 67  
ASN CA   C N S 68  
ASN C    C N N 69  
ASN O    O N N 70  
ASN CB   C N N 71  
ASN CG   C N N 72  
ASN OD1  O N N 73  
ASN ND2  N N N 74  
ASN OXT  O N N 75  
ASN H    H N N 76  
ASN H2   H N N 77  
ASN HA   H N N 78  
ASN HB2  H N N 79  
ASN HB3  H N N 80  
ASN HD21 H N N 81  
ASN HD22 H N N 82  
ASN HXT  H N N 83  
ASP N    N N N 84  
ASP CA   C N S 85  
ASP C    C N N 86  
ASP O    O N N 87  
ASP CB   C N N 88  
ASP CG   C N N 89  
ASP OD1  O N N 90  
ASP OD2  O N N 91  
ASP OXT  O N N 92  
ASP H    H N N 93  
ASP H2   H N N 94  
ASP HA   H N N 95  
ASP HB2  H N N 96  
ASP HB3  H N N 97  
ASP HD2  H N N 98  
ASP HXT  H N N 99  
CYS N    N N N 100 
CYS CA   C N R 101 
CYS C    C N N 102 
CYS O    O N N 103 
CYS CB   C N N 104 
CYS SG   S N N 105 
CYS OXT  O N N 106 
CYS H    H N N 107 
CYS H2   H N N 108 
CYS HA   H N N 109 
CYS HB2  H N N 110 
CYS HB3  H N N 111 
CYS HG   H N N 112 
CYS HXT  H N N 113 
GLN N    N N N 114 
GLN CA   C N S 115 
GLN C    C N N 116 
GLN O    O N N 117 
GLN CB   C N N 118 
GLN CG   C N N 119 
GLN CD   C N N 120 
GLN OE1  O N N 121 
GLN NE2  N N N 122 
GLN OXT  O N N 123 
GLN H    H N N 124 
GLN H2   H N N 125 
GLN HA   H N N 126 
GLN HB2  H N N 127 
GLN HB3  H N N 128 
GLN HG2  H N N 129 
GLN HG3  H N N 130 
GLN HE21 H N N 131 
GLN HE22 H N N 132 
GLN HXT  H N N 133 
GLU N    N N N 134 
GLU CA   C N S 135 
GLU C    C N N 136 
GLU O    O N N 137 
GLU CB   C N N 138 
GLU CG   C N N 139 
GLU CD   C N N 140 
GLU OE1  O N N 141 
GLU OE2  O N N 142 
GLU OXT  O N N 143 
GLU H    H N N 144 
GLU H2   H N N 145 
GLU HA   H N N 146 
GLU HB2  H N N 147 
GLU HB3  H N N 148 
GLU HG2  H N N 149 
GLU HG3  H N N 150 
GLU HE2  H N N 151 
GLU HXT  H N N 152 
GLY N    N N N 153 
GLY CA   C N N 154 
GLY C    C N N 155 
GLY O    O N N 156 
GLY OXT  O N N 157 
GLY H    H N N 158 
GLY H2   H N N 159 
GLY HA2  H N N 160 
GLY HA3  H N N 161 
GLY HXT  H N N 162 
HIS N    N N N 163 
HIS CA   C N S 164 
HIS C    C N N 165 
HIS O    O N N 166 
HIS CB   C N N 167 
HIS CG   C Y N 168 
HIS ND1  N Y N 169 
HIS CD2  C Y N 170 
HIS CE1  C Y N 171 
HIS NE2  N Y N 172 
HIS OXT  O N N 173 
HIS H    H N N 174 
HIS H2   H N N 175 
HIS HA   H N N 176 
HIS HB2  H N N 177 
HIS HB3  H N N 178 
HIS HD1  H N N 179 
HIS HD2  H N N 180 
HIS HE1  H N N 181 
HIS HE2  H N N 182 
HIS HXT  H N N 183 
HOH O    O N N 184 
HOH H1   H N N 185 
HOH H2   H N N 186 
ILE N    N N N 187 
ILE CA   C N S 188 
ILE C    C N N 189 
ILE O    O N N 190 
ILE CB   C N S 191 
ILE CG1  C N N 192 
ILE CG2  C N N 193 
ILE CD1  C N N 194 
ILE OXT  O N N 195 
ILE H    H N N 196 
ILE H2   H N N 197 
ILE HA   H N N 198 
ILE HB   H N N 199 
ILE HG12 H N N 200 
ILE HG13 H N N 201 
ILE HG21 H N N 202 
ILE HG22 H N N 203 
ILE HG23 H N N 204 
ILE HD11 H N N 205 
ILE HD12 H N N 206 
ILE HD13 H N N 207 
ILE HXT  H N N 208 
LEU N    N N N 209 
LEU CA   C N S 210 
LEU C    C N N 211 
LEU O    O N N 212 
LEU CB   C N N 213 
LEU CG   C N N 214 
LEU CD1  C N N 215 
LEU CD2  C N N 216 
LEU OXT  O N N 217 
LEU H    H N N 218 
LEU H2   H N N 219 
LEU HA   H N N 220 
LEU HB2  H N N 221 
LEU HB3  H N N 222 
LEU HG   H N N 223 
LEU HD11 H N N 224 
LEU HD12 H N N 225 
LEU HD13 H N N 226 
LEU HD21 H N N 227 
LEU HD22 H N N 228 
LEU HD23 H N N 229 
LEU HXT  H N N 230 
LYS N    N N N 231 
LYS CA   C N S 232 
LYS C    C N N 233 
LYS O    O N N 234 
LYS CB   C N N 235 
LYS CG   C N N 236 
LYS CD   C N N 237 
LYS CE   C N N 238 
LYS NZ   N N N 239 
LYS OXT  O N N 240 
LYS H    H N N 241 
LYS H2   H N N 242 
LYS HA   H N N 243 
LYS HB2  H N N 244 
LYS HB3  H N N 245 
LYS HG2  H N N 246 
LYS HG3  H N N 247 
LYS HD2  H N N 248 
LYS HD3  H N N 249 
LYS HE2  H N N 250 
LYS HE3  H N N 251 
LYS HZ1  H N N 252 
LYS HZ2  H N N 253 
LYS HZ3  H N N 254 
LYS HXT  H N N 255 
MET N    N N N 256 
MET CA   C N S 257 
MET C    C N N 258 
MET O    O N N 259 
MET CB   C N N 260 
MET CG   C N N 261 
MET SD   S N N 262 
MET CE   C N N 263 
MET OXT  O N N 264 
MET H    H N N 265 
MET H2   H N N 266 
MET HA   H N N 267 
MET HB2  H N N 268 
MET HB3  H N N 269 
MET HG2  H N N 270 
MET HG3  H N N 271 
MET HE1  H N N 272 
MET HE2  H N N 273 
MET HE3  H N N 274 
MET HXT  H N N 275 
PHE N    N N N 276 
PHE CA   C N S 277 
PHE C    C N N 278 
PHE O    O N N 279 
PHE CB   C N N 280 
PHE CG   C Y N 281 
PHE CD1  C Y N 282 
PHE CD2  C Y N 283 
PHE CE1  C Y N 284 
PHE CE2  C Y N 285 
PHE CZ   C Y N 286 
PHE OXT  O N N 287 
PHE H    H N N 288 
PHE H2   H N N 289 
PHE HA   H N N 290 
PHE HB2  H N N 291 
PHE HB3  H N N 292 
PHE HD1  H N N 293 
PHE HD2  H N N 294 
PHE HE1  H N N 295 
PHE HE2  H N N 296 
PHE HZ   H N N 297 
PHE HXT  H N N 298 
PRO N    N N N 299 
PRO CA   C N S 300 
PRO C    C N N 301 
PRO O    O N N 302 
PRO CB   C N N 303 
PRO CG   C N N 304 
PRO CD   C N N 305 
PRO OXT  O N N 306 
PRO H    H N N 307 
PRO HA   H N N 308 
PRO HB2  H N N 309 
PRO HB3  H N N 310 
PRO HG2  H N N 311 
PRO HG3  H N N 312 
PRO HD2  H N N 313 
PRO HD3  H N N 314 
PRO HXT  H N N 315 
SER N    N N N 316 
SER CA   C N S 317 
SER C    C N N 318 
SER O    O N N 319 
SER CB   C N N 320 
SER OG   O N N 321 
SER OXT  O N N 322 
SER H    H N N 323 
SER H2   H N N 324 
SER HA   H N N 325 
SER HB2  H N N 326 
SER HB3  H N N 327 
SER HG   H N N 328 
SER HXT  H N N 329 
THR N    N N N 330 
THR CA   C N S 331 
THR C    C N N 332 
THR O    O N N 333 
THR CB   C N R 334 
THR OG1  O N N 335 
THR CG2  C N N 336 
THR OXT  O N N 337 
THR H    H N N 338 
THR H2   H N N 339 
THR HA   H N N 340 
THR HB   H N N 341 
THR HG1  H N N 342 
THR HG21 H N N 343 
THR HG22 H N N 344 
THR HG23 H N N 345 
THR HXT  H N N 346 
TRP N    N N N 347 
TRP CA   C N S 348 
TRP C    C N N 349 
TRP O    O N N 350 
TRP CB   C N N 351 
TRP CG   C Y N 352 
TRP CD1  C Y N 353 
TRP CD2  C Y N 354 
TRP NE1  N Y N 355 
TRP CE2  C Y N 356 
TRP CE3  C Y N 357 
TRP CZ2  C Y N 358 
TRP CZ3  C Y N 359 
TRP CH2  C Y N 360 
TRP OXT  O N N 361 
TRP H    H N N 362 
TRP H2   H N N 363 
TRP HA   H N N 364 
TRP HB2  H N N 365 
TRP HB3  H N N 366 
TRP HD1  H N N 367 
TRP HE1  H N N 368 
TRP HE3  H N N 369 
TRP HZ2  H N N 370 
TRP HZ3  H N N 371 
TRP HH2  H N N 372 
TRP HXT  H N N 373 
TYR N    N N N 374 
TYR CA   C N S 375 
TYR C    C N N 376 
TYR O    O N N 377 
TYR CB   C N N 378 
TYR CG   C Y N 379 
TYR CD1  C Y N 380 
TYR CD2  C Y N 381 
TYR CE1  C Y N 382 
TYR CE2  C Y N 383 
TYR CZ   C Y N 384 
TYR OH   O N N 385 
TYR OXT  O N N 386 
TYR H    H N N 387 
TYR H2   H N N 388 
TYR HA   H N N 389 
TYR HB2  H N N 390 
TYR HB3  H N N 391 
TYR HD1  H N N 392 
TYR HD2  H N N 393 
TYR HE1  H N N 394 
TYR HE2  H N N 395 
TYR HH   H N N 396 
TYR HXT  H N N 397 
VAL N    N N N 398 
VAL CA   C N S 399 
VAL C    C N N 400 
VAL O    O N N 401 
VAL CB   C N N 402 
VAL CG1  C N N 403 
VAL CG2  C N N 404 
VAL OXT  O N N 405 
VAL H    H N N 406 
VAL H2   H N N 407 
VAL HA   H N N 408 
VAL HB   H N N 409 
VAL HG11 H N N 410 
VAL HG12 H N N 411 
VAL HG13 H N N 412 
VAL HG21 H N N 413 
VAL HG22 H N N 414 
VAL HG23 H N N 415 
VAL HXT  H N N 416 
# 
loop_
_chem_comp_bond.comp_id 
_chem_comp_bond.atom_id_1 
_chem_comp_bond.atom_id_2 
_chem_comp_bond.value_order 
_chem_comp_bond.pdbx_aromatic_flag 
_chem_comp_bond.pdbx_stereo_config 
_chem_comp_bond.pdbx_ordinal 
7MZ C08 C09  doub Y N 1   
7MZ C08 C07  sing Y N 2   
7MZ C09 C04  sing Y N 3   
7MZ C07 C06  doub Y N 4   
7MZ N12 C13  doub Y N 5   
7MZ N12 C11  sing Y N 6   
7MZ C13 C14  sing Y N 7   
7MZ O03 C02  doub N N 8   
7MZ C04 C02  sing N N 9   
7MZ C04 C05  doub Y N 10  
7MZ C06 C05  sing Y N 11  
7MZ C06 O10  sing N N 12  
7MZ C02 C01  sing N N 13  
7MZ O10 C11  sing N N 14  
7MZ C11 N16  doub Y N 15  
7MZ C14 C15  doub Y N 16  
7MZ N16 C15  sing Y N 17  
7MZ C14 H1   sing N N 18  
7MZ C13 H2   sing N N 19  
7MZ C15 H3   sing N N 20  
7MZ C01 H4   sing N N 21  
7MZ C01 H5   sing N N 22  
7MZ C01 H6   sing N N 23  
7MZ C05 H7   sing N N 24  
7MZ C07 H8   sing N N 25  
7MZ C08 H9   sing N N 26  
7MZ C09 H10  sing N N 27  
ALA N   CA   sing N N 28  
ALA N   H    sing N N 29  
ALA N   H2   sing N N 30  
ALA CA  C    sing N N 31  
ALA CA  CB   sing N N 32  
ALA CA  HA   sing N N 33  
ALA C   O    doub N N 34  
ALA C   OXT  sing N N 35  
ALA CB  HB1  sing N N 36  
ALA CB  HB2  sing N N 37  
ALA CB  HB3  sing N N 38  
ALA OXT HXT  sing N N 39  
ARG N   CA   sing N N 40  
ARG N   H    sing N N 41  
ARG N   H2   sing N N 42  
ARG CA  C    sing N N 43  
ARG CA  CB   sing N N 44  
ARG CA  HA   sing N N 45  
ARG C   O    doub N N 46  
ARG C   OXT  sing N N 47  
ARG CB  CG   sing N N 48  
ARG CB  HB2  sing N N 49  
ARG CB  HB3  sing N N 50  
ARG CG  CD   sing N N 51  
ARG CG  HG2  sing N N 52  
ARG CG  HG3  sing N N 53  
ARG CD  NE   sing N N 54  
ARG CD  HD2  sing N N 55  
ARG CD  HD3  sing N N 56  
ARG NE  CZ   sing N N 57  
ARG NE  HE   sing N N 58  
ARG CZ  NH1  sing N N 59  
ARG CZ  NH2  doub N N 60  
ARG NH1 HH11 sing N N 61  
ARG NH1 HH12 sing N N 62  
ARG NH2 HH21 sing N N 63  
ARG NH2 HH22 sing N N 64  
ARG OXT HXT  sing N N 65  
ASN N   CA   sing N N 66  
ASN N   H    sing N N 67  
ASN N   H2   sing N N 68  
ASN CA  C    sing N N 69  
ASN CA  CB   sing N N 70  
ASN CA  HA   sing N N 71  
ASN C   O    doub N N 72  
ASN C   OXT  sing N N 73  
ASN CB  CG   sing N N 74  
ASN CB  HB2  sing N N 75  
ASN CB  HB3  sing N N 76  
ASN CG  OD1  doub N N 77  
ASN CG  ND2  sing N N 78  
ASN ND2 HD21 sing N N 79  
ASN ND2 HD22 sing N N 80  
ASN OXT HXT  sing N N 81  
ASP N   CA   sing N N 82  
ASP N   H    sing N N 83  
ASP N   H2   sing N N 84  
ASP CA  C    sing N N 85  
ASP CA  CB   sing N N 86  
ASP CA  HA   sing N N 87  
ASP C   O    doub N N 88  
ASP C   OXT  sing N N 89  
ASP CB  CG   sing N N 90  
ASP CB  HB2  sing N N 91  
ASP CB  HB3  sing N N 92  
ASP CG  OD1  doub N N 93  
ASP CG  OD2  sing N N 94  
ASP OD2 HD2  sing N N 95  
ASP OXT HXT  sing N N 96  
CYS N   CA   sing N N 97  
CYS N   H    sing N N 98  
CYS N   H2   sing N N 99  
CYS CA  C    sing N N 100 
CYS CA  CB   sing N N 101 
CYS CA  HA   sing N N 102 
CYS C   O    doub N N 103 
CYS C   OXT  sing N N 104 
CYS CB  SG   sing N N 105 
CYS CB  HB2  sing N N 106 
CYS CB  HB3  sing N N 107 
CYS SG  HG   sing N N 108 
CYS OXT HXT  sing N N 109 
GLN N   CA   sing N N 110 
GLN N   H    sing N N 111 
GLN N   H2   sing N N 112 
GLN CA  C    sing N N 113 
GLN CA  CB   sing N N 114 
GLN CA  HA   sing N N 115 
GLN C   O    doub N N 116 
GLN C   OXT  sing N N 117 
GLN CB  CG   sing N N 118 
GLN CB  HB2  sing N N 119 
GLN CB  HB3  sing N N 120 
GLN CG  CD   sing N N 121 
GLN CG  HG2  sing N N 122 
GLN CG  HG3  sing N N 123 
GLN CD  OE1  doub N N 124 
GLN CD  NE2  sing N N 125 
GLN NE2 HE21 sing N N 126 
GLN NE2 HE22 sing N N 127 
GLN OXT HXT  sing N N 128 
GLU N   CA   sing N N 129 
GLU N   H    sing N N 130 
GLU N   H2   sing N N 131 
GLU CA  C    sing N N 132 
GLU CA  CB   sing N N 133 
GLU CA  HA   sing N N 134 
GLU C   O    doub N N 135 
GLU C   OXT  sing N N 136 
GLU CB  CG   sing N N 137 
GLU CB  HB2  sing N N 138 
GLU CB  HB3  sing N N 139 
GLU CG  CD   sing N N 140 
GLU CG  HG2  sing N N 141 
GLU CG  HG3  sing N N 142 
GLU CD  OE1  doub N N 143 
GLU CD  OE2  sing N N 144 
GLU OE2 HE2  sing N N 145 
GLU OXT HXT  sing N N 146 
GLY N   CA   sing N N 147 
GLY N   H    sing N N 148 
GLY N   H2   sing N N 149 
GLY CA  C    sing N N 150 
GLY CA  HA2  sing N N 151 
GLY CA  HA3  sing N N 152 
GLY C   O    doub N N 153 
GLY C   OXT  sing N N 154 
GLY OXT HXT  sing N N 155 
HIS N   CA   sing N N 156 
HIS N   H    sing N N 157 
HIS N   H2   sing N N 158 
HIS CA  C    sing N N 159 
HIS CA  CB   sing N N 160 
HIS CA  HA   sing N N 161 
HIS C   O    doub N N 162 
HIS C   OXT  sing N N 163 
HIS CB  CG   sing N N 164 
HIS CB  HB2  sing N N 165 
HIS CB  HB3  sing N N 166 
HIS CG  ND1  sing Y N 167 
HIS CG  CD2  doub Y N 168 
HIS ND1 CE1  doub Y N 169 
HIS ND1 HD1  sing N N 170 
HIS CD2 NE2  sing Y N 171 
HIS CD2 HD2  sing N N 172 
HIS CE1 NE2  sing Y N 173 
HIS CE1 HE1  sing N N 174 
HIS NE2 HE2  sing N N 175 
HIS OXT HXT  sing N N 176 
HOH O   H1   sing N N 177 
HOH O   H2   sing N N 178 
ILE N   CA   sing N N 179 
ILE N   H    sing N N 180 
ILE N   H2   sing N N 181 
ILE CA  C    sing N N 182 
ILE CA  CB   sing N N 183 
ILE CA  HA   sing N N 184 
ILE C   O    doub N N 185 
ILE C   OXT  sing N N 186 
ILE CB  CG1  sing N N 187 
ILE CB  CG2  sing N N 188 
ILE CB  HB   sing N N 189 
ILE CG1 CD1  sing N N 190 
ILE CG1 HG12 sing N N 191 
ILE CG1 HG13 sing N N 192 
ILE CG2 HG21 sing N N 193 
ILE CG2 HG22 sing N N 194 
ILE CG2 HG23 sing N N 195 
ILE CD1 HD11 sing N N 196 
ILE CD1 HD12 sing N N 197 
ILE CD1 HD13 sing N N 198 
ILE OXT HXT  sing N N 199 
LEU N   CA   sing N N 200 
LEU N   H    sing N N 201 
LEU N   H2   sing N N 202 
LEU CA  C    sing N N 203 
LEU CA  CB   sing N N 204 
LEU CA  HA   sing N N 205 
LEU C   O    doub N N 206 
LEU C   OXT  sing N N 207 
LEU CB  CG   sing N N 208 
LEU CB  HB2  sing N N 209 
LEU CB  HB3  sing N N 210 
LEU CG  CD1  sing N N 211 
LEU CG  CD2  sing N N 212 
LEU CG  HG   sing N N 213 
LEU CD1 HD11 sing N N 214 
LEU CD1 HD12 sing N N 215 
LEU CD1 HD13 sing N N 216 
LEU CD2 HD21 sing N N 217 
LEU CD2 HD22 sing N N 218 
LEU CD2 HD23 sing N N 219 
LEU OXT HXT  sing N N 220 
LYS N   CA   sing N N 221 
LYS N   H    sing N N 222 
LYS N   H2   sing N N 223 
LYS CA  C    sing N N 224 
LYS CA  CB   sing N N 225 
LYS CA  HA   sing N N 226 
LYS C   O    doub N N 227 
LYS C   OXT  sing N N 228 
LYS CB  CG   sing N N 229 
LYS CB  HB2  sing N N 230 
LYS CB  HB3  sing N N 231 
LYS CG  CD   sing N N 232 
LYS CG  HG2  sing N N 233 
LYS CG  HG3  sing N N 234 
LYS CD  CE   sing N N 235 
LYS CD  HD2  sing N N 236 
LYS CD  HD3  sing N N 237 
LYS CE  NZ   sing N N 238 
LYS CE  HE2  sing N N 239 
LYS CE  HE3  sing N N 240 
LYS NZ  HZ1  sing N N 241 
LYS NZ  HZ2  sing N N 242 
LYS NZ  HZ3  sing N N 243 
LYS OXT HXT  sing N N 244 
MET N   CA   sing N N 245 
MET N   H    sing N N 246 
MET N   H2   sing N N 247 
MET CA  C    sing N N 248 
MET CA  CB   sing N N 249 
MET CA  HA   sing N N 250 
MET C   O    doub N N 251 
MET C   OXT  sing N N 252 
MET CB  CG   sing N N 253 
MET CB  HB2  sing N N 254 
MET CB  HB3  sing N N 255 
MET CG  SD   sing N N 256 
MET CG  HG2  sing N N 257 
MET CG  HG3  sing N N 258 
MET SD  CE   sing N N 259 
MET CE  HE1  sing N N 260 
MET CE  HE2  sing N N 261 
MET CE  HE3  sing N N 262 
MET OXT HXT  sing N N 263 
PHE N   CA   sing N N 264 
PHE N   H    sing N N 265 
PHE N   H2   sing N N 266 
PHE CA  C    sing N N 267 
PHE CA  CB   sing N N 268 
PHE CA  HA   sing N N 269 
PHE C   O    doub N N 270 
PHE C   OXT  sing N N 271 
PHE CB  CG   sing N N 272 
PHE CB  HB2  sing N N 273 
PHE CB  HB3  sing N N 274 
PHE CG  CD1  doub Y N 275 
PHE CG  CD2  sing Y N 276 
PHE CD1 CE1  sing Y N 277 
PHE CD1 HD1  sing N N 278 
PHE CD2 CE2  doub Y N 279 
PHE CD2 HD2  sing N N 280 
PHE CE1 CZ   doub Y N 281 
PHE CE1 HE1  sing N N 282 
PHE CE2 CZ   sing Y N 283 
PHE CE2 HE2  sing N N 284 
PHE CZ  HZ   sing N N 285 
PHE OXT HXT  sing N N 286 
PRO N   CA   sing N N 287 
PRO N   CD   sing N N 288 
PRO N   H    sing N N 289 
PRO CA  C    sing N N 290 
PRO CA  CB   sing N N 291 
PRO CA  HA   sing N N 292 
PRO C   O    doub N N 293 
PRO C   OXT  sing N N 294 
PRO CB  CG   sing N N 295 
PRO CB  HB2  sing N N 296 
PRO CB  HB3  sing N N 297 
PRO CG  CD   sing N N 298 
PRO CG  HG2  sing N N 299 
PRO CG  HG3  sing N N 300 
PRO CD  HD2  sing N N 301 
PRO CD  HD3  sing N N 302 
PRO OXT HXT  sing N N 303 
SER N   CA   sing N N 304 
SER N   H    sing N N 305 
SER N   H2   sing N N 306 
SER CA  C    sing N N 307 
SER CA  CB   sing N N 308 
SER CA  HA   sing N N 309 
SER C   O    doub N N 310 
SER C   OXT  sing N N 311 
SER CB  OG   sing N N 312 
SER CB  HB2  sing N N 313 
SER CB  HB3  sing N N 314 
SER OG  HG   sing N N 315 
SER OXT HXT  sing N N 316 
THR N   CA   sing N N 317 
THR N   H    sing N N 318 
THR N   H2   sing N N 319 
THR CA  C    sing N N 320 
THR CA  CB   sing N N 321 
THR CA  HA   sing N N 322 
THR C   O    doub N N 323 
THR C   OXT  sing N N 324 
THR CB  OG1  sing N N 325 
THR CB  CG2  sing N N 326 
THR CB  HB   sing N N 327 
THR OG1 HG1  sing N N 328 
THR CG2 HG21 sing N N 329 
THR CG2 HG22 sing N N 330 
THR CG2 HG23 sing N N 331 
THR OXT HXT  sing N N 332 
TRP N   CA   sing N N 333 
TRP N   H    sing N N 334 
TRP N   H2   sing N N 335 
TRP CA  C    sing N N 336 
TRP CA  CB   sing N N 337 
TRP CA  HA   sing N N 338 
TRP C   O    doub N N 339 
TRP C   OXT  sing N N 340 
TRP CB  CG   sing N N 341 
TRP CB  HB2  sing N N 342 
TRP CB  HB3  sing N N 343 
TRP CG  CD1  doub Y N 344 
TRP CG  CD2  sing Y N 345 
TRP CD1 NE1  sing Y N 346 
TRP CD1 HD1  sing N N 347 
TRP CD2 CE2  doub Y N 348 
TRP CD2 CE3  sing Y N 349 
TRP NE1 CE2  sing Y N 350 
TRP NE1 HE1  sing N N 351 
TRP CE2 CZ2  sing Y N 352 
TRP CE3 CZ3  doub Y N 353 
TRP CE3 HE3  sing N N 354 
TRP CZ2 CH2  doub Y N 355 
TRP CZ2 HZ2  sing N N 356 
TRP CZ3 CH2  sing Y N 357 
TRP CZ3 HZ3  sing N N 358 
TRP CH2 HH2  sing N N 359 
TRP OXT HXT  sing N N 360 
TYR N   CA   sing N N 361 
TYR N   H    sing N N 362 
TYR N   H2   sing N N 363 
TYR CA  C    sing N N 364 
TYR CA  CB   sing N N 365 
TYR CA  HA   sing N N 366 
TYR C   O    doub N N 367 
TYR C   OXT  sing N N 368 
TYR CB  CG   sing N N 369 
TYR CB  HB2  sing N N 370 
TYR CB  HB3  sing N N 371 
TYR CG  CD1  doub Y N 372 
TYR CG  CD2  sing Y N 373 
TYR CD1 CE1  sing Y N 374 
TYR CD1 HD1  sing N N 375 
TYR CD2 CE2  doub Y N 376 
TYR CD2 HD2  sing N N 377 
TYR CE1 CZ   doub Y N 378 
TYR CE1 HE1  sing N N 379 
TYR CE2 CZ   sing Y N 380 
TYR CE2 HE2  sing N N 381 
TYR CZ  OH   sing N N 382 
TYR OH  HH   sing N N 383 
TYR OXT HXT  sing N N 384 
VAL N   CA   sing N N 385 
VAL N   H    sing N N 386 
VAL N   H2   sing N N 387 
VAL CA  C    sing N N 388 
VAL CA  CB   sing N N 389 
VAL CA  HA   sing N N 390 
VAL C   O    doub N N 391 
VAL C   OXT  sing N N 392 
VAL CB  CG1  sing N N 393 
VAL CB  CG2  sing N N 394 
VAL CB  HB   sing N N 395 
VAL CG1 HG11 sing N N 396 
VAL CG1 HG12 sing N N 397 
VAL CG1 HG13 sing N N 398 
VAL CG2 HG21 sing N N 399 
VAL CG2 HG22 sing N N 400 
VAL CG2 HG23 sing N N 401 
VAL OXT HXT  sing N N 402 
# 
_pdbx_audit_support.funding_organization   'Swiss National Science Foundation' 
_pdbx_audit_support.country                Switzerland 
_pdbx_audit_support.grant_number           31003A_169007 
_pdbx_audit_support.ordinal                1 
# 
_pdbx_initial_refinement_model.id               1 
_pdbx_initial_refinement_model.entity_id_list   ? 
_pdbx_initial_refinement_model.type             'experimental model' 
_pdbx_initial_refinement_model.source_name      PDB 
_pdbx_initial_refinement_model.accession_code   4LZ2 
_pdbx_initial_refinement_model.details          ? 
# 
_atom_sites.entry_id                    5MGM 
_atom_sites.fract_transf_matrix[1][1]   0.00689284 
_atom_sites.fract_transf_matrix[1][2]   -0.00656350 
_atom_sites.fract_transf_matrix[1][3]   -0.00758831 
_atom_sites.fract_transf_matrix[2][1]   -0.00510501 
_atom_sites.fract_transf_matrix[2][2]   -0.00854000 
_atom_sites.fract_transf_matrix[2][3]   -0.00701351 
_atom_sites.fract_transf_matrix[3][1]   -0.00446632 
_atom_sites.fract_transf_matrix[3][2]   0.02071993 
_atom_sites.fract_transf_matrix[3][3]   -0.02197866 
_atom_sites.fract_transf_vector[1]      -0.858216 
_atom_sites.fract_transf_vector[2]      0.626805 
_atom_sites.fract_transf_vector[3]      0.998816 
# 
loop_
_atom_type.symbol 
C 
N 
O 
S 
# 
loop_
_atom_site.group_PDB 
_atom_site.id 
_atom_site.type_symbol 
_atom_site.label_atom_id 
_atom_site.label_alt_id 
_atom_site.label_comp_id 
_atom_site.label_asym_id 
_atom_site.label_entity_id 
_atom_site.label_seq_id 
_atom_site.pdbx_PDB_ins_code 
_atom_site.Cartn_x 
_atom_site.Cartn_y 
_atom_site.Cartn_z 
_atom_site.occupancy 
_atom_site.B_iso_or_equiv 
_atom_site.pdbx_formal_charge 
_atom_site.auth_seq_id 
_atom_site.auth_comp_id 
_atom_site.auth_asym_id 
_atom_site.auth_atom_id 
_atom_site.pdbx_PDB_model_num 
ATOM   1   N N   . LEU A 1 6   ? -10.226 -7.128  -12.554 1.00 62.96 ? 1799 LEU A N   1 
ATOM   2   C CA  . LEU A 1 6   ? -8.834  -7.382  -12.061 1.00 63.04 ? 1799 LEU A CA  1 
ATOM   3   C C   . LEU A 1 6   ? -7.729  -6.845  -12.980 1.00 63.02 ? 1799 LEU A C   1 
ATOM   4   O O   . LEU A 1 6   ? -6.554  -6.864  -12.606 1.00 61.88 ? 1799 LEU A O   1 
ATOM   5   C CB  . LEU A 1 6   ? -8.613  -8.881  -11.810 1.00 62.95 ? 1799 LEU A CB  1 
ATOM   6   C CG  . LEU A 1 6   ? -8.731  -9.324  -10.348 1.00 63.10 ? 1799 LEU A CG  1 
ATOM   7   C CD1 . LEU A 1 6   ? -10.164 -9.205  -9.854  1.00 62.93 ? 1799 LEU A CD1 1 
ATOM   8   C CD2 . LEU A 1 6   ? -8.218  -10.746 -10.168 1.00 63.55 ? 1799 LEU A CD2 1 
ATOM   9   N N   . THR A 1 7   ? -8.092  -6.379  -14.173 1.00 63.51 ? 1800 THR A N   1 
ATOM   10  C CA  . THR A 1 7   ? -7.116  -5.785  -15.083 1.00 64.16 ? 1800 THR A CA  1 
ATOM   11  C C   . THR A 1 7   ? -6.710  -4.391  -14.600 1.00 64.03 ? 1800 THR A C   1 
ATOM   12  O O   . THR A 1 7   ? -5.548  -4.006  -14.731 1.00 64.48 ? 1800 THR A O   1 
ATOM   13  C CB  . THR A 1 7   ? -7.655  -5.706  -16.526 1.00 64.43 ? 1800 THR A CB  1 
ATOM   14  O OG1 . THR A 1 7   ? -8.167  -6.985  -16.916 1.00 64.26 ? 1800 THR A OG1 1 
ATOM   15  C CG2 . THR A 1 7   ? -6.552  -5.286  -17.499 1.00 64.22 ? 1800 THR A CG2 1 
ATOM   16  N N   . PHE A 1 8   ? -7.660  -3.642  -14.040 1.00 63.39 ? 1801 PHE A N   1 
ATOM   17  C CA  . PHE A 1 8   ? -7.356  -2.326  -13.472 1.00 63.30 ? 1801 PHE A CA  1 
ATOM   18  C C   . PHE A 1 8   ? -6.536  -2.446  -12.183 1.00 60.99 ? 1801 PHE A C   1 
ATOM   19  O O   . PHE A 1 8   ? -5.748  -1.556  -11.861 1.00 60.19 ? 1801 PHE A O   1 
ATOM   20  C CB  . PHE A 1 8   ? -8.636  -1.519  -13.219 1.00 65.17 ? 1801 PHE A CB  1 
ATOM   21  C CG  . PHE A 1 8   ? -8.384  -0.051  -12.991 1.00 67.70 ? 1801 PHE A CG  1 
ATOM   22  C CD1 . PHE A 1 8   ? -8.032  0.779   -14.051 1.00 69.00 ? 1801 PHE A CD1 1 
ATOM   23  C CD2 . PHE A 1 8   ? -8.484  0.502   -11.718 1.00 68.93 ? 1801 PHE A CD2 1 
ATOM   24  C CE1 . PHE A 1 8   ? -7.793  2.131   -13.849 1.00 68.99 ? 1801 PHE A CE1 1 
ATOM   25  C CE2 . PHE A 1 8   ? -8.246  1.853   -11.511 1.00 68.99 ? 1801 PHE A CE2 1 
ATOM   26  C CZ  . PHE A 1 8   ? -7.899  2.667   -12.577 1.00 69.14 ? 1801 PHE A CZ  1 
ATOM   27  N N   . CYS A 1 9   ? -6.723  -3.546  -11.455 1.00 59.17 ? 1802 CYS A N   1 
ATOM   28  C CA  . CYS A 1 9   ? -5.900  -3.847  -10.280 1.00 57.92 ? 1802 CYS A CA  1 
ATOM   29  C C   . CYS A 1 9   ? -4.428  -4.011  -10.665 1.00 55.50 ? 1802 CYS A C   1 
ATOM   30  O O   . CYS A 1 9   ? -3.533  -3.632  -9.910  1.00 54.58 ? 1802 CYS A O   1 
ATOM   31  C CB  . CYS A 1 9   ? -6.402  -5.114  -9.579  1.00 58.26 ? 1802 CYS A CB  1 
ATOM   32  S SG  . CYS A 1 9   ? -8.089  -4.991  -8.933  1.00 59.21 ? 1802 CYS A SG  1 
ATOM   33  N N   . GLU A 1 10  ? -4.188  -4.583  -11.841 1.00 53.51 ? 1803 GLU A N   1 
ATOM   34  C CA  . GLU A 1 10  ? -2.842  -4.679  -12.389 1.00 52.11 ? 1803 GLU A CA  1 
ATOM   35  C C   . GLU A 1 10  ? -2.327  -3.294  -12.777 1.00 49.91 ? 1803 GLU A C   1 
ATOM   36  O O   . GLU A 1 10  ? -1.209  -2.917  -12.427 1.00 48.57 ? 1803 GLU A O   1 
ATOM   37  C CB  . GLU A 1 10  ? -2.829  -5.617  -13.605 1.00 52.83 ? 1803 GLU A CB  1 
ATOM   38  C CG  . GLU A 1 10  ? -1.496  -5.693  -14.338 1.00 54.10 ? 1803 GLU A CG  1 
ATOM   39  C CD  . GLU A 1 10  ? -0.355  -6.111  -13.433 1.00 55.00 ? 1803 GLU A CD  1 
ATOM   40  O OE1 . GLU A 1 10  ? -0.436  -7.219  -12.853 1.00 55.33 ? 1803 GLU A OE1 1 
ATOM   41  O OE2 . GLU A 1 10  ? 0.623   -5.340  -13.302 1.00 53.79 ? 1803 GLU A OE2 1 
ATOM   42  N N   . ILE A 1 11  ? -3.158  -2.541  -13.494 1.00 48.22 ? 1804 ILE A N   1 
ATOM   43  C CA  . ILE A 1 11  ? -2.775  -1.219  -13.985 1.00 47.16 ? 1804 ILE A CA  1 
ATOM   44  C C   . ILE A 1 11  ? -2.437  -0.282  -12.828 1.00 46.20 ? 1804 ILE A C   1 
ATOM   45  O O   . ILE A 1 11  ? -1.416  0.402   -12.859 1.00 46.24 ? 1804 ILE A O   1 
ATOM   46  C CB  . ILE A 1 11  ? -3.885  -0.589  -14.861 1.00 47.23 ? 1804 ILE A CB  1 
ATOM   47  C CG1 . ILE A 1 11  ? -4.076  -1.398  -16.149 1.00 47.12 ? 1804 ILE A CG1 1 
ATOM   48  C CG2 . ILE A 1 11  ? -3.542  0.853   -15.220 1.00 47.73 ? 1804 ILE A CG2 1 
ATOM   49  C CD1 . ILE A 1 11  ? -5.380  -1.120  -16.869 1.00 47.13 ? 1804 ILE A CD1 1 
ATOM   50  N N   . ILE A 1 12  ? -3.294  -0.257  -11.810 1.00 45.33 ? 1805 ILE A N   1 
ATOM   51  C CA  . ILE A 1 12  ? -3.092  0.634   -10.663 1.00 44.70 ? 1805 ILE A CA  1 
ATOM   52  C C   . ILE A 1 12  ? -1.926  0.188   -9.768  1.00 43.15 ? 1805 ILE A C   1 
ATOM   53  O O   . ILE A 1 12  ? -1.216  1.033   -9.222  1.00 42.67 ? 1805 ILE A O   1 
ATOM   54  C CB  . ILE A 1 12  ? -4.389  0.806   -9.833  1.00 45.24 ? 1805 ILE A CB  1 
ATOM   55  C CG1 . ILE A 1 12  ? -4.300  2.053   -8.950  1.00 45.51 ? 1805 ILE A CG1 1 
ATOM   56  C CG2 . ILE A 1 12  ? -4.681  -0.428  -8.987  1.00 45.76 ? 1805 ILE A CG2 1 
ATOM   57  C CD1 . ILE A 1 12  ? -5.621  2.440   -8.317  1.00 45.81 ? 1805 ILE A CD1 1 
ATOM   58  N N   . LEU A 1 13  ? -1.722  -1.124  -9.629  1.00 41.67 ? 1806 LEU A N   1 
ATOM   59  C CA  . LEU A 1 13  ? -0.598  -1.647  -8.847  1.00 40.98 ? 1806 LEU A CA  1 
ATOM   60  C C   . LEU A 1 13  ? 0.720   -1.396  -9.571  1.00 41.67 ? 1806 LEU A C   1 
ATOM   61  O O   . LEU A 1 13  ? 1.712   -1.022  -8.947  1.00 41.63 ? 1806 LEU A O   1 
ATOM   62  C CB  . LEU A 1 13  ? -0.767  -3.142  -8.567  1.00 40.38 ? 1806 LEU A CB  1 
ATOM   63  C CG  . LEU A 1 13  ? 0.280   -3.805  -7.659  1.00 40.19 ? 1806 LEU A CG  1 
ATOM   64  C CD1 . LEU A 1 13  ? 0.461   -3.055  -6.343  1.00 39.86 ? 1806 LEU A CD1 1 
ATOM   65  C CD2 . LEU A 1 13  ? -0.097  -5.257  -7.402  1.00 39.91 ? 1806 LEU A CD2 1 
ATOM   66  N N   . MET A 1 14  ? 0.725   -1.610  -10.884 1.00 42.73 ? 1807 MET A N   1 
ATOM   67  C CA  . MET A 1 14  ? 1.863   -1.251  -11.724 1.00 43.74 ? 1807 MET A CA  1 
ATOM   68  C C   . MET A 1 14  ? 2.227   0.214   -11.512 1.00 42.68 ? 1807 MET A C   1 
ATOM   69  O O   . MET A 1 14  ? 3.381   0.539   -11.233 1.00 43.02 ? 1807 MET A O   1 
ATOM   70  C CB  . MET A 1 14  ? 1.519   -1.488  -13.196 1.00 46.88 ? 1807 MET A CB  1 
ATOM   71  C CG  . MET A 1 14  ? 2.578   -1.036  -14.194 1.00 49.78 ? 1807 MET A CG  1 
ATOM   72  S SD  . MET A 1 14  ? 1.932   -0.965  -15.882 1.00 54.23 ? 1807 MET A SD  1 
ATOM   73  C CE  . MET A 1 14  ? 0.958   0.541   -15.831 1.00 53.37 ? 1807 MET A CE  1 
ATOM   74  N N   . GLU A 1 15  ? 1.228   1.086   -11.639 1.00 41.03 ? 1808 GLU A N   1 
ATOM   75  C CA  . GLU A 1 15  ? 1.434   2.533   -11.533 1.00 39.88 ? 1808 GLU A CA  1 
ATOM   76  C C   . GLU A 1 15  ? 1.798   2.982   -10.127 1.00 37.68 ? 1808 GLU A C   1 
ATOM   77  O O   . GLU A 1 15  ? 2.509   3.970   -9.961  1.00 37.20 ? 1808 GLU A O   1 
ATOM   78  C CB  . GLU A 1 15  ? 0.196   3.290   -12.014 1.00 41.38 ? 1808 GLU A CB  1 
ATOM   79  C CG  . GLU A 1 15  ? 0.014   3.239   -13.524 1.00 42.94 ? 1808 GLU A CG  1 
ATOM   80  C CD  . GLU A 1 15  ? -1.300  3.840   -13.988 1.00 44.02 ? 1808 GLU A CD  1 
ATOM   81  O OE1 . GLU A 1 15  ? -2.280  3.833   -13.211 1.00 45.11 ? 1808 GLU A OE1 1 
ATOM   82  O OE2 . GLU A 1 15  ? -1.354  4.310   -15.143 1.00 44.29 ? 1808 GLU A OE2 1 
ATOM   83  N N   . MET A 1 16  ? 1.302   2.269   -9.119  1.00 36.38 ? 1809 MET A N   1 
ATOM   84  C CA  . MET A 1 16  ? 1.688   2.537   -7.733  1.00 35.68 ? 1809 MET A CA  1 
ATOM   85  C C   . MET A 1 16  ? 3.119   2.084   -7.469  1.00 34.90 ? 1809 MET A C   1 
ATOM   86  O O   . MET A 1 16  ? 3.886   2.810   -6.849  1.00 34.65 ? 1809 MET A O   1 
ATOM   87  C CB  . MET A 1 16  ? 0.735   1.857   -6.742  1.00 35.99 ? 1809 MET A CB  1 
ATOM   88  C CG  . MET A 1 16  ? -0.528  2.650   -6.454  1.00 36.00 ? 1809 MET A CG  1 
ATOM   89  S SD  . MET A 1 16  ? -1.436  1.989   -5.047  1.00 37.01 ? 1809 MET A SD  1 
ATOM   90  C CE  . MET A 1 16  ? -2.043  0.435   -5.703  1.00 36.66 ? 1809 MET A CE  1 
ATOM   91  N N   . GLU A 1 17  ? 3.469   0.890   -7.945  1.00 34.74 ? 1810 GLU A N   1 
ATOM   92  C CA  . GLU A 1 17  ? 4.841   0.368   -7.827  1.00 34.70 ? 1810 GLU A CA  1 
ATOM   93  C C   . GLU A 1 17  ? 5.885   1.280   -8.474  1.00 34.17 ? 1810 GLU A C   1 
ATOM   94  O O   . GLU A 1 17  ? 6.958   1.511   -7.907  1.00 33.70 ? 1810 GLU A O   1 
ATOM   95  C CB  . GLU A 1 17  ? 4.934   -1.032  -8.438  1.00 35.07 ? 1810 GLU A CB  1 
ATOM   96  C CG  . GLU A 1 17  ? 4.368   -2.118  -7.537  1.00 36.03 ? 1810 GLU A CG  1 
ATOM   97  C CD  . GLU A 1 17  ? 4.323   -3.483  -8.198  1.00 36.86 ? 1810 GLU A CD  1 
ATOM   98  O OE1 . GLU A 1 17  ? 3.996   -3.557  -9.405  1.00 36.97 ? 1810 GLU A OE1 1 
ATOM   99  O OE2 . GLU A 1 17  ? 4.601   -4.486  -7.498  1.00 37.82 ? 1810 GLU A OE2 1 
ATOM   100 N N   . SER A 1 18  ? 5.557   1.802   -9.654  1.00 33.31 ? 1811 SER A N   1 
ATOM   101 C CA  . SER A 1 18  ? 6.463   2.668   -10.405 1.00 33.17 ? 1811 SER A CA  1 
ATOM   102 C C   . SER A 1 18  ? 6.345   4.158   -10.038 1.00 32.72 ? 1811 SER A C   1 
ATOM   103 O O   . SER A 1 18  ? 7.036   4.994   -10.619 1.00 32.76 ? 1811 SER A O   1 
ATOM   104 C CB  . SER A 1 18  ? 6.206   2.485   -11.894 1.00 33.60 ? 1811 SER A CB  1 
ATOM   105 O OG  . SER A 1 18  ? 4.849   2.753   -12.187 1.00 34.65 ? 1811 SER A OG  1 
ATOM   106 N N   . HIS A 1 19  ? 5.482   4.480   -9.077  1.00 32.12 ? 1812 HIS A N   1 
ATOM   107 C CA  . HIS A 1 19  ? 5.308   5.854   -8.597  1.00 31.47 ? 1812 HIS A CA  1 
ATOM   108 C C   . HIS A 1 19  ? 6.548   6.314   -7.818  1.00 31.27 ? 1812 HIS A C   1 
ATOM   109 O O   . HIS A 1 19  ? 7.261   5.494   -7.245  1.00 31.51 ? 1812 HIS A O   1 
ATOM   110 C CB  . HIS A 1 19  ? 4.060   5.924   -7.709  1.00 31.30 ? 1812 HIS A CB  1 
ATOM   111 C CG  . HIS A 1 19  ? 3.491   7.300   -7.560  1.00 31.23 ? 1812 HIS A CG  1 
ATOM   112 N ND1 . HIS A 1 19  ? 3.977   8.207   -6.646  1.00 31.19 ? 1812 HIS A ND1 1 
ATOM   113 C CD2 . HIS A 1 19  ? 2.458   7.912   -8.184  1.00 31.46 ? 1812 HIS A CD2 1 
ATOM   114 C CE1 . HIS A 1 19  ? 3.281   9.326   -6.723  1.00 31.02 ? 1812 HIS A CE1 1 
ATOM   115 N NE2 . HIS A 1 19  ? 2.351   9.173   -7.647  1.00 31.29 ? 1812 HIS A NE2 1 
ATOM   116 N N   . ASP A 1 20  ? 6.802   7.622   -7.804  1.00 31.49 ? 1813 ASP A N   1 
ATOM   117 C CA  . ASP A 1 20  ? 7.979   8.182   -7.124  1.00 31.75 ? 1813 ASP A CA  1 
ATOM   118 C C   . ASP A 1 20  ? 7.909   7.986   -5.615  1.00 31.66 ? 1813 ASP A C   1 
ATOM   119 O O   . ASP A 1 20  ? 8.849   7.480   -5.003  1.00 33.02 ? 1813 ASP A O   1 
ATOM   120 C CB  . ASP A 1 20  ? 8.123   9.684   -7.412  1.00 32.57 ? 1813 ASP A CB  1 
ATOM   121 C CG  . ASP A 1 20  ? 8.573   9.979   -8.834  1.00 33.18 ? 1813 ASP A CG  1 
ATOM   122 O OD1 . ASP A 1 20  ? 8.570   9.061   -9.686  1.00 33.81 ? 1813 ASP A OD1 1 
ATOM   123 O OD2 . ASP A 1 20  ? 8.926   11.150  -9.098  1.00 33.53 ? 1813 ASP A OD2 1 
ATOM   124 N N   . ALA A 1 21  ? 6.799   8.417   -5.024  1.00 30.83 ? 1814 ALA A N   1 
ATOM   125 C CA  . ALA A 1 21  ? 6.541   8.267   -3.585  1.00 30.37 ? 1814 ALA A CA  1 
ATOM   126 C C   . ALA A 1 21  ? 6.242   6.838   -3.080  1.00 29.78 ? 1814 ALA A C   1 
ATOM   127 O O   . ALA A 1 21  ? 5.893   6.668   -1.910  1.00 29.54 ? 1814 ALA A O   1 
ATOM   128 C CB  . ALA A 1 21  ? 5.404   9.197   -3.178  1.00 30.29 ? 1814 ALA A CB  1 
ATOM   129 N N   . ALA A 1 22  ? 6.385   5.821   -3.933  1.00 29.31 ? 1815 ALA A N   1 
ATOM   130 C CA  . ALA A 1 22  ? 6.086   4.430   -3.544  1.00 29.31 ? 1815 ALA A CA  1 
ATOM   131 C C   . ALA A 1 22  ? 7.173   3.754   -2.696  1.00 29.11 ? 1815 ALA A C   1 
ATOM   132 O O   . ALA A 1 22  ? 6.934   2.691   -2.123  1.00 28.58 ? 1815 ALA A O   1 
ATOM   133 C CB  . ALA A 1 22  ? 5.811   3.591   -4.784  1.00 28.97 ? 1815 ALA A CB  1 
ATOM   134 N N   . TRP A 1 23  ? 8.349   4.373   -2.608  1.00 29.52 ? 1816 TRP A N   1 
ATOM   135 C CA  . TRP A 1 23  ? 9.521   3.753   -1.976  1.00 29.79 ? 1816 TRP A CA  1 
ATOM   136 C C   . TRP A 1 23  ? 9.306   3.141   -0.578  1.00 30.66 ? 1816 TRP A C   1 
ATOM   137 O O   . TRP A 1 23  ? 9.880   2.088   -0.291  1.00 32.06 ? 1816 TRP A O   1 
ATOM   138 C CB  . TRP A 1 23  ? 10.725  4.706   -1.989  1.00 29.39 ? 1816 TRP A CB  1 
ATOM   139 C CG  . TRP A 1 23  ? 10.534  5.972   -1.224  1.00 29.27 ? 1816 TRP A CG  1 
ATOM   140 C CD1 . TRP A 1 23  ? 10.140  7.177   -1.723  1.00 29.03 ? 1816 TRP A CD1 1 
ATOM   141 C CD2 . TRP A 1 23  ? 10.743  6.167   0.182   1.00 29.38 ? 1816 TRP A CD2 1 
ATOM   142 N NE1 . TRP A 1 23  ? 10.083  8.112   -0.717  1.00 29.24 ? 1816 TRP A NE1 1 
ATOM   143 C CE2 . TRP A 1 23  ? 10.448  7.517   0.463   1.00 29.41 ? 1816 TRP A CE2 1 
ATOM   144 C CE3 . TRP A 1 23  ? 11.138  5.327   1.233   1.00 29.35 ? 1816 TRP A CE3 1 
ATOM   145 C CZ2 . TRP A 1 23  ? 10.541  8.053   1.754   1.00 29.53 ? 1816 TRP A CZ2 1 
ATOM   146 C CZ3 . TRP A 1 23  ? 11.231  5.860   2.516   1.00 29.37 ? 1816 TRP A CZ3 1 
ATOM   147 C CH2 . TRP A 1 23  ? 10.933  7.211   2.763   1.00 29.47 ? 1816 TRP A CH2 1 
ATOM   148 N N   . PRO A 1 24  ? 8.495   3.780   0.296   1.00 30.58 ? 1817 PRO A N   1 
ATOM   149 C CA  . PRO A 1 24  ? 8.322   3.158   1.614   1.00 30.38 ? 1817 PRO A CA  1 
ATOM   150 C C   . PRO A 1 24  ? 7.416   1.920   1.656   1.00 30.57 ? 1817 PRO A C   1 
ATOM   151 O O   . PRO A 1 24  ? 7.334   1.272   2.702   1.00 30.20 ? 1817 PRO A O   1 
ATOM   152 C CB  . PRO A 1 24  ? 7.700   4.288   2.459   1.00 30.41 ? 1817 PRO A CB  1 
ATOM   153 C CG  . PRO A 1 24  ? 7.642   5.498   1.582   1.00 30.47 ? 1817 PRO A CG  1 
ATOM   154 C CD  . PRO A 1 24  ? 7.671   4.994   0.171   1.00 30.53 ? 1817 PRO A CD  1 
ATOM   155 N N   . PHE A 1 25  ? 6.756   1.601   0.540   1.00 30.98 ? 1818 PHE A N   1 
ATOM   156 C CA  . PHE A 1 25  ? 5.730   0.549   0.502   1.00 31.37 ? 1818 PHE A CA  1 
ATOM   157 C C   . PHE A 1 25  ? 6.009   -0.534  -0.543  1.00 32.58 ? 1818 PHE A C   1 
ATOM   158 O O   . PHE A 1 25  ? 5.126   -1.338  -0.852  1.00 32.03 ? 1818 PHE A O   1 
ATOM   159 C CB  . PHE A 1 25  ? 4.362   1.192   0.228   1.00 30.81 ? 1818 PHE A CB  1 
ATOM   160 C CG  . PHE A 1 25  ? 4.155   2.490   0.960   1.00 30.58 ? 1818 PHE A CG  1 
ATOM   161 C CD1 . PHE A 1 25  ? 3.873   2.498   2.322   1.00 30.43 ? 1818 PHE A CD1 1 
ATOM   162 C CD2 . PHE A 1 25  ? 4.272   3.706   0.298   1.00 30.11 ? 1818 PHE A CD2 1 
ATOM   163 C CE1 . PHE A 1 25  ? 3.698   3.692   3.005   1.00 30.31 ? 1818 PHE A CE1 1 
ATOM   164 C CE2 . PHE A 1 25  ? 4.097   4.902   0.976   1.00 29.98 ? 1818 PHE A CE2 1 
ATOM   165 C CZ  . PHE A 1 25  ? 3.811   4.894   2.330   1.00 30.23 ? 1818 PHE A CZ  1 
ATOM   166 N N   . LEU A 1 26  ? 7.233   -0.560  -1.071  1.00 34.53 ? 1819 LEU A N   1 
ATOM   167 C CA  . LEU A 1 26  ? 7.616   -1.512  -2.118  1.00 35.89 ? 1819 LEU A CA  1 
ATOM   168 C C   . LEU A 1 26  ? 7.860   -2.896  -1.538  1.00 38.09 ? 1819 LEU A C   1 
ATOM   169 O O   . LEU A 1 26  ? 7.416   -3.895  -2.105  1.00 37.90 ? 1819 LEU A O   1 
ATOM   170 C CB  . LEU A 1 26  ? 8.879   -1.042  -2.845  1.00 35.45 ? 1819 LEU A CB  1 
ATOM   171 C CG  . LEU A 1 26  ? 8.738   0.165   -3.776  1.00 34.92 ? 1819 LEU A CG  1 
ATOM   172 C CD1 . LEU A 1 26  ? 10.106  0.708   -4.158  1.00 34.70 ? 1819 LEU A CD1 1 
ATOM   173 C CD2 . LEU A 1 26  ? 7.941   -0.197  -5.020  1.00 34.86 ? 1819 LEU A CD2 1 
ATOM   174 N N   . GLU A 1 27  ? 8.586   -2.941  -0.421  1.00 41.01 ? 1820 GLU A N   1 
ATOM   175 C CA  . GLU A 1 27  ? 8.859   -4.184  0.303   1.00 43.19 ? 1820 GLU A CA  1 
ATOM   176 C C   . GLU A 1 27  ? 8.304   -4.089  1.730   1.00 42.68 ? 1820 GLU A C   1 
ATOM   177 O O   . GLU A 1 27  ? 8.077   -2.984  2.227   1.00 42.48 ? 1820 GLU A O   1 
ATOM   178 C CB  . GLU A 1 27  ? 10.370  -4.462  0.338   1.00 44.88 ? 1820 GLU A CB  1 
ATOM   179 C CG  . GLU A 1 27  ? 11.007  -4.688  -1.032  1.00 46.72 ? 1820 GLU A CG  1 
ATOM   180 C CD  . GLU A 1 27  ? 10.442  -5.897  -1.772  1.00 48.91 ? 1820 GLU A CD  1 
ATOM   181 O OE1 . GLU A 1 27  ? 9.999   -6.862  -1.107  1.00 50.46 ? 1820 GLU A OE1 1 
ATOM   182 O OE2 . GLU A 1 27  ? 10.445  -5.886  -3.025  1.00 50.03 ? 1820 GLU A OE2 1 
ATOM   183 N N   . PRO A 1 28  ? 8.077   -5.245  2.391   1.00 41.88 ? 1821 PRO A N   1 
ATOM   184 C CA  . PRO A 1 28  ? 7.518   -5.212  3.746   1.00 41.31 ? 1821 PRO A CA  1 
ATOM   185 C C   . PRO A 1 28  ? 8.459   -4.558  4.749   1.00 40.86 ? 1821 PRO A C   1 
ATOM   186 O O   . PRO A 1 28  ? 9.679   -4.685  4.633   1.00 41.07 ? 1821 PRO A O   1 
ATOM   187 C CB  . PRO A 1 28  ? 7.318   -6.696  4.091   1.00 41.03 ? 1821 PRO A CB  1 
ATOM   188 C CG  . PRO A 1 28  ? 7.382   -7.425  2.795   1.00 41.24 ? 1821 PRO A CG  1 
ATOM   189 C CD  . PRO A 1 28  ? 8.318   -6.627  1.941   1.00 41.80 ? 1821 PRO A CD  1 
ATOM   190 N N   . VAL A 1 29  ? 7.889   -3.862  5.726   1.00 40.49 ? 1822 VAL A N   1 
ATOM   191 C CA  . VAL A 1 29  ? 8.687   -3.197  6.748   1.00 40.37 ? 1822 VAL A CA  1 
ATOM   192 C C   . VAL A 1 29  ? 9.424   -4.260  7.554   1.00 40.30 ? 1822 VAL A C   1 
ATOM   193 O O   . VAL A 1 29  ? 8.834   -5.268  7.946   1.00 40.34 ? 1822 VAL A O   1 
ATOM   194 C CB  . VAL A 1 29  ? 7.812   -2.339  7.689   1.00 40.34 ? 1822 VAL A CB  1 
ATOM   195 C CG1 . VAL A 1 29  ? 8.644   -1.768  8.834   1.00 40.13 ? 1822 VAL A CG1 1 
ATOM   196 C CG2 . VAL A 1 29  ? 7.128   -1.221  6.908   1.00 40.19 ? 1822 VAL A CG2 1 
ATOM   197 N N   . ASN A 1 30  ? 10.718  -4.040  7.774   1.00 40.40 ? 1823 ASN A N   1 
ATOM   198 C CA  . ASN A 1 30  ? 11.528  -4.943  8.586   1.00 40.53 ? 1823 ASN A CA  1 
ATOM   199 C C   . ASN A 1 30  ? 11.459  -4.508  10.056  1.00 39.92 ? 1823 ASN A C   1 
ATOM   200 O O   . ASN A 1 30  ? 12.039  -3.485  10.426  1.00 39.49 ? 1823 ASN A O   1 
ATOM   201 C CB  . ASN A 1 30  ? 12.977  -4.943  8.087   1.00 40.92 ? 1823 ASN A CB  1 
ATOM   202 C CG  . ASN A 1 30  ? 13.839  -5.999  8.763   1.00 41.14 ? 1823 ASN A CG  1 
ATOM   203 O OD1 . ASN A 1 30  ? 13.412  -6.674  9.701   1.00 41.90 ? 1823 ASN A OD1 1 
ATOM   204 N ND2 . ASN A 1 30  ? 15.071  -6.139  8.286   1.00 40.91 ? 1823 ASN A ND2 1 
ATOM   205 N N   . PRO A 1 31  ? 10.750  -5.287  10.900  1.00 39.68 ? 1824 PRO A N   1 
ATOM   206 C CA  . PRO A 1 31  ? 10.550  -4.891  12.299  1.00 39.81 ? 1824 PRO A CA  1 
ATOM   207 C C   . PRO A 1 31  ? 11.831  -4.904  13.137  1.00 40.08 ? 1824 PRO A C   1 
ATOM   208 O O   . PRO A 1 31  ? 11.867  -4.298  14.210  1.00 39.75 ? 1824 PRO A O   1 
ATOM   209 C CB  . PRO A 1 31  ? 9.555   -5.929  12.818  1.00 39.64 ? 1824 PRO A CB  1 
ATOM   210 C CG  . PRO A 1 31  ? 9.796   -7.129  11.977  1.00 39.62 ? 1824 PRO A CG  1 
ATOM   211 C CD  . PRO A 1 31  ? 10.160  -6.610  10.618  1.00 39.58 ? 1824 PRO A CD  1 
ATOM   212 N N   . ARG A 1 32  ? 12.862  -5.596  12.655  1.00 40.59 ? 1825 ARG A N   1 
ATOM   213 C CA  . ARG A 1 32  ? 14.188  -5.542  13.268  1.00 40.77 ? 1825 ARG A CA  1 
ATOM   214 C C   . ARG A 1 32  ? 14.794  -4.149  13.108  1.00 41.45 ? 1825 ARG A C   1 
ATOM   215 O O   . ARG A 1 32  ? 15.446  -3.641  14.019  1.00 41.69 ? 1825 ARG A O   1 
ATOM   216 C CB  . ARG A 1 32  ? 15.122  -6.573  12.631  1.00 40.80 ? 1825 ARG A CB  1 
ATOM   217 C CG  . ARG A 1 32  ? 14.721  -8.026  12.841  1.00 41.07 ? 1825 ARG A CG  1 
ATOM   218 C CD  . ARG A 1 32  ? 15.586  -8.940  11.988  1.00 41.78 ? 1825 ARG A CD  1 
ATOM   219 N NE  . ARG A 1 32  ? 15.332  -10.359 12.229  1.00 42.54 ? 1825 ARG A NE  1 
ATOM   220 C CZ  . ARG A 1 32  ? 15.993  -11.355 11.638  1.00 42.75 ? 1825 ARG A CZ  1 
ATOM   221 N NH1 . ARG A 1 32  ? 16.957  -11.105 10.754  1.00 42.48 ? 1825 ARG A NH1 1 
ATOM   222 N NH2 . ARG A 1 32  ? 15.688  -12.615 11.930  1.00 43.18 ? 1825 ARG A NH2 1 
ATOM   223 N N   . LEU A 1 33  ? 14.576  -3.543  11.941  1.00 42.30 ? 1826 LEU A N   1 
ATOM   224 C CA  . LEU A 1 33  ? 15.108  -2.215  11.633  1.00 42.43 ? 1826 LEU A CA  1 
ATOM   225 C C   . LEU A 1 33  ? 14.211  -1.100  12.160  1.00 42.95 ? 1826 LEU A C   1 
ATOM   226 O O   . LEU A 1 33  ? 14.708  -0.085  12.656  1.00 43.02 ? 1826 LEU A O   1 
ATOM   227 C CB  . LEU A 1 33  ? 15.292  -2.057  10.122  1.00 42.64 ? 1826 LEU A CB  1 
ATOM   228 C CG  . LEU A 1 33  ? 16.248  -3.057  9.456   1.00 43.06 ? 1826 LEU A CG  1 
ATOM   229 C CD1 . LEU A 1 33  ? 16.204  -2.928  7.939   1.00 42.90 ? 1826 LEU A CD1 1 
ATOM   230 C CD2 . LEU A 1 33  ? 17.671  -2.875  9.972   1.00 43.02 ? 1826 LEU A CD2 1 
ATOM   231 N N   . VAL A 1 34  ? 12.898  -1.284  12.047  1.00 43.28 ? 1827 VAL A N   1 
ATOM   232 C CA  . VAL A 1 34  ? 11.938  -0.267  12.476  1.00 43.07 ? 1827 VAL A CA  1 
ATOM   233 C C   . VAL A 1 34  ? 11.441  -0.562  13.892  1.00 42.62 ? 1827 VAL A C   1 
ATOM   234 O O   . VAL A 1 34  ? 10.674  -1.505  14.116  1.00 41.66 ? 1827 VAL A O   1 
ATOM   235 C CB  . VAL A 1 34  ? 10.749  -0.167  11.498  1.00 43.39 ? 1827 VAL A CB  1 
ATOM   236 C CG1 . VAL A 1 34  ? 9.832   0.985   11.889  1.00 43.49 ? 1827 VAL A CG1 1 
ATOM   237 C CG2 . VAL A 1 34  ? 11.254  0.019   10.073  1.00 43.53 ? 1827 VAL A CG2 1 
ATOM   238 N N   . SER A 1 35  ? 11.881  0.264   14.838  1.00 42.24 ? 1828 SER A N   1 
ATOM   239 C CA  . SER A 1 35  ? 11.584  0.060   16.252  1.00 42.44 ? 1828 SER A CA  1 
ATOM   240 C C   . SER A 1 35  ? 10.130  0.396   16.593  1.00 41.81 ? 1828 SER A C   1 
ATOM   241 O O   . SER A 1 35  ? 9.699   1.543   16.442  1.00 41.75 ? 1828 SER A O   1 
ATOM   242 C CB  . SER A 1 35  ? 12.522  0.912   17.108  1.00 42.98 ? 1828 SER A CB  1 
ATOM   243 O OG  . SER A 1 35  ? 12.344  0.637   18.487  1.00 43.89 ? 1828 SER A OG  1 
ATOM   244 N N   . GLY A 1 36  ? 9.388   -0.610  17.057  1.00 40.76 ? 1829 GLY A N   1 
ATOM   245 C CA  . GLY A 1 36  ? 8.004   -0.432  17.506  1.00 39.54 ? 1829 GLY A CA  1 
ATOM   246 C C   . GLY A 1 36  ? 6.941   -0.842  16.499  1.00 38.54 ? 1829 GLY A C   1 
ATOM   247 O O   . GLY A 1 36  ? 5.754   -0.821  16.818  1.00 37.63 ? 1829 GLY A O   1 
ATOM   248 N N   . TYR A 1 37  ? 7.360   -1.226  15.292  1.00 38.17 ? 1830 TYR A N   1 
ATOM   249 C CA  . TYR A 1 37  ? 6.424   -1.520  14.199  1.00 37.42 ? 1830 TYR A CA  1 
ATOM   250 C C   . TYR A 1 37  ? 5.621   -2.798  14.435  1.00 37.26 ? 1830 TYR A C   1 
ATOM   251 O O   . TYR A 1 37  ? 4.425   -2.849  14.143  1.00 36.73 ? 1830 TYR A O   1 
ATOM   252 C CB  . TYR A 1 37  ? 7.167   -1.620  12.858  1.00 36.84 ? 1830 TYR A CB  1 
ATOM   253 C CG  . TYR A 1 37  ? 6.246   -1.543  11.660  1.00 36.44 ? 1830 TYR A CG  1 
ATOM   254 C CD1 . TYR A 1 37  ? 5.808   -0.311  11.174  1.00 36.74 ? 1830 TYR A CD1 1 
ATOM   255 C CD2 . TYR A 1 37  ? 5.795   -2.693  11.027  1.00 35.88 ? 1830 TYR A CD2 1 
ATOM   256 C CE1 . TYR A 1 37  ? 4.954   -0.232  10.083  1.00 36.25 ? 1830 TYR A CE1 1 
ATOM   257 C CE2 . TYR A 1 37  ? 4.940   -2.625  9.939   1.00 35.93 ? 1830 TYR A CE2 1 
ATOM   258 C CZ  . TYR A 1 37  ? 4.521   -1.394  9.467   1.00 35.91 ? 1830 TYR A CZ  1 
ATOM   259 O OH  . TYR A 1 37  ? 3.670   -1.331  8.383   1.00 35.39 ? 1830 TYR A OH  1 
ATOM   260 N N   . ARG A 1 38  ? 6.288   -3.824  14.955  1.00 37.82 ? 1831 ARG A N   1 
ATOM   261 C CA  . ARG A 1 38  ? 5.656   -5.113  15.230  1.00 38.38 ? 1831 ARG A CA  1 
ATOM   262 C C   . ARG A 1 38  ? 4.493   -4.944  16.207  1.00 37.92 ? 1831 ARG A C   1 
ATOM   263 O O   . ARG A 1 38  ? 3.393   -5.461  15.985  1.00 36.73 ? 1831 ARG A O   1 
ATOM   264 C CB  . ARG A 1 38  ? 6.694   -6.082  15.808  1.00 39.66 ? 1831 ARG A CB  1 
ATOM   265 C CG  . ARG A 1 38  ? 6.216   -7.518  15.971  1.00 40.88 ? 1831 ARG A CG  1 
ATOM   266 C CD  . ARG A 1 38  ? 7.178   -8.327  16.832  1.00 41.76 ? 1831 ARG A CD  1 
ATOM   267 N NE  . ARG A 1 38  ? 8.527   -8.399  16.264  1.00 42.70 ? 1831 ARG A NE  1 
ATOM   268 C CZ  . ARG A 1 38  ? 8.886   -9.158  15.226  1.00 43.19 ? 1831 ARG A CZ  1 
ATOM   269 N NH1 . ARG A 1 38  ? 7.998   -9.930  14.602  1.00 43.58 ? 1831 ARG A NH1 1 
ATOM   270 N NH2 . ARG A 1 38  ? 10.147  -9.140  14.801  1.00 43.13 ? 1831 ARG A NH2 1 
ATOM   271 N N   . ARG A 1 39  ? 4.758   -4.203  17.280  1.00 37.76 ? 1832 ARG A N   1 
ATOM   272 C CA  . ARG A 1 39  ? 3.789   -3.961  18.350  1.00 37.82 ? 1832 ARG A CA  1 
ATOM   273 C C   . ARG A 1 39  ? 2.571   -3.154  17.893  1.00 36.30 ? 1832 ARG A C   1 
ATOM   274 O O   . ARG A 1 39  ? 1.444   -3.449  18.299  1.00 35.12 ? 1832 ARG A O   1 
ATOM   275 C CB  . ARG A 1 39  ? 4.493   -3.238  19.510  1.00 39.33 ? 1832 ARG A CB  1 
ATOM   276 C CG  . ARG A 1 39  ? 3.586   -2.802  20.650  1.00 40.82 ? 1832 ARG A CG  1 
ATOM   277 C CD  . ARG A 1 39  ? 4.383   -2.373  21.877  1.00 42.24 ? 1832 ARG A CD  1 
ATOM   278 N NE  . ARG A 1 39  ? 5.474   -1.440  21.569  1.00 43.36 ? 1832 ARG A NE  1 
ATOM   279 C CZ  . ARG A 1 39  ? 5.328   -0.139  21.300  1.00 43.91 ? 1832 ARG A CZ  1 
ATOM   280 N NH1 . ARG A 1 39  ? 4.123   0.430   21.276  1.00 43.92 ? 1832 ARG A NH1 1 
ATOM   281 N NH2 . ARG A 1 39  ? 6.404   0.603   21.042  1.00 43.59 ? 1832 ARG A NH2 1 
ATOM   282 N N   . ILE A 1 40  ? 2.808   -2.147  17.052  1.00 35.09 ? 1833 ILE A N   1 
ATOM   283 C CA  . ILE A 1 40  ? 1.782   -1.164  16.677  1.00 34.52 ? 1833 ILE A CA  1 
ATOM   284 C C   . ILE A 1 40  ? 0.904   -1.609  15.501  1.00 34.56 ? 1833 ILE A C   1 
ATOM   285 O O   . ILE A 1 40  ? -0.311  -1.386  15.517  1.00 34.35 ? 1833 ILE A O   1 
ATOM   286 C CB  . ILE A 1 40  ? 2.424   0.210   16.362  1.00 34.04 ? 1833 ILE A CB  1 
ATOM   287 C CG1 . ILE A 1 40  ? 3.036   0.804   17.635  1.00 33.67 ? 1833 ILE A CG1 1 
ATOM   288 C CG2 . ILE A 1 40  ? 1.401   1.179   15.779  1.00 34.14 ? 1833 ILE A CG2 1 
ATOM   289 C CD1 . ILE A 1 40  ? 3.898   2.025   17.400  1.00 33.46 ? 1833 ILE A CD1 1 
ATOM   290 N N   . ILE A 1 41  ? 1.512   -2.222  14.487  1.00 34.40 ? 1834 ILE A N   1 
ATOM   291 C CA  . ILE A 1 41  ? 0.783   -2.637  13.283  1.00 34.75 ? 1834 ILE A CA  1 
ATOM   292 C C   . ILE A 1 41  ? 0.445   -4.129  13.341  1.00 35.62 ? 1834 ILE A C   1 
ATOM   293 O O   . ILE A 1 41  ? 1.336   -4.978  13.260  1.00 35.14 ? 1834 ILE A O   1 
ATOM   294 C CB  . ILE A 1 41  ? 1.589   -2.316  12.002  1.00 34.10 ? 1834 ILE A CB  1 
ATOM   295 C CG1 . ILE A 1 41  ? 1.910   -0.816  11.927  1.00 33.96 ? 1834 ILE A CG1 1 
ATOM   296 C CG2 . ILE A 1 41  ? 0.834   -2.760  10.754  1.00 34.07 ? 1834 ILE A CG2 1 
ATOM   297 C CD1 . ILE A 1 41  ? 0.703   0.101   11.875  1.00 33.77 ? 1834 ILE A CD1 1 
ATOM   298 N N   . LYS A 1 42  ? -0.845  -4.434  13.473  1.00 37.11 ? 1835 LYS A N   1 
ATOM   299 C CA  . LYS A 1 42  ? -1.310  -5.814  13.623  1.00 38.74 ? 1835 LYS A CA  1 
ATOM   300 C C   . LYS A 1 42  ? -1.319  -6.573  12.305  1.00 38.81 ? 1835 LYS A C   1 
ATOM   301 O O   . LYS A 1 42  ? -0.957  -7.748  12.265  1.00 39.26 ? 1835 LYS A O   1 
ATOM   302 C CB  . LYS A 1 42  ? -2.717  -5.851  14.231  1.00 40.46 ? 1835 LYS A CB  1 
ATOM   303 C CG  . LYS A 1 42  ? -2.817  -5.262  15.629  1.00 42.43 ? 1835 LYS A CG  1 
ATOM   304 C CD  . LYS A 1 42  ? -2.088  -6.108  16.673  1.00 44.26 ? 1835 LYS A CD  1 
ATOM   305 C CE  . LYS A 1 42  ? -1.882  -5.338  17.974  1.00 45.63 ? 1835 LYS A CE  1 
ATOM   306 N NZ  . LYS A 1 42  ? -1.038  -4.116  17.794  1.00 45.49 ? 1835 LYS A NZ  1 
ATOM   307 N N   . ASN A 1 43  ? -1.747  -5.903  11.237  1.00 38.93 ? 1836 ASN A N   1 
ATOM   308 C CA  . ASN A 1 43  ? -1.818  -6.512  9.909   1.00 38.87 ? 1836 ASN A CA  1 
ATOM   309 C C   . ASN A 1 43  ? -1.007  -5.706  8.907   1.00 37.94 ? 1836 ASN A C   1 
ATOM   310 O O   . ASN A 1 43  ? -1.562  -4.875  8.193   1.00 37.52 ? 1836 ASN A O   1 
ATOM   311 C CB  . ASN A 1 43  ? -3.273  -6.605  9.448   1.00 39.36 ? 1836 ASN A CB  1 
ATOM   312 C CG  . ASN A 1 43  ? -4.158  -7.275  10.474  1.00 39.95 ? 1836 ASN A CG  1 
ATOM   313 O OD1 . ASN A 1 43  ? -5.134  -6.688  10.941  1.00 40.58 ? 1836 ASN A OD1 1 
ATOM   314 N ND2 . ASN A 1 43  ? -3.809  -8.500  10.853  1.00 40.17 ? 1836 ASN A ND2 1 
ATOM   315 N N   . PRO A 1 44  ? 0.319   -5.935  8.866   1.00 37.72 ? 1837 PRO A N   1 
ATOM   316 C CA  . PRO A 1 44  ? 1.151   -5.228  7.885   1.00 37.57 ? 1837 PRO A CA  1 
ATOM   317 C C   . PRO A 1 44  ? 0.824   -5.608  6.438   1.00 37.38 ? 1837 PRO A C   1 
ATOM   318 O O   . PRO A 1 44  ? 0.363   -6.723  6.171   1.00 36.71 ? 1837 PRO A O   1 
ATOM   319 C CB  . PRO A 1 44  ? 2.588   -5.637  8.255   1.00 37.21 ? 1837 PRO A CB  1 
ATOM   320 C CG  . PRO A 1 44  ? 2.462   -6.816  9.155   1.00 37.16 ? 1837 PRO A CG  1 
ATOM   321 C CD  . PRO A 1 44  ? 1.128   -6.706  9.828   1.00 37.46 ? 1837 PRO A CD  1 
ATOM   322 N N   . MET A 1 45  ? 1.053   -4.667  5.526   1.00 37.43 ? 1838 MET A N   1 
ATOM   323 C CA  . MET A 1 45  ? 0.748   -4.856  4.112   1.00 37.74 ? 1838 MET A CA  1 
ATOM   324 C C   . MET A 1 45  ? 1.621   -3.932  3.268   1.00 37.52 ? 1838 MET A C   1 
ATOM   325 O O   . MET A 1 45  ? 1.963   -2.830  3.699   1.00 37.07 ? 1838 MET A O   1 
ATOM   326 C CB  . MET A 1 45  ? -0.735  -4.570  3.853   1.00 37.84 ? 1838 MET A CB  1 
ATOM   327 C CG  . MET A 1 45  ? -1.215  -4.868  2.440   1.00 38.13 ? 1838 MET A CG  1 
ATOM   328 S SD  . MET A 1 45  ? -0.776  -6.514  1.842   1.00 39.18 ? 1838 MET A SD  1 
ATOM   329 C CE  . MET A 1 45  ? -1.447  -7.562  3.131   1.00 39.28 ? 1838 MET A CE  1 
ATOM   330 N N   . ASP A 1 46  ? 1.978   -4.390  2.069   1.00 37.12 ? 1839 ASP A N   1 
ATOM   331 C CA  . ASP A 1 46  ? 2.831   -3.620  1.159   1.00 36.91 ? 1839 ASP A CA  1 
ATOM   332 C C   . ASP A 1 46  ? 2.648   -4.076  -0.289  1.00 36.76 ? 1839 ASP A C   1 
ATOM   333 O O   . ASP A 1 46  ? 1.984   -5.081  -0.551  1.00 37.02 ? 1839 ASP A O   1 
ATOM   334 C CB  . ASP A 1 46  ? 4.295   -3.751  1.571   1.00 36.81 ? 1839 ASP A CB  1 
ATOM   335 C CG  . ASP A 1 46  ? 4.780   -5.178  1.525   1.00 37.07 ? 1839 ASP A CG  1 
ATOM   336 O OD1 . ASP A 1 46  ? 4.295   -6.000  2.338   1.00 36.91 ? 1839 ASP A OD1 1 
ATOM   337 O OD2 . ASP A 1 46  ? 5.643   -5.471  0.673   1.00 37.12 ? 1839 ASP A OD2 1 
ATOM   338 N N   . PHE A 1 47  ? 3.244   -3.342  -1.226  1.00 36.41 ? 1840 PHE A N   1 
ATOM   339 C CA  . PHE A 1 47  ? 2.987   -3.574  -2.649  1.00 36.42 ? 1840 PHE A CA  1 
ATOM   340 C C   . PHE A 1 47  ? 3.556   -4.891  -3.188  1.00 36.52 ? 1840 PHE A C   1 
ATOM   341 O O   . PHE A 1 47  ? 2.981   -5.461  -4.116  1.00 36.65 ? 1840 PHE A O   1 
ATOM   342 C CB  . PHE A 1 47  ? 3.486   -2.397  -3.505  1.00 36.55 ? 1840 PHE A CB  1 
ATOM   343 C CG  . PHE A 1 47  ? 2.839   -1.068  -3.181  1.00 36.17 ? 1840 PHE A CG  1 
ATOM   344 C CD1 . PHE A 1 47  ? 1.516   -0.985  -2.757  1.00 36.19 ? 1840 PHE A CD1 1 
ATOM   345 C CD2 . PHE A 1 47  ? 3.557   0.112   -3.336  1.00 36.28 ? 1840 PHE A CD2 1 
ATOM   346 C CE1 . PHE A 1 47  ? 0.939   0.243   -2.473  1.00 36.40 ? 1840 PHE A CE1 1 
ATOM   347 C CE2 . PHE A 1 47  ? 2.983   1.342   -3.060  1.00 35.99 ? 1840 PHE A CE2 1 
ATOM   348 C CZ  . PHE A 1 47  ? 1.673   1.407   -2.625  1.00 36.24 ? 1840 PHE A CZ  1 
ATOM   349 N N   . SER A 1 48  ? 4.667   -5.379  -2.629  1.00 36.53 ? 1841 SER A N   1 
ATOM   350 C CA  . SER A 1 48  ? 5.211   -6.679  -3.057  1.00 36.42 ? 1841 SER A CA  1 
ATOM   351 C C   . SER A 1 48  ? 4.322   -7.827  -2.589  1.00 36.34 ? 1841 SER A C   1 
ATOM   352 O O   . SER A 1 48  ? 4.130   -8.802  -3.317  1.00 37.05 ? 1841 SER A O   1 
ATOM   353 C CB  . SER A 1 48  ? 6.644   -6.900  -2.566  1.00 36.31 ? 1841 SER A CB  1 
ATOM   354 O OG  . SER A 1 48  ? 6.699   -7.030  -1.160  1.00 36.48 ? 1841 SER A OG  1 
ATOM   355 N N   . THR A 1 49  ? 3.783   -7.708  -1.377  1.00 35.61 ? 1842 THR A N   1 
ATOM   356 C CA  . THR A 1 49  ? 2.842   -8.695  -0.855  1.00 35.46 ? 1842 THR A CA  1 
ATOM   357 C C   . THR A 1 49  ? 1.564   -8.722  -1.697  1.00 36.72 ? 1842 THR A C   1 
ATOM   358 O O   . THR A 1 49  ? 1.030   -9.795  -1.988  1.00 36.97 ? 1842 THR A O   1 
ATOM   359 C CB  . THR A 1 49  ? 2.493   -8.405  0.617   1.00 34.68 ? 1842 THR A CB  1 
ATOM   360 O OG1 . THR A 1 49  ? 3.697   -8.347  1.388   1.00 34.04 ? 1842 THR A OG1 1 
ATOM   361 C CG2 . THR A 1 49  ? 1.587   -9.488  1.191   1.00 34.37 ? 1842 THR A CG2 1 
ATOM   362 N N   . MET A 1 50  ? 1.084   -7.541  -2.084  1.00 37.98 ? 1843 MET A N   1 
ATOM   363 C CA  . MET A 1 50  ? -0.085  -7.428  -2.963  1.00 39.32 ? 1843 MET A CA  1 
ATOM   364 C C   . MET A 1 50  ? 0.237   -7.939  -4.366  1.00 40.75 ? 1843 MET A C   1 
ATOM   365 O O   . MET A 1 50  ? -0.613  -8.543  -5.020  1.00 41.42 ? 1843 MET A O   1 
ATOM   366 C CB  . MET A 1 50  ? -0.564  -5.975  -3.046  1.00 39.44 ? 1843 MET A CB  1 
ATOM   367 C CG  . MET A 1 50  ? -1.104  -5.411  -1.738  1.00 39.15 ? 1843 MET A CG  1 
ATOM   368 S SD  . MET A 1 50  ? -1.287  -3.616  -1.775  1.00 38.98 ? 1843 MET A SD  1 
ATOM   369 C CE  . MET A 1 50  ? -2.532  -3.428  -3.049  1.00 38.32 ? 1843 MET A CE  1 
ATOM   370 N N   . ARG A 1 51  ? 1.463   -7.682  -4.821  1.00 42.12 ? 1844 ARG A N   1 
ATOM   371 C CA  . ARG A 1 51  ? 1.953   -8.203  -6.101  1.00 43.35 ? 1844 ARG A CA  1 
ATOM   372 C C   . ARG A 1 51  ? 1.959   -9.729  -6.081  1.00 45.03 ? 1844 ARG A C   1 
ATOM   373 O O   . ARG A 1 51  ? 1.378   -10.366 -6.961  1.00 44.55 ? 1844 ARG A O   1 
ATOM   374 C CB  . ARG A 1 51  ? 3.360   -7.652  -6.404  1.00 43.04 ? 1844 ARG A CB  1 
ATOM   375 C CG  . ARG A 1 51  ? 4.094   -8.288  -7.580  1.00 42.32 ? 1844 ARG A CG  1 
ATOM   376 C CD  . ARG A 1 51  ? 3.295   -8.212  -8.870  1.00 42.25 ? 1844 ARG A CD  1 
ATOM   377 N NE  . ARG A 1 51  ? 3.036   -6.834  -9.287  1.00 42.18 ? 1844 ARG A NE  1 
ATOM   378 C CZ  . ARG A 1 51  ? 2.122   -6.472  -10.187 1.00 41.88 ? 1844 ARG A CZ  1 
ATOM   379 N NH1 . ARG A 1 51  ? 1.356   -7.383  -10.779 1.00 41.98 ? 1844 ARG A NH1 1 
ATOM   380 N NH2 . ARG A 1 51  ? 1.966   -5.187  -10.496 1.00 41.21 ? 1844 ARG A NH2 1 
ATOM   381 N N   . GLU A 1 52  ? 2.609   -10.299 -5.067  1.00 47.93 ? 1845 GLU A N   1 
ATOM   382 C CA  . GLU A 1 52  ? 2.692   -11.755 -4.897  1.00 50.31 ? 1845 GLU A CA  1 
ATOM   383 C C   . GLU A 1 52  ? 1.317   -12.413 -4.920  1.00 52.08 ? 1845 GLU A C   1 
ATOM   384 O O   . GLU A 1 52  ? 1.120   -13.417 -5.601  1.00 53.98 ? 1845 GLU A O   1 
ATOM   385 C CB  . GLU A 1 52  ? 3.403   -12.112 -3.587  1.00 51.51 ? 1845 GLU A CB  1 
ATOM   386 C CG  . GLU A 1 52  ? 4.918   -11.961 -3.634  1.00 52.73 ? 1845 GLU A CG  1 
ATOM   387 C CD  . GLU A 1 52  ? 5.576   -12.165 -2.278  1.00 54.28 ? 1845 GLU A CD  1 
ATOM   388 O OE1 . GLU A 1 52  ? 4.955   -12.790 -1.388  1.00 54.55 ? 1845 GLU A OE1 1 
ATOM   389 O OE2 . GLU A 1 52  ? 6.723   -11.699 -2.103  1.00 55.08 ? 1845 GLU A OE2 1 
ATOM   390 N N   . ARG A 1 53  ? 0.375   -11.844 -4.172  1.00 53.75 ? 1846 ARG A N   1 
ATOM   391 C CA  . ARG A 1 53  ? -0.986  -12.374 -4.116  1.00 55.74 ? 1846 ARG A CA  1 
ATOM   392 C C   . ARG A 1 53  ? -1.723  -12.208 -5.449  1.00 56.29 ? 1846 ARG A C   1 
ATOM   393 O O   . ARG A 1 53  ? -2.493  -13.083 -5.843  1.00 56.61 ? 1846 ARG A O   1 
ATOM   394 C CB  . ARG A 1 53  ? -1.779  -11.709 -2.984  1.00 57.20 ? 1846 ARG A CB  1 
ATOM   395 C CG  . ARG A 1 53  ? -3.225  -12.177 -2.892  1.00 59.35 ? 1846 ARG A CG  1 
ATOM   396 C CD  . ARG A 1 53  ? -3.904  -11.745 -1.599  1.00 60.91 ? 1846 ARG A CD  1 
ATOM   397 N NE  . ARG A 1 53  ? -5.364  -11.846 -1.693  1.00 61.95 ? 1846 ARG A NE  1 
ATOM   398 C CZ  . ARG A 1 53  ? -6.207  -11.622 -0.686  1.00 62.81 ? 1846 ARG A CZ  1 
ATOM   399 N NH1 . ARG A 1 53  ? -5.756  -11.278 0.519   1.00 63.17 ? 1846 ARG A NH1 1 
ATOM   400 N NH2 . ARG A 1 53  ? -7.516  -11.741 -0.886  1.00 62.66 ? 1846 ARG A NH2 1 
ATOM   401 N N   . LEU A 1 54  ? -1.487  -11.092 -6.135  1.00 57.66 ? 1847 LEU A N   1 
ATOM   402 C CA  . LEU A 1 54  ? -2.153  -10.811 -7.411  1.00 58.48 ? 1847 LEU A CA  1 
ATOM   403 C C   . LEU A 1 54  ? -1.686  -11.755 -8.521  1.00 59.20 ? 1847 LEU A C   1 
ATOM   404 O O   . LEU A 1 54  ? -2.504  -12.257 -9.295  1.00 58.26 ? 1847 LEU A O   1 
ATOM   405 C CB  . LEU A 1 54  ? -1.928  -9.350  -7.825  1.00 57.76 ? 1847 LEU A CB  1 
ATOM   406 C CG  . LEU A 1 54  ? -2.696  -8.819  -9.041  1.00 56.81 ? 1847 LEU A CG  1 
ATOM   407 C CD1 . LEU A 1 54  ? -4.199  -8.965  -8.854  1.00 56.65 ? 1847 LEU A CD1 1 
ATOM   408 C CD2 . LEU A 1 54  ? -2.332  -7.363  -9.300  1.00 56.37 ? 1847 LEU A CD2 1 
ATOM   409 N N   . LEU A 1 55  ? -0.378  -12.003 -8.586  1.00 61.12 ? 1848 LEU A N   1 
ATOM   410 C CA  . LEU A 1 55  ? 0.194   -12.951 -9.554  1.00 63.39 ? 1848 LEU A CA  1 
ATOM   411 C C   . LEU A 1 55  ? -0.201  -14.402 -9.269  1.00 66.35 ? 1848 LEU A C   1 
ATOM   412 O O   . LEU A 1 55  ? -0.194  -15.236 -10.175 1.00 68.47 ? 1848 LEU A O   1 
ATOM   413 C CB  . LEU A 1 55  ? 1.721   -12.847 -9.578  1.00 62.22 ? 1848 LEU A CB  1 
ATOM   414 C CG  . LEU A 1 55  ? 2.316   -11.537 -10.097 1.00 61.64 ? 1848 LEU A CG  1 
ATOM   415 C CD1 . LEU A 1 55  ? 3.825   -11.552 -9.902  1.00 61.67 ? 1848 LEU A CD1 1 
ATOM   416 C CD2 . LEU A 1 55  ? 1.954   -11.309 -11.560 1.00 61.10 ? 1848 LEU A CD2 1 
ATOM   417 N N   . ARG A 1 56  ? -0.523  -14.699 -8.012  1.00 68.60 ? 1849 ARG A N   1 
ATOM   418 C CA  . ARG A 1 56  ? -1.002  -16.021 -7.615  1.00 69.97 ? 1849 ARG A CA  1 
ATOM   419 C C   . ARG A 1 56  ? -2.513  -16.174 -7.840  1.00 69.23 ? 1849 ARG A C   1 
ATOM   420 O O   . ARG A 1 56  ? -3.043  -17.280 -7.754  1.00 68.97 ? 1849 ARG A O   1 
ATOM   421 C CB  . ARG A 1 56  ? -0.666  -16.266 -6.144  1.00 72.82 ? 1849 ARG A CB  1 
ATOM   422 C CG  . ARG A 1 56  ? -0.562  -17.731 -5.749  1.00 75.97 ? 1849 ARG A CG  1 
ATOM   423 C CD  . ARG A 1 56  ? 0.097   -17.884 -4.385  1.00 79.15 ? 1849 ARG A CD  1 
ATOM   424 N NE  . ARG A 1 56  ? 1.433   -17.284 -4.352  1.00 82.88 ? 1849 ARG A NE  1 
ATOM   425 C CZ  . ARG A 1 56  ? 2.217   -17.230 -3.274  1.00 85.67 ? 1849 ARG A CZ  1 
ATOM   426 N NH1 . ARG A 1 56  ? 1.820   -17.751 -2.116  1.00 86.78 ? 1849 ARG A NH1 1 
ATOM   427 N NH2 . ARG A 1 56  ? 3.414   -16.655 -3.360  1.00 85.83 ? 1849 ARG A NH2 1 
ATOM   428 N N   . GLY A 1 57  ? -3.196  -15.062 -8.115  1.00 69.81 ? 1850 GLY A N   1 
ATOM   429 C CA  . GLY A 1 57  ? -4.639  -15.058 -8.365  1.00 70.70 ? 1850 GLY A CA  1 
ATOM   430 C C   . GLY A 1 57  ? -5.484  -14.990 -7.102  1.00 71.34 ? 1850 GLY A C   1 
ATOM   431 O O   . GLY A 1 57  ? -6.688  -15.253 -7.144  1.00 70.79 ? 1850 GLY A O   1 
ATOM   432 N N   . GLY A 1 58  ? -4.862  -14.611 -5.985  1.00 71.12 ? 1851 GLY A N   1 
ATOM   433 C CA  . GLY A 1 58  ? -5.509  -14.644 -4.674  1.00 70.05 ? 1851 GLY A CA  1 
ATOM   434 C C   . GLY A 1 58  ? -6.661  -13.673 -4.467  1.00 69.49 ? 1851 GLY A C   1 
ATOM   435 O O   . GLY A 1 58  ? -7.485  -13.878 -3.576  1.00 69.79 ? 1851 GLY A O   1 
ATOM   436 N N   . TYR A 1 59  ? -6.722  -12.614 -5.272  1.00 68.35 ? 1852 TYR A N   1 
ATOM   437 C CA  . TYR A 1 59  ? -7.788  -11.616 -5.144  1.00 68.74 ? 1852 TYR A CA  1 
ATOM   438 C C   . TYR A 1 59  ? -9.053  -12.044 -5.892  1.00 70.12 ? 1852 TYR A C   1 
ATOM   439 O O   . TYR A 1 59  ? -9.043  -12.186 -7.116  1.00 71.02 ? 1852 TYR A O   1 
ATOM   440 C CB  . TYR A 1 59  ? -7.314  -10.246 -5.644  1.00 67.62 ? 1852 TYR A CB  1 
ATOM   441 C CG  . TYR A 1 59  ? -6.298  -9.590  -4.733  1.00 66.05 ? 1852 TYR A CG  1 
ATOM   442 C CD1 . TYR A 1 59  ? -6.655  -9.166  -3.455  1.00 65.44 ? 1852 TYR A CD1 1 
ATOM   443 C CD2 . TYR A 1 59  ? -4.983  -9.391  -5.144  1.00 64.90 ? 1852 TYR A CD2 1 
ATOM   444 C CE1 . TYR A 1 59  ? -5.732  -8.571  -2.612  1.00 64.24 ? 1852 TYR A CE1 1 
ATOM   445 C CE2 . TYR A 1 59  ? -4.055  -8.791  -4.309  1.00 63.85 ? 1852 TYR A CE2 1 
ATOM   446 C CZ  . TYR A 1 59  ? -4.435  -8.383  -3.046  1.00 63.11 ? 1852 TYR A CZ  1 
ATOM   447 O OH  . TYR A 1 59  ? -3.523  -7.785  -2.210  1.00 61.54 ? 1852 TYR A OH  1 
ATOM   448 N N   . THR A 1 60  ? -10.138 -12.238 -5.145  1.00 70.37 ? 1853 THR A N   1 
ATOM   449 C CA  . THR A 1 60  ? -11.416 -12.669 -5.712  1.00 70.98 ? 1853 THR A CA  1 
ATOM   450 C C   . THR A 1 60  ? -12.092 -11.548 -6.498  1.00 70.87 ? 1853 THR A C   1 
ATOM   451 O O   . THR A 1 60  ? -12.705 -11.798 -7.538  1.00 71.53 ? 1853 THR A O   1 
ATOM   452 C CB  . THR A 1 60  ? -12.382 -13.158 -4.610  1.00 71.63 ? 1853 THR A CB  1 
ATOM   453 O OG1 . THR A 1 60  ? -11.786 -14.250 -3.897  1.00 71.90 ? 1853 THR A OG1 1 
ATOM   454 C CG2 . THR A 1 60  ? -13.715 -13.613 -5.205  1.00 71.69 ? 1853 THR A CG2 1 
ATOM   455 N N   . SER A 1 61  ? -11.987 -10.320 -5.994  1.00 71.11 ? 1854 SER A N   1 
ATOM   456 C CA  . SER A 1 61  ? -12.610 -9.165  -6.636  1.00 71.25 ? 1854 SER A CA  1 
ATOM   457 C C   . SER A 1 61  ? -11.795 -7.891  -6.415  1.00 70.45 ? 1854 SER A C   1 
ATOM   458 O O   . SER A 1 61  ? -10.779 -7.899  -5.714  1.00 69.12 ? 1854 SER A O   1 
ATOM   459 C CB  . SER A 1 61  ? -14.035 -8.975  -6.104  1.00 71.61 ? 1854 SER A CB  1 
ATOM   460 O OG  . SER A 1 61  ? -14.027 -8.603  -4.736  1.00 71.07 ? 1854 SER A OG  1 
ATOM   461 N N   . SER A 1 62  ? -12.252 -6.801  -7.028  1.00 69.88 ? 1855 SER A N   1 
ATOM   462 C CA  . SER A 1 62  ? -11.630 -5.488  -6.866  1.00 69.75 ? 1855 SER A CA  1 
ATOM   463 C C   . SER A 1 62  ? -11.719 -4.973  -5.422  1.00 69.16 ? 1855 SER A C   1 
ATOM   464 O O   . SER A 1 62  ? -10.861 -4.204  -4.982  1.00 68.82 ? 1855 SER A O   1 
ATOM   465 C CB  . SER A 1 62  ? -12.276 -4.478  -7.825  1.00 69.90 ? 1855 SER A CB  1 
ATOM   466 O OG  . SER A 1 62  ? -13.611 -4.183  -7.449  1.00 70.21 ? 1855 SER A OG  1 
ATOM   467 N N   . GLU A 1 63  ? -12.752 -5.400  -4.695  1.00 68.25 ? 1856 GLU A N   1 
ATOM   468 C CA  . GLU A 1 63  ? -12.958 -4.972  -3.309  1.00 67.80 ? 1856 GLU A CA  1 
ATOM   469 C C   . GLU A 1 63  ? -11.865 -5.496  -2.375  1.00 64.55 ? 1856 GLU A C   1 
ATOM   470 O O   . GLU A 1 63  ? -11.357 -4.752  -1.534  1.00 64.48 ? 1856 GLU A O   1 
ATOM   471 C CB  . GLU A 1 63  ? -14.340 -5.409  -2.794  1.00 70.09 ? 1856 GLU A CB  1 
ATOM   472 C CG  . GLU A 1 63  ? -15.518 -4.624  -3.372  1.00 72.22 ? 1856 GLU A CG  1 
ATOM   473 C CD  . GLU A 1 63  ? -16.085 -5.218  -4.656  1.00 73.82 ? 1856 GLU A CD  1 
ATOM   474 O OE1 . GLU A 1 63  ? -15.325 -5.844  -5.427  1.00 75.92 ? 1856 GLU A OE1 1 
ATOM   475 O OE2 . GLU A 1 63  ? -17.301 -5.053  -4.897  1.00 73.05 ? 1856 GLU A OE2 1 
ATOM   476 N N   . GLU A 1 64  ? -11.508 -6.770  -2.523  1.00 61.03 ? 1857 GLU A N   1 
ATOM   477 C CA  . GLU A 1 64  ? -10.446 -7.372  -1.710  1.00 59.04 ? 1857 GLU A CA  1 
ATOM   478 C C   . GLU A 1 64  ? -9.097  -6.714  -1.978  1.00 54.43 ? 1857 GLU A C   1 
ATOM   479 O O   . GLU A 1 64  ? -8.287  -6.541  -1.064  1.00 51.84 ? 1857 GLU A O   1 
ATOM   480 C CB  . GLU A 1 64  ? -10.331 -8.875  -1.978  1.00 60.93 ? 1857 GLU A CB  1 
ATOM   481 C CG  . GLU A 1 64  ? -11.521 -9.692  -1.504  1.00 63.04 ? 1857 GLU A CG  1 
ATOM   482 C CD  . GLU A 1 64  ? -11.274 -11.192 -1.576  1.00 65.66 ? 1857 GLU A CD  1 
ATOM   483 O OE1 . GLU A 1 64  ? -12.233 -11.962 -1.351  1.00 67.65 ? 1857 GLU A OE1 1 
ATOM   484 O OE2 . GLU A 1 64  ? -10.125 -11.606 -1.854  1.00 65.89 ? 1857 GLU A OE2 1 
ATOM   485 N N   . PHE A 1 65  ? -8.860  -6.363  -3.240  1.00 50.68 ? 1858 PHE A N   1 
ATOM   486 C CA  . PHE A 1 65  ? -7.625  -5.701  -3.639  1.00 47.47 ? 1858 PHE A CA  1 
ATOM   487 C C   . PHE A 1 65  ? -7.515  -4.337  -2.974  1.00 44.92 ? 1858 PHE A C   1 
ATOM   488 O O   . PHE A 1 65  ? -6.520  -4.043  -2.309  1.00 44.37 ? 1858 PHE A O   1 
ATOM   489 C CB  . PHE A 1 65  ? -7.561  -5.550  -5.161  1.00 47.03 ? 1858 PHE A CB  1 
ATOM   490 C CG  . PHE A 1 65  ? -6.368  -4.778  -5.641  1.00 46.50 ? 1858 PHE A CG  1 
ATOM   491 C CD1 . PHE A 1 65  ? -6.486  -3.439  -5.993  1.00 46.37 ? 1858 PHE A CD1 1 
ATOM   492 C CD2 . PHE A 1 65  ? -5.124  -5.386  -5.732  1.00 46.03 ? 1858 PHE A CD2 1 
ATOM   493 C CE1 . PHE A 1 65  ? -5.387  -2.722  -6.432  1.00 46.13 ? 1858 PHE A CE1 1 
ATOM   494 C CE2 . PHE A 1 65  ? -4.021  -4.672  -6.171  1.00 46.23 ? 1858 PHE A CE2 1 
ATOM   495 C CZ  . PHE A 1 65  ? -4.152  -3.338  -6.522  1.00 45.84 ? 1858 PHE A CZ  1 
ATOM   496 N N   . ALA A 1 66  ? -8.547  -3.518  -3.154  1.00 42.35 ? 1859 ALA A N   1 
ATOM   497 C CA  . ALA A 1 66  ? -8.586  -2.179  -2.571  1.00 40.99 ? 1859 ALA A CA  1 
ATOM   498 C C   . ALA A 1 66  ? -8.502  -2.209  -1.046  1.00 39.54 ? 1859 ALA A C   1 
ATOM   499 O O   . ALA A 1 66  ? -7.971  -1.284  -0.443  1.00 38.94 ? 1859 ALA A O   1 
ATOM   500 C CB  . ALA A 1 66  ? -9.836  -1.441  -3.019  1.00 41.03 ? 1859 ALA A CB  1 
ATOM   501 N N   . ALA A 1 67  ? -9.022  -3.268  -0.431  1.00 38.63 ? 1860 ALA A N   1 
ATOM   502 C CA  . ALA A 1 67  ? -8.925  -3.446  1.018   1.00 38.45 ? 1860 ALA A CA  1 
ATOM   503 C C   . ALA A 1 67  ? -7.469  -3.477  1.477   1.00 37.93 ? 1860 ALA A C   1 
ATOM   504 O O   . ALA A 1 67  ? -7.098  -2.768  2.415   1.00 38.77 ? 1860 ALA A O   1 
ATOM   505 C CB  . ALA A 1 67  ? -9.641  -4.720  1.450   1.00 38.92 ? 1860 ALA A CB  1 
ATOM   506 N N   . ASP A 1 68  ? -6.654  -4.299  0.816   1.00 37.05 ? 1861 ASP A N   1 
ATOM   507 C CA  . ASP A 1 68  ? -5.219  -4.383  1.109   1.00 36.27 ? 1861 ASP A CA  1 
ATOM   508 C C   . ASP A 1 68  ? -4.480  -3.102  0.733   1.00 35.01 ? 1861 ASP A C   1 
ATOM   509 O O   . ASP A 1 68  ? -3.527  -2.719  1.405   1.00 34.26 ? 1861 ASP A O   1 
ATOM   510 C CB  . ASP A 1 68  ? -4.576  -5.574  0.385   1.00 37.08 ? 1861 ASP A CB  1 
ATOM   511 C CG  . ASP A 1 68  ? -4.900  -6.904  1.044   1.00 37.99 ? 1861 ASP A CG  1 
ATOM   512 O OD1 . ASP A 1 68  ? -5.972  -7.008  1.680   1.00 39.13 ? 1861 ASP A OD1 1 
ATOM   513 O OD2 . ASP A 1 68  ? -4.084  -7.844  0.927   1.00 37.95 ? 1861 ASP A OD2 1 
ATOM   514 N N   . ALA A 1 69  ? -4.914  -2.453  -0.343  1.00 34.33 ? 1862 ALA A N   1 
ATOM   515 C CA  . ALA A 1 69  ? -4.338  -1.174  -0.758  1.00 33.77 ? 1862 ALA A CA  1 
ATOM   516 C C   . ALA A 1 69  ? -4.547  -0.114  0.318   1.00 33.68 ? 1862 ALA A C   1 
ATOM   517 O O   . ALA A 1 69  ? -3.628  0.639   0.643   1.00 34.01 ? 1862 ALA A O   1 
ATOM   518 C CB  . ALA A 1 69  ? -4.944  -0.716  -2.076  1.00 33.42 ? 1862 ALA A CB  1 
ATOM   519 N N   . LEU A 1 70  ? -5.758  -0.069  0.871   1.00 33.09 ? 1863 LEU A N   1 
ATOM   520 C CA  . LEU A 1 70  ? -6.096  0.888   1.923   1.00 32.63 ? 1863 LEU A CA  1 
ATOM   521 C C   . LEU A 1 70  ? -5.413  0.533   3.236   1.00 31.83 ? 1863 LEU A C   1 
ATOM   522 O O   . LEU A 1 70  ? -5.049  1.420   4.007   1.00 32.54 ? 1863 LEU A O   1 
ATOM   523 C CB  . LEU A 1 70  ? -7.612  0.962   2.120   1.00 33.09 ? 1863 LEU A CB  1 
ATOM   524 C CG  . LEU A 1 70  ? -8.410  1.478   0.911   1.00 34.15 ? 1863 LEU A CG  1 
ATOM   525 C CD1 . LEU A 1 70  ? -9.908  1.347   1.163   1.00 34.40 ? 1863 LEU A CD1 1 
ATOM   526 C CD2 . LEU A 1 70  ? -8.037  2.913   0.551   1.00 34.10 ? 1863 LEU A CD2 1 
ATOM   527 N N   . LEU A 1 71  ? -5.239  -0.761  3.487   1.00 30.64 ? 1864 LEU A N   1 
ATOM   528 C CA  . LEU A 1 71  ? -4.528  -1.229  4.680   1.00 29.94 ? 1864 LEU A CA  1 
ATOM   529 C C   . LEU A 1 71  ? -3.080  -0.726  4.725   1.00 29.30 ? 1864 LEU A C   1 
ATOM   530 O O   . LEU A 1 71  ? -2.540  -0.483  5.805   1.00 28.93 ? 1864 LEU A O   1 
ATOM   531 C CB  . LEU A 1 71  ? -4.556  -2.759  4.748   1.00 29.84 ? 1864 LEU A CB  1 
ATOM   532 C CG  . LEU A 1 71  ? -3.746  -3.432  5.857   1.00 29.82 ? 1864 LEU A CG  1 
ATOM   533 C CD1 . LEU A 1 71  ? -4.184  -2.938  7.227   1.00 29.96 ? 1864 LEU A CD1 1 
ATOM   534 C CD2 . LEU A 1 71  ? -3.892  -4.942  5.741   1.00 29.72 ? 1864 LEU A CD2 1 
ATOM   535 N N   . VAL A 1 72  ? -2.460  -0.577  3.555   1.00 28.65 ? 1865 VAL A N   1 
ATOM   536 C CA  . VAL A 1 72  ? -1.105  -0.036  3.468   1.00 28.08 ? 1865 VAL A CA  1 
ATOM   537 C C   . VAL A 1 72  ? -1.087  1.370   4.057   1.00 27.41 ? 1865 VAL A C   1 
ATOM   538 O O   . VAL A 1 72  ? -0.285  1.672   4.941   1.00 26.90 ? 1865 VAL A O   1 
ATOM   539 C CB  . VAL A 1 72  ? -0.588  0.024   2.009   1.00 28.04 ? 1865 VAL A CB  1 
ATOM   540 C CG1 . VAL A 1 72  ? 0.754   0.745   1.938   1.00 28.15 ? 1865 VAL A CG1 1 
ATOM   541 C CG2 . VAL A 1 72  ? -0.458  -1.375  1.421   1.00 28.16 ? 1865 VAL A CG2 1 
ATOM   542 N N   . PHE A 1 73  ? -1.996  2.212   3.570   1.00 26.74 ? 1866 PHE A N   1 
ATOM   543 C CA  . PHE A 1 73  ? -2.020  3.633   3.928   1.00 25.83 ? 1866 PHE A CA  1 
ATOM   544 C C   . PHE A 1 73  ? -2.605  3.866   5.325   1.00 25.86 ? 1866 PHE A C   1 
ATOM   545 O O   . PHE A 1 73  ? -2.247  4.836   5.996   1.00 25.41 ? 1866 PHE A O   1 
ATOM   546 C CB  . PHE A 1 73  ? -2.779  4.436   2.870   1.00 25.44 ? 1866 PHE A CB  1 
ATOM   547 C CG  . PHE A 1 73  ? -2.375  4.103   1.452   1.00 25.47 ? 1866 PHE A CG  1 
ATOM   548 C CD1 . PHE A 1 73  ? -1.039  4.142   1.068   1.00 25.12 ? 1866 PHE A CD1 1 
ATOM   549 C CD2 . PHE A 1 73  ? -3.331  3.744   0.502   1.00 25.33 ? 1866 PHE A CD2 1 
ATOM   550 C CE1 . PHE A 1 73  ? -0.666  3.826   -0.230  1.00 24.94 ? 1866 PHE A CE1 1 
ATOM   551 C CE2 . PHE A 1 73  ? -2.960  3.431   -0.797  1.00 25.02 ? 1866 PHE A CE2 1 
ATOM   552 C CZ  . PHE A 1 73  ? -1.627  3.474   -1.163  1.00 24.86 ? 1866 PHE A CZ  1 
ATOM   553 N N   . ASP A 1 74  ? -3.495  2.977   5.765   1.00 26.15 ? 1867 ASP A N   1 
ATOM   554 C CA  . ASP A 1 74  ? -3.967  2.996   7.151   1.00 26.49 ? 1867 ASP A CA  1 
ATOM   555 C C   . ASP A 1 74  ? -2.808  2.729   8.105   1.00 26.30 ? 1867 ASP A C   1 
ATOM   556 O O   . ASP A 1 74  ? -2.588  3.498   9.039   1.00 26.53 ? 1867 ASP A O   1 
ATOM   557 C CB  . ASP A 1 74  ? -5.078  1.964   7.379   1.00 26.97 ? 1867 ASP A CB  1 
ATOM   558 C CG  . ASP A 1 74  ? -6.399  2.362   6.737   1.00 27.29 ? 1867 ASP A CG  1 
ATOM   559 O OD1 . ASP A 1 74  ? -6.576  3.547   6.378   1.00 27.50 ? 1867 ASP A OD1 1 
ATOM   560 O OD2 . ASP A 1 74  ? -7.271  1.478   6.595   1.00 27.91 ? 1867 ASP A OD2 1 
ATOM   561 N N   . ASN A 1 75  ? -2.072  1.646   7.857   1.00 26.21 ? 1868 ASN A N   1 
ATOM   562 C CA  . ASN A 1 75  ? -0.869  1.315   8.633   1.00 26.37 ? 1868 ASN A CA  1 
ATOM   563 C C   . ASN A 1 75  ? 0.155   2.443   8.618   1.00 26.41 ? 1868 ASN A C   1 
ATOM   564 O O   . ASN A 1 75  ? 0.745   2.772   9.654   1.00 26.01 ? 1868 ASN A O   1 
ATOM   565 C CB  . ASN A 1 75  ? -0.200  0.043   8.097   1.00 26.67 ? 1868 ASN A CB  1 
ATOM   566 C CG  . ASN A 1 75  ? -1.009  -1.217  8.366   1.00 27.10 ? 1868 ASN A CG  1 
ATOM   567 O OD1 . ASN A 1 75  ? -1.812  -1.276  9.299   1.00 27.66 ? 1868 ASN A OD1 1 
ATOM   568 N ND2 . ASN A 1 75  ? -0.790  -2.239  7.547   1.00 27.16 ? 1868 ASN A ND2 1 
ATOM   569 N N   . CYS A 1 76  ? 0.371   3.015   7.435   1.00 26.81 ? 1869 CYS A N   1 
ATOM   570 C CA  . CYS A 1 76  ? 1.299   4.134   7.257   1.00 27.27 ? 1869 CYS A CA  1 
ATOM   571 C C   . CYS A 1 76  ? 0.948   5.298   8.169   1.00 27.52 ? 1869 CYS A C   1 
ATOM   572 O O   . CYS A 1 76  ? 1.801   5.804   8.896   1.00 27.76 ? 1869 CYS A O   1 
ATOM   573 C CB  . CYS A 1 76  ? 1.285   4.618   5.807   1.00 27.45 ? 1869 CYS A CB  1 
ATOM   574 S SG  . CYS A 1 76  ? 2.325   6.067   5.514   1.00 27.80 ? 1869 CYS A SG  1 
ATOM   575 N N   . GLN A 1 77  ? -0.315  5.712   8.121   1.00 27.94 ? 1870 GLN A N   1 
ATOM   576 C CA  . GLN A 1 77  ? -0.815  6.807   8.952   1.00 28.27 ? 1870 GLN A CA  1 
ATOM   577 C C   . GLN A 1 77  ? -0.833  6.458   10.436  1.00 28.06 ? 1870 GLN A C   1 
ATOM   578 O O   . GLN A 1 77  ? -0.616  7.328   11.283  1.00 28.21 ? 1870 GLN A O   1 
ATOM   579 C CB  . GLN A 1 77  ? -2.220  7.207   8.509   1.00 28.74 ? 1870 GLN A CB  1 
ATOM   580 C CG  . GLN A 1 77  ? -2.252  7.910   7.167   1.00 29.13 ? 1870 GLN A CG  1 
ATOM   581 C CD  . GLN A 1 77  ? -3.664  8.168   6.695   1.00 29.92 ? 1870 GLN A CD  1 
ATOM   582 O OE1 . GLN A 1 77  ? -4.156  9.297   6.768   1.00 30.63 ? 1870 GLN A OE1 1 
ATOM   583 N NE2 . GLN A 1 77  ? -4.332  7.119   6.226   1.00 30.13 ? 1870 GLN A NE2 1 
ATOM   584 N N   . THR A 1 78  ? -1.108  5.193   10.744  1.00 27.90 ? 1871 THR A N   1 
ATOM   585 C CA  . THR A 1 78  ? -1.082  4.708   12.120  1.00 27.70 ? 1871 THR A CA  1 
ATOM   586 C C   . THR A 1 78  ? 0.324   4.815   12.709  1.00 28.14 ? 1871 THR A C   1 
ATOM   587 O O   . THR A 1 78  ? 0.499   5.341   13.806  1.00 27.93 ? 1871 THR A O   1 
ATOM   588 C CB  . THR A 1 78  ? -1.558  3.243   12.211  1.00 27.29 ? 1871 THR A CB  1 
ATOM   589 O OG1 . THR A 1 78  ? -2.882  3.129   11.676  1.00 26.84 ? 1871 THR A OG1 1 
ATOM   590 C CG2 . THR A 1 78  ? -1.561  2.759   13.654  1.00 27.37 ? 1871 THR A CG2 1 
ATOM   591 N N   . PHE A 1 79  ? 1.320   4.335   11.970  1.00 28.90 ? 1872 PHE A N   1 
ATOM   592 C CA  . PHE A 1 79  ? 2.689   4.270   12.483  1.00 29.74 ? 1872 PHE A CA  1 
ATOM   593 C C   . PHE A 1 79  ? 3.475   5.566   12.297  1.00 30.62 ? 1872 PHE A C   1 
ATOM   594 O O   . PHE A 1 79  ? 4.277   5.928   13.158  1.00 30.77 ? 1872 PHE A O   1 
ATOM   595 C CB  . PHE A 1 79  ? 3.460   3.114   11.836  1.00 29.85 ? 1872 PHE A CB  1 
ATOM   596 C CG  . PHE A 1 79  ? 4.848   2.937   12.392  1.00 29.86 ? 1872 PHE A CG  1 
ATOM   597 C CD1 . PHE A 1 79  ? 5.042   2.325   13.626  1.00 29.68 ? 1872 PHE A CD1 1 
ATOM   598 C CD2 . PHE A 1 79  ? 5.960   3.399   11.697  1.00 29.79 ? 1872 PHE A CD2 1 
ATOM   599 C CE1 . PHE A 1 79  ? 6.313   2.170   14.149  1.00 29.51 ? 1872 PHE A CE1 1 
ATOM   600 C CE2 . PHE A 1 79  ? 7.234   3.245   12.215  1.00 29.60 ? 1872 PHE A CE2 1 
ATOM   601 C CZ  . PHE A 1 79  ? 7.410   2.630   13.443  1.00 29.60 ? 1872 PHE A CZ  1 
ATOM   602 N N   . ASN A 1 80  ? 3.268   6.246   11.172  1.00 31.75 ? 1873 ASN A N   1 
ATOM   603 C CA  . ASN A 1 80  ? 4.040   7.449   10.850  1.00 32.46 ? 1873 ASN A CA  1 
ATOM   604 C C   . ASN A 1 80  ? 3.253   8.734   11.070  1.00 33.85 ? 1873 ASN A C   1 
ATOM   605 O O   . ASN A 1 80  ? 2.030   8.764   10.908  1.00 34.58 ? 1873 ASN A O   1 
ATOM   606 C CB  . ASN A 1 80  ? 4.525   7.394   9.405   1.00 32.05 ? 1873 ASN A CB  1 
ATOM   607 C CG  . ASN A 1 80  ? 5.412   6.198   9.138   1.00 31.96 ? 1873 ASN A CG  1 
ATOM   608 O OD1 . ASN A 1 80  ? 6.605   6.221   9.436   1.00 31.92 ? 1873 ASN A OD1 1 
ATOM   609 N ND2 . ASN A 1 80  ? 4.834   5.142   8.574   1.00 31.95 ? 1873 ASN A ND2 1 
ATOM   610 N N   . GLU A 1 81  ? 3.971   9.794   11.433  1.00 34.86 ? 1874 GLU A N   1 
ATOM   611 C CA  . GLU A 1 81  ? 3.380   11.124  11.560  1.00 35.49 ? 1874 GLU A CA  1 
ATOM   612 C C   . GLU A 1 81  ? 3.131   11.700  10.172  1.00 34.26 ? 1874 GLU A C   1 
ATOM   613 O O   . GLU A 1 81  ? 3.830   11.355  9.216   1.00 35.00 ? 1874 GLU A O   1 
ATOM   614 C CB  . GLU A 1 81  ? 4.303   12.051  12.346  1.00 37.13 ? 1874 GLU A CB  1 
ATOM   615 C CG  . GLU A 1 81  ? 4.624   11.560  13.750  1.00 38.52 ? 1874 GLU A CG  1 
ATOM   616 C CD  . GLU A 1 81  ? 5.414   12.571  14.557  1.00 40.17 ? 1874 GLU A CD  1 
ATOM   617 O OE1 . GLU A 1 81  ? 5.140   13.784  14.429  1.00 41.86 ? 1874 GLU A OE1 1 
ATOM   618 O OE2 . GLU A 1 81  ? 6.306   12.150  15.325  1.00 41.44 ? 1874 GLU A OE2 1 
ATOM   619 N N   . ASP A 1 82  ? 2.147   12.583  10.066  1.00 32.79 ? 1875 ASP A N   1 
ATOM   620 C CA  . ASP A 1 82  ? 1.771   13.165  8.775   1.00 32.44 ? 1875 ASP A CA  1 
ATOM   621 C C   . ASP A 1 82  ? 2.906   13.975  8.138   1.00 32.91 ? 1875 ASP A C   1 
ATOM   622 O O   . ASP A 1 82  ? 3.007   14.040  6.909   1.00 32.36 ? 1875 ASP A O   1 
ATOM   623 C CB  . ASP A 1 82  ? 0.530   14.052  8.924   1.00 32.06 ? 1875 ASP A CB  1 
ATOM   624 C CG  . ASP A 1 82  ? -0.703  13.275  9.361   1.00 31.71 ? 1875 ASP A CG  1 
ATOM   625 O OD1 . ASP A 1 82  ? -0.902  12.133  8.888   1.00 30.94 ? 1875 ASP A OD1 1 
ATOM   626 O OD2 . ASP A 1 82  ? -1.483  13.816  10.174  1.00 31.33 ? 1875 ASP A OD2 1 
ATOM   627 N N   . ASP A 1 83  ? 3.751   14.579  8.976   1.00 33.58 ? 1876 ASP A N   1 
ATOM   628 C CA  . ASP A 1 83  ? 4.872   15.402  8.507   1.00 34.47 ? 1876 ASP A CA  1 
ATOM   629 C C   . ASP A 1 83  ? 6.208   14.647  8.398   1.00 34.44 ? 1876 ASP A C   1 
ATOM   630 O O   . ASP A 1 83  ? 7.210   15.223  7.963   1.00 34.27 ? 1876 ASP A O   1 
ATOM   631 C CB  . ASP A 1 83  ? 5.033   16.649  9.392   1.00 35.35 ? 1876 ASP A CB  1 
ATOM   632 C CG  . ASP A 1 83  ? 5.481   16.327  10.815  1.00 35.95 ? 1876 ASP A CG  1 
ATOM   633 O OD1 . ASP A 1 83  ? 5.225   15.204  11.302  1.00 36.31 ? 1876 ASP A OD1 1 
ATOM   634 O OD2 . ASP A 1 83  ? 6.083   17.218  11.451  1.00 36.51 ? 1876 ASP A OD2 1 
ATOM   635 N N   . SER A 1 84  ? 6.222   13.369  8.777   1.00 34.15 ? 1877 SER A N   1 
ATOM   636 C CA  . SER A 1 84  ? 7.399   12.516  8.582   1.00 34.04 ? 1877 SER A CA  1 
ATOM   637 C C   . SER A 1 84  ? 7.626   12.248  7.093   1.00 34.07 ? 1877 SER A C   1 
ATOM   638 O O   . SER A 1 84  ? 6.742   12.490  6.270   1.00 34.34 ? 1877 SER A O   1 
ATOM   639 C CB  . SER A 1 84  ? 7.226   11.188  9.319   1.00 33.93 ? 1877 SER A CB  1 
ATOM   640 O OG  . SER A 1 84  ? 6.254   10.377  8.677   1.00 33.95 ? 1877 SER A OG  1 
ATOM   641 N N   . GLU A 1 85  ? 8.805   11.734  6.755   1.00 33.99 ? 1878 GLU A N   1 
ATOM   642 C CA  . GLU A 1 85  ? 9.158   11.459  5.357   1.00 34.13 ? 1878 GLU A CA  1 
ATOM   643 C C   . GLU A 1 85  ? 8.332   10.322  4.753   1.00 33.19 ? 1878 GLU A C   1 
ATOM   644 O O   . GLU A 1 85  ? 7.896   10.408  3.603   1.00 33.19 ? 1878 GLU A O   1 
ATOM   645 C CB  . GLU A 1 85  ? 10.657  11.149  5.228   1.00 35.05 ? 1878 GLU A CB  1 
ATOM   646 C CG  . GLU A 1 85  ? 11.559  12.354  5.442   1.00 35.86 ? 1878 GLU A CG  1 
ATOM   647 C CD  . GLU A 1 85  ? 11.437  13.385  4.326   1.00 37.16 ? 1878 GLU A CD  1 
ATOM   648 O OE1 . GLU A 1 85  ? 11.731  13.039  3.155   1.00 37.01 ? 1878 GLU A OE1 1 
ATOM   649 O OE2 . GLU A 1 85  ? 11.048  14.542  4.624   1.00 36.57 ? 1878 GLU A OE2 1 
ATOM   650 N N   . VAL A 1 86  ? 8.122   9.262   5.531   1.00 32.19 ? 1879 VAL A N   1 
ATOM   651 C CA  . VAL A 1 86  ? 7.306   8.127   5.092   1.00 31.43 ? 1879 VAL A CA  1 
ATOM   652 C C   . VAL A 1 86  ? 5.832   8.528   5.021   1.00 30.79 ? 1879 VAL A C   1 
ATOM   653 O O   . VAL A 1 86  ? 5.129   8.151   4.078   1.00 29.91 ? 1879 VAL A O   1 
ATOM   654 C CB  . VAL A 1 86  ? 7.470   6.906   6.028   1.00 31.40 ? 1879 VAL A CB  1 
ATOM   655 C CG1 . VAL A 1 86  ? 6.516   5.782   5.635   1.00 31.29 ? 1879 VAL A CG1 1 
ATOM   656 C CG2 . VAL A 1 86  ? 8.912   6.408   6.016   1.00 31.25 ? 1879 VAL A CG2 1 
ATOM   657 N N   . GLY A 1 87  ? 5.376   9.282   6.024   1.00 30.63 ? 1880 GLY A N   1 
ATOM   658 C CA  . GLY A 1 87  ? 3.998   9.780   6.080   1.00 30.07 ? 1880 GLY A CA  1 
ATOM   659 C C   . GLY A 1 87  ? 3.649   10.667  4.898   1.00 29.46 ? 1880 GLY A C   1 
ATOM   660 O O   . GLY A 1 87  ? 2.647   10.436  4.217   1.00 29.51 ? 1880 GLY A O   1 
ATOM   661 N N   . LYS A 1 88  ? 4.484   11.672  4.647   1.00 28.58 ? 1881 LYS A N   1 
ATOM   662 C CA  . LYS A 1 88  ? 4.323   12.550  3.482   1.00 28.55 ? 1881 LYS A CA  1 
ATOM   663 C C   . LYS A 1 88  ? 4.205   11.764  2.179   1.00 28.37 ? 1881 LYS A C   1 
ATOM   664 O O   . LYS A 1 88  ? 3.385   12.094  1.321   1.00 28.79 ? 1881 LYS A O   1 
ATOM   665 C CB  . LYS A 1 88  ? 5.497   13.522  3.366   1.00 28.58 ? 1881 LYS A CB  1 
ATOM   666 C CG  . LYS A 1 88  ? 5.419   14.722  4.296   1.00 28.67 ? 1881 LYS A CG  1 
ATOM   667 C CD  . LYS A 1 88  ? 6.513   15.731  3.983   1.00 28.88 ? 1881 LYS A CD  1 
ATOM   668 C CE  . LYS A 1 88  ? 7.885   15.228  4.399   1.00 29.02 ? 1881 LYS A CE  1 
ATOM   669 N NZ  . LYS A 1 88  ? 8.964   16.096  3.867   1.00 29.19 ? 1881 LYS A NZ  1 
ATOM   670 N N   . ALA A 1 89  ? 5.041   10.739  2.036   1.00 28.14 ? 1882 ALA A N   1 
ATOM   671 C CA  . ALA A 1 89  ? 5.006   9.860   0.870   1.00 27.72 ? 1882 ALA A CA  1 
ATOM   672 C C   . ALA A 1 89  ? 3.703   9.059   0.813   1.00 27.47 ? 1882 ALA A C   1 
ATOM   673 O O   . ALA A 1 89  ? 3.127   8.878   -0.261  1.00 27.34 ? 1882 ALA A O   1 
ATOM   674 C CB  . ALA A 1 89  ? 6.203   8.918   0.885   1.00 27.58 ? 1882 ALA A CB  1 
ATOM   675 N N   . GLY A 1 90  ? 3.249   8.582   1.973   1.00 26.99 ? 1883 GLY A N   1 
ATOM   676 C CA  . GLY A 1 90  ? 2.027   7.783   2.068   1.00 26.89 ? 1883 GLY A CA  1 
ATOM   677 C C   . GLY A 1 90  ? 0.771   8.531   1.658   1.00 26.63 ? 1883 GLY A C   1 
ATOM   678 O O   . GLY A 1 90  ? -0.122  7.958   1.027   1.00 26.49 ? 1883 GLY A O   1 
ATOM   679 N N   . HIS A 1 91  ? 0.704   9.810   2.022   1.00 26.01 ? 1884 HIS A N   1 
ATOM   680 C CA  . HIS A 1 91  ? -0.412  10.673  1.630   1.00 25.40 ? 1884 HIS A CA  1 
ATOM   681 C C   . HIS A 1 91  ? -0.474  10.861  0.118   1.00 25.28 ? 1884 HIS A C   1 
ATOM   682 O O   . HIS A 1 91  ? -1.559  10.898  -0.467  1.00 25.07 ? 1884 HIS A O   1 
ATOM   683 C CB  . HIS A 1 91  ? -0.297  12.036  2.309   1.00 25.10 ? 1884 HIS A CB  1 
ATOM   684 C CG  . HIS A 1 91  ? -0.508  11.992  3.790   1.00 25.09 ? 1884 HIS A CG  1 
ATOM   685 N ND1 . HIS A 1 91  ? -1.549  11.303  4.377   1.00 25.01 ? 1884 HIS A ND1 1 
ATOM   686 C CD2 . HIS A 1 91  ? 0.176   12.572  4.804   1.00 25.05 ? 1884 HIS A CD2 1 
ATOM   687 C CE1 . HIS A 1 91  ? -1.491  11.452  5.687   1.00 25.24 ? 1884 HIS A CE1 1 
ATOM   688 N NE2 . HIS A 1 91  ? -0.453  12.217  5.973   1.00 25.12 ? 1884 HIS A NE2 1 
ATOM   689 N N   . ILE A 1 92  ? 0.695   10.974  -0.506  1.00 25.09 ? 1885 ILE A N   1 
ATOM   690 C CA  . ILE A 1 92  ? 0.786   11.090  -1.956  1.00 24.95 ? 1885 ILE A CA  1 
ATOM   691 C C   . ILE A 1 92  ? 0.287   9.807   -2.618  1.00 25.10 ? 1885 ILE A C   1 
ATOM   692 O O   . ILE A 1 92  ? -0.412  9.860   -3.629  1.00 25.76 ? 1885 ILE A O   1 
ATOM   693 C CB  . ILE A 1 92  ? 2.231   11.396  -2.409  1.00 24.97 ? 1885 ILE A CB  1 
ATOM   694 C CG1 . ILE A 1 92  ? 2.673   12.774  -1.894  1.00 24.86 ? 1885 ILE A CG1 1 
ATOM   695 C CG2 . ILE A 1 92  ? 2.334   11.358  -3.929  1.00 25.04 ? 1885 ILE A CG2 1 
ATOM   696 C CD1 . ILE A 1 92  ? 4.172   12.992  -1.908  1.00 24.64 ? 1885 ILE A CD1 1 
ATOM   697 N N   . MET A 1 93  ? 0.639   8.660   -2.041  1.00 25.14 ? 1886 MET A N   1 
ATOM   698 C CA  . MET A 1 93  ? 0.202   7.368   -2.570  1.00 25.10 ? 1886 MET A CA  1 
ATOM   699 C C   . MET A 1 93  ? -1.278  7.099   -2.298  1.00 24.96 ? 1886 MET A C   1 
ATOM   700 O O   . MET A 1 93  ? -1.984  6.562   -3.156  1.00 25.25 ? 1886 MET A O   1 
ATOM   701 C CB  . MET A 1 93  ? 1.044   6.230   -1.982  1.00 25.16 ? 1886 MET A CB  1 
ATOM   702 C CG  . MET A 1 93  ? 2.517   6.240   -2.379  1.00 25.30 ? 1886 MET A CG  1 
ATOM   703 S SD  . MET A 1 93  ? 2.845   6.334   -4.154  1.00 25.60 ? 1886 MET A SD  1 
ATOM   704 C CE  . MET A 1 93  ? 1.677   5.143   -4.815  1.00 25.58 ? 1886 MET A CE  1 
ATOM   705 N N   . ARG A 1 94  ? -1.740  7.457   -1.104  1.00 24.76 ? 1887 ARG A N   1 
ATOM   706 C CA  . ARG A 1 94  ? -3.138  7.256   -0.722  1.00 24.91 ? 1887 ARG A CA  1 
ATOM   707 C C   . ARG A 1 94  ? -4.058  8.089   -1.611  1.00 25.45 ? 1887 ARG A C   1 
ATOM   708 O O   . ARG A 1 94  ? -5.084  7.601   -2.083  1.00 25.47 ? 1887 ARG A O   1 
ATOM   709 C CB  . ARG A 1 94  ? -3.341  7.624   0.750   1.00 24.71 ? 1887 ARG A CB  1 
ATOM   710 C CG  . ARG A 1 94  ? -4.726  7.325   1.317   1.00 24.37 ? 1887 ARG A CG  1 
ATOM   711 C CD  . ARG A 1 94  ? -4.876  7.876   2.732   1.00 24.11 ? 1887 ARG A CD  1 
ATOM   712 N NE  . ARG A 1 94  ? -4.340  9.233   2.848   1.00 24.06 ? 1887 ARG A NE  1 
ATOM   713 C CZ  . ARG A 1 94  ? -4.933  10.334  2.380   1.00 24.25 ? 1887 ARG A CZ  1 
ATOM   714 N NH1 . ARG A 1 94  ? -6.109  10.272  1.761   1.00 24.42 ? 1887 ARG A NH1 1 
ATOM   715 N NH2 . ARG A 1 94  ? -4.349  11.520  2.529   1.00 24.46 ? 1887 ARG A NH2 1 
ATOM   716 N N   . ARG A 1 95  ? -3.679  9.343   -1.842  1.00 26.33 ? 1888 ARG A N   1 
ATOM   717 C CA  . ARG A 1 95  ? -4.434  10.226  -2.738  1.00 26.89 ? 1888 ARG A CA  1 
ATOM   718 C C   . ARG A 1 95  ? -4.379  9.748   -4.184  1.00 28.11 ? 1888 ARG A C   1 
ATOM   719 O O   . ARG A 1 95  ? -5.390  9.788   -4.891  1.00 28.46 ? 1888 ARG A O   1 
ATOM   720 C CB  . ARG A 1 95  ? -3.920  11.664  -2.652  1.00 26.16 ? 1888 ARG A CB  1 
ATOM   721 C CG  . ARG A 1 95  ? -4.356  12.397  -1.395  1.00 25.57 ? 1888 ARG A CG  1 
ATOM   722 C CD  . ARG A 1 95  ? -4.089  13.885  -1.515  1.00 25.22 ? 1888 ARG A CD  1 
ATOM   723 N NE  . ARG A 1 95  ? -2.661  14.198  -1.504  1.00 24.73 ? 1888 ARG A NE  1 
ATOM   724 C CZ  . ARG A 1 95  ? -1.953  14.515  -0.419  1.00 24.84 ? 1888 ARG A CZ  1 
ATOM   725 N NH1 . ARG A 1 95  ? -2.518  14.561  0.788   1.00 24.90 ? 1888 ARG A NH1 1 
ATOM   726 N NH2 . ARG A 1 95  ? -0.661  14.785  -0.542  1.00 24.84 ? 1888 ARG A NH2 1 
ATOM   727 N N   . PHE A 1 96  ? -3.199  9.305   -4.620  1.00 29.50 ? 1889 PHE A N   1 
ATOM   728 C CA  . PHE A 1 96  ? -3.035  8.742   -5.962  1.00 30.52 ? 1889 PHE A CA  1 
ATOM   729 C C   . PHE A 1 96  ? -3.934  7.527   -6.174  1.00 31.45 ? 1889 PHE A C   1 
ATOM   730 O O   . PHE A 1 96  ? -4.624  7.436   -7.189  1.00 31.27 ? 1889 PHE A O   1 
ATOM   731 C CB  . PHE A 1 96  ? -1.578  8.349   -6.221  1.00 30.70 ? 1889 PHE A CB  1 
ATOM   732 C CG  . PHE A 1 96  ? -1.373  7.647   -7.533  1.00 31.17 ? 1889 PHE A CG  1 
ATOM   733 C CD1 . PHE A 1 96  ? -1.371  8.364   -8.722  1.00 31.21 ? 1889 PHE A CD1 1 
ATOM   734 C CD2 . PHE A 1 96  ? -1.205  6.265   -7.584  1.00 31.38 ? 1889 PHE A CD2 1 
ATOM   735 C CE1 . PHE A 1 96  ? -1.195  7.720   -9.937  1.00 31.66 ? 1889 PHE A CE1 1 
ATOM   736 C CE2 . PHE A 1 96  ? -1.030  5.616   -8.795  1.00 31.48 ? 1889 PHE A CE2 1 
ATOM   737 C CZ  . PHE A 1 96  ? -1.025  6.344   -9.974  1.00 31.75 ? 1889 PHE A CZ  1 
ATOM   738 N N   . PHE A 1 97  ? -3.918  6.600   -5.219  1.00 33.00 ? 1890 PHE A N   1 
ATOM   739 C CA  . PHE A 1 97  ? -4.718  5.383   -5.319  1.00 34.82 ? 1890 PHE A CA  1 
ATOM   740 C C   . PHE A 1 97  ? -6.210  5.695   -5.354  1.00 36.63 ? 1890 PHE A C   1 
ATOM   741 O O   . PHE A 1 97  ? -6.927  5.215   -6.229  1.00 37.12 ? 1890 PHE A O   1 
ATOM   742 C CB  . PHE A 1 97  ? -4.429  4.426   -4.158  1.00 35.10 ? 1890 PHE A CB  1 
ATOM   743 C CG  . PHE A 1 97  ? -5.399  3.277   -4.081  1.00 35.31 ? 1890 PHE A CG  1 
ATOM   744 C CD1 . PHE A 1 97  ? -5.306  2.214   -4.969  1.00 35.54 ? 1890 PHE A CD1 1 
ATOM   745 C CD2 . PHE A 1 97  ? -6.421  3.272   -3.140  1.00 35.51 ? 1890 PHE A CD2 1 
ATOM   746 C CE1 . PHE A 1 97  ? -6.202  1.161   -4.913  1.00 35.59 ? 1890 PHE A CE1 1 
ATOM   747 C CE2 . PHE A 1 97  ? -7.324  2.223   -3.080  1.00 35.65 ? 1890 PHE A CE2 1 
ATOM   748 C CZ  . PHE A 1 97  ? -7.213  1.165   -3.967  1.00 35.79 ? 1890 PHE A CZ  1 
ATOM   749 N N   . GLU A 1 98  ? -6.669  6.488   -4.390  1.00 39.01 ? 1891 GLU A N   1 
ATOM   750 C CA  . GLU A 1 98  ? -8.079  6.873   -4.305  1.00 40.55 ? 1891 GLU A CA  1 
ATOM   751 C C   . GLU A 1 98  ? -8.554  7.590   -5.569  1.00 41.25 ? 1891 GLU A C   1 
ATOM   752 O O   . GLU A 1 98  ? -9.668  7.361   -6.032  1.00 41.46 ? 1891 GLU A O   1 
ATOM   753 C CB  . GLU A 1 98  ? -8.325  7.754   -3.073  1.00 41.41 ? 1891 GLU A CB  1 
ATOM   754 C CG  . GLU A 1 98  ? -8.324  6.987   -1.753  1.00 42.24 ? 1891 GLU A CG  1 
ATOM   755 C CD  . GLU A 1 98  ? -8.434  7.886   -0.526  1.00 43.13 ? 1891 GLU A CD  1 
ATOM   756 O OE1 . GLU A 1 98  ? -8.400  9.130   -0.667  1.00 43.29 ? 1891 GLU A OE1 1 
ATOM   757 O OE2 . GLU A 1 98  ? -8.551  7.343   0.594   1.00 43.29 ? 1891 GLU A OE2 1 
ATOM   758 N N   . SER A 1 99  ? -7.701  8.447   -6.125  1.00 42.29 ? 1892 SER A N   1 
ATOM   759 C CA  . SER A 1 99  ? -8.034  9.189   -7.339  1.00 43.80 ? 1892 SER A CA  1 
ATOM   760 C C   . SER A 1 99  ? -8.193  8.271   -8.554  1.00 45.47 ? 1892 SER A C   1 
ATOM   761 O O   . SER A 1 99  ? -9.223  8.316   -9.230  1.00 44.77 ? 1892 SER A O   1 
ATOM   762 C CB  . SER A 1 99  ? -6.972  10.256  -7.618  1.00 43.66 ? 1892 SER A CB  1 
ATOM   763 O OG  . SER A 1 99  ? -7.380  11.114  -8.668  1.00 43.84 ? 1892 SER A OG  1 
ATOM   764 N N   . ARG A 1 100 ? -7.177  7.449   -8.825  1.00 48.43 ? 1893 ARG A N   1 
ATOM   765 C CA  . ARG A 1 100 ? -7.211  6.505   -9.956  1.00 50.85 ? 1893 ARG A CA  1 
ATOM   766 C C   . ARG A 1 100 ? -8.327  5.483   -9.802  1.00 51.88 ? 1893 ARG A C   1 
ATOM   767 O O   . ARG A 1 100 ? -9.033  5.179   -10.764 1.00 54.16 ? 1893 ARG A O   1 
ATOM   768 C CB  . ARG A 1 100 ? -5.878  5.758   -10.112 1.00 51.81 ? 1893 ARG A CB  1 
ATOM   769 C CG  . ARG A 1 100 ? -4.730  6.590   -10.662 1.00 53.57 ? 1893 ARG A CG  1 
ATOM   770 C CD  . ARG A 1 100 ? -4.856  6.876   -12.155 1.00 54.55 ? 1893 ARG A CD  1 
ATOM   771 N NE  . ARG A 1 100 ? -4.530  5.718   -13.001 1.00 55.21 ? 1893 ARG A NE  1 
ATOM   772 C CZ  . ARG A 1 100 ? -5.369  5.100   -13.840 1.00 55.93 ? 1893 ARG A CZ  1 
ATOM   773 N NH1 . ARG A 1 100 ? -6.634  5.497   -13.986 1.00 56.50 ? 1893 ARG A NH1 1 
ATOM   774 N NH2 . ARG A 1 100 ? -4.935  4.063   -14.552 1.00 54.99 ? 1893 ARG A NH2 1 
ATOM   775 N N   . TRP A 1 101 ? -8.475  4.953   -8.592  1.00 52.54 ? 1894 TRP A N   1 
ATOM   776 C CA  . TRP A 1 101 ? -9.498  3.953   -8.299  1.00 54.40 ? 1894 TRP A CA  1 
ATOM   777 C C   . TRP A 1 101 ? -10.903 4.451   -8.624  1.00 56.60 ? 1894 TRP A C   1 
ATOM   778 O O   . TRP A 1 101 ? -11.725 3.699   -9.137  1.00 56.69 ? 1894 TRP A O   1 
ATOM   779 C CB  . TRP A 1 101 ? -9.431  3.539   -6.826  1.00 54.34 ? 1894 TRP A CB  1 
ATOM   780 C CG  . TRP A 1 101 ? -10.281 2.358   -6.495  1.00 54.57 ? 1894 TRP A CG  1 
ATOM   781 C CD1 . TRP A 1 101 ? -11.510 2.369   -5.903  1.00 54.71 ? 1894 TRP A CD1 1 
ATOM   782 C CD2 . TRP A 1 101 ? -9.964  0.986   -6.740  1.00 54.96 ? 1894 TRP A CD2 1 
ATOM   783 N NE1 . TRP A 1 101 ? -11.979 1.085   -5.763  1.00 54.86 ? 1894 TRP A NE1 1 
ATOM   784 C CE2 . TRP A 1 101 ? -11.049 0.216   -6.269  1.00 55.07 ? 1894 TRP A CE2 1 
ATOM   785 C CE3 . TRP A 1 101 ? -8.869  0.331   -7.317  1.00 55.73 ? 1894 TRP A CE3 1 
ATOM   786 C CZ2 . TRP A 1 101 ? -11.071 -1.179  -6.356  1.00 55.39 ? 1894 TRP A CZ2 1 
ATOM   787 C CZ3 . TRP A 1 101 ? -8.888  -1.054  -7.400  1.00 56.00 ? 1894 TRP A CZ3 1 
ATOM   788 C CH2 . TRP A 1 101 ? -9.980  -1.793  -6.920  1.00 56.22 ? 1894 TRP A CH2 1 
ATOM   789 N N   . GLU A 1 102 ? -11.168 5.719   -8.333  1.00 60.94 ? 1895 GLU A N   1 
ATOM   790 C CA  . GLU A 1 102 ? -12.518 6.267   -8.459  1.00 64.38 ? 1895 GLU A CA  1 
ATOM   791 C C   . GLU A 1 102 ? -12.857 6.765   -9.867  1.00 66.52 ? 1895 GLU A C   1 
ATOM   792 O O   . GLU A 1 102 ? -14.036 6.871   -10.208 1.00 67.99 ? 1895 GLU A O   1 
ATOM   793 C CB  . GLU A 1 102 ? -12.748 7.360   -7.406  1.00 65.43 ? 1895 GLU A CB  1 
ATOM   794 C CG  . GLU A 1 102 ? -13.015 6.784   -6.015  1.00 66.38 ? 1895 GLU A CG  1 
ATOM   795 C CD  . GLU A 1 102 ? -12.708 7.747   -4.879  1.00 67.21 ? 1895 GLU A CD  1 
ATOM   796 O OE1 . GLU A 1 102 ? -12.830 8.977   -5.071  1.00 68.10 ? 1895 GLU A OE1 1 
ATOM   797 O OE2 . GLU A 1 102 ? -12.349 7.264   -3.782  1.00 65.62 ? 1895 GLU A OE2 1 
ATOM   798 N N   . GLU A 1 103 ? -11.848 7.054   -10.686 1.00 68.83 ? 1896 GLU A N   1 
ATOM   799 C CA  . GLU A 1 103 ? -12.099 7.422   -12.084 1.00 72.25 ? 1896 GLU A CA  1 
ATOM   800 C C   . GLU A 1 103 ? -12.337 6.201   -12.979 1.00 76.34 ? 1896 GLU A C   1 
ATOM   801 O O   . GLU A 1 103 ? -12.791 6.348   -14.116 1.00 77.30 ? 1896 GLU A O   1 
ATOM   802 C CB  . GLU A 1 103 ? -10.976 8.299   -12.651 1.00 71.12 ? 1896 GLU A CB  1 
ATOM   803 C CG  . GLU A 1 103 ? -9.656  7.596   -12.922 1.00 70.00 ? 1896 GLU A CG  1 
ATOM   804 C CD  . GLU A 1 103 ? -8.689  8.482   -13.681 1.00 69.18 ? 1896 GLU A CD  1 
ATOM   805 O OE1 . GLU A 1 103 ? -7.599  8.772   -13.147 1.00 68.59 ? 1896 GLU A OE1 1 
ATOM   806 O OE2 . GLU A 1 103 ? -9.030  8.905   -14.806 1.00 68.09 ? 1896 GLU A OE2 1 
ATOM   807 N N   . PHE A 1 104 ? -12.016 5.009   -12.478 1.00 80.15 ? 1897 PHE A N   1 
ATOM   808 C CA  . PHE A 1 104 ? -12.388 3.763   -13.149 1.00 83.76 ? 1897 PHE A CA  1 
ATOM   809 C C   . PHE A 1 104 ? -13.639 3.133   -12.527 1.00 83.45 ? 1897 PHE A C   1 
ATOM   810 O O   . PHE A 1 104 ? -14.385 2.433   -13.215 1.00 82.58 ? 1897 PHE A O   1 
ATOM   811 C CB  . PHE A 1 104 ? -11.227 2.770   -13.116 1.00 86.88 ? 1897 PHE A CB  1 
ATOM   812 C CG  . PHE A 1 104 ? -11.328 1.685   -14.155 1.00 92.11 ? 1897 PHE A CG  1 
ATOM   813 C CD1 . PHE A 1 104 ? -10.821 1.884   -15.437 1.00 93.85 ? 1897 PHE A CD1 1 
ATOM   814 C CD2 . PHE A 1 104 ? -11.932 0.468   -13.857 1.00 93.64 ? 1897 PHE A CD2 1 
ATOM   815 C CE1 . PHE A 1 104 ? -10.912 0.887   -16.398 1.00 95.01 ? 1897 PHE A CE1 1 
ATOM   816 C CE2 . PHE A 1 104 ? -12.026 -0.532  -14.816 1.00 94.35 ? 1897 PHE A CE2 1 
ATOM   817 C CZ  . PHE A 1 104 ? -11.516 -0.323  -16.087 1.00 94.55 ? 1897 PHE A CZ  1 
ATOM   818 N N   . TYR A 1 105 ? -13.858 3.378   -11.234 1.00 83.91 ? 1898 TYR A N   1 
ATOM   819 C CA  . TYR A 1 105 ? -15.053 2.909   -10.528 1.00 83.48 ? 1898 TYR A CA  1 
ATOM   820 C C   . TYR A 1 105 ? -15.849 4.091   -9.980  1.00 81.69 ? 1898 TYR A C   1 
ATOM   821 O O   . TYR A 1 105 ? -16.539 4.788   -10.724 1.00 77.98 ? 1898 TYR A O   1 
ATOM   822 C CB  . TYR A 1 105 ? -14.664 1.974   -9.381  1.00 84.27 ? 1898 TYR A CB  1 
ATOM   823 C CG  . TYR A 1 105 ? -13.970 0.708   -9.832  1.00 85.91 ? 1898 TYR A CG  1 
ATOM   824 C CD1 . TYR A 1 105 ? -14.702 -0.418  -10.199 1.00 87.00 ? 1898 TYR A CD1 1 
ATOM   825 C CD2 . TYR A 1 105 ? -12.580 0.634   -9.893  1.00 86.55 ? 1898 TYR A CD2 1 
ATOM   826 C CE1 . TYR A 1 105 ? -14.070 -1.579  -10.614 1.00 87.40 ? 1898 TYR A CE1 1 
ATOM   827 C CE2 . TYR A 1 105 ? -11.939 -0.522  -10.305 1.00 87.15 ? 1898 TYR A CE2 1 
ATOM   828 C CZ  . TYR A 1 105 ? -12.688 -1.625  -10.664 1.00 87.51 ? 1898 TYR A CZ  1 
ATOM   829 O OH  . TYR A 1 105 ? -12.055 -2.774  -11.075 1.00 89.25 ? 1898 TYR A OH  1 
HETATM 830 C C14 . 7MZ B 2 .   ? 10.727  -0.406  2.408   1.00 32.56 ? 1901 7MZ A C14 1 
HETATM 831 C C13 . 7MZ B 2 .   ? 10.096  -0.657  3.646   1.00 32.94 ? 1901 7MZ A C13 1 
HETATM 832 C C11 . 7MZ B 2 .   ? 10.845  1.421   4.399   1.00 33.01 ? 1901 7MZ A C11 1 
HETATM 833 C C15 . 7MZ B 2 .   ? 11.422  0.808   2.237   1.00 32.35 ? 1901 7MZ A C15 1 
HETATM 834 C C01 . 7MZ B 2 .   ? 5.661   1.824   5.404   1.00 29.66 ? 1901 7MZ A C01 1 
HETATM 835 C C02 . 7MZ B 2 .   ? 6.110   2.309   6.768   1.00 29.75 ? 1901 7MZ A C02 1 
HETATM 836 O O03 . 7MZ B 2 .   ? 5.272   2.553   7.615   1.00 29.09 ? 1901 7MZ A O03 1 
HETATM 837 C C04 . 7MZ B 2 .   ? 7.588   2.490   7.083   1.00 30.24 ? 1901 7MZ A C04 1 
HETATM 838 C C05 . 7MZ B 2 .   ? 8.556   2.358   6.084   1.00 30.59 ? 1901 7MZ A C05 1 
HETATM 839 C C06 . 7MZ B 2 .   ? 9.910   2.517   6.386   1.00 30.95 ? 1901 7MZ A C06 1 
HETATM 840 C C07 . 7MZ B 2 .   ? 10.286  2.832   7.688   1.00 30.56 ? 1901 7MZ A C07 1 
HETATM 841 C C08 . 7MZ B 2 .   ? 9.327   2.970   8.685   1.00 30.35 ? 1901 7MZ A C08 1 
HETATM 842 C C09 . 7MZ B 2 .   ? 7.981   2.800   8.384   1.00 30.33 ? 1901 7MZ A C09 1 
HETATM 843 O O10 . 7MZ B 2 .   ? 10.944  2.407   5.420   1.00 32.45 ? 1901 7MZ A O10 1 
HETATM 844 N N12 . 7MZ B 2 .   ? 10.188  0.282   4.607   1.00 33.16 ? 1901 7MZ A N12 1 
HETATM 845 N N16 . 7MZ B 2 .   ? 11.460  1.691   3.252   1.00 32.53 ? 1901 7MZ A N16 1 
HETATM 846 O O   . HOH C 3 .   ? 2.162   1.201   5.180   1.00 24.17 ? 2001 HOH A O   1 
HETATM 847 O O   . HOH C 3 .   ? 8.433   17.162  1.579   1.00 26.44 ? 2002 HOH A O   1 
HETATM 848 O O   . HOH C 3 .   ? 3.086   1.128   7.779   1.00 27.34 ? 2003 HOH A O   1 
HETATM 849 O O   . HOH C 3 .   ? 6.489   -1.225  3.647   1.00 19.84 ? 2004 HOH A O   1 
HETATM 850 O O   . HOH C 3 .   ? 3.693   -0.673  3.803   1.00 21.89 ? 2005 HOH A O   1 
HETATM 851 O O   . HOH C 3 .   ? -8.620  6.098   3.066   1.00 25.96 ? 2006 HOH A O   1 
HETATM 852 O O   . HOH C 3 .   ? 2.719   -4.165  -14.753 1.00 25.76 ? 2007 HOH A O   1 
HETATM 853 O O   . HOH C 3 .   ? -3.022  -3.110  11.101  1.00 15.27 ? 2008 HOH A O   1 
HETATM 854 O O   . HOH C 3 .   ? 0.687   9.075   5.877   1.00 22.95 ? 2009 HOH A O   1 
HETATM 855 O O   . HOH C 3 .   ? 10.854  -2.278  19.000  1.00 25.43 ? 2010 HOH A O   1 
HETATM 856 O O   . HOH C 3 .   ? 0.408   11.405  -7.893  1.00 18.69 ? 2011 HOH A O   1 
HETATM 857 O O   . HOH C 3 .   ? -12.201 10.767  -7.435  1.00 30.72 ? 2012 HOH A O   1 
HETATM 858 O O   . HOH C 3 .   ? 12.001  -1.908  5.997   1.00 23.23 ? 2013 HOH A O   1 
HETATM 859 O O   . HOH C 3 .   ? -10.424 -13.777 0.353   1.00 33.19 ? 2014 HOH A O   1 
HETATM 860 O O   . HOH C 3 .   ? 11.256  11.422  8.692   1.00 17.96 ? 2015 HOH A O   1 
HETATM 861 O O   . HOH C 3 .   ? -9.592  11.114  -10.919 1.00 27.82 ? 2016 HOH A O   1 
HETATM 862 O O   . HOH C 3 .   ? -0.161  14.905  -3.719  1.00 2.00  ? 2017 HOH A O   1 
HETATM 863 O O   . HOH C 3 .   ? 9.589   1.775   20.153  1.00 28.07 ? 2018 HOH A O   1 
HETATM 864 O O   . HOH C 3 .   ? -1.349  7.255   -13.407 1.00 29.71 ? 2019 HOH A O   1 
HETATM 865 O O   . HOH C 3 .   ? -12.902 10.863  -1.861  1.00 20.86 ? 2020 HOH A O   1 
HETATM 866 O O   . HOH C 3 .   ? 13.596  0.034   6.596   1.00 20.96 ? 2021 HOH A O   1 
HETATM 867 O O   . HOH C 3 .   ? 14.249  2.340   7.854   1.00 22.74 ? 2022 HOH A O   1 
HETATM 868 O O   . HOH C 3 .   ? 5.956   -6.388  11.577  1.00 30.71 ? 2023 HOH A O   1 
# 
